data_1RSU
# 
_entry.id   1RSU 
# 
_audit_conform.dict_name       mmcif_pdbx.dic 
_audit_conform.dict_version    5.386 
_audit_conform.dict_location   http://mmcif.pdb.org/dictionaries/ascii/mmcif_pdbx.dic 
# 
loop_
_database_2.database_id 
_database_2.database_code 
_database_2.pdbx_database_accession 
_database_2.pdbx_DOI 
PDB   1RSU         pdb_00001rsu 10.2210/pdb1rsu/pdb 
WWPDB D_1000176204 ?            ?                   
# 
loop_
_pdbx_audit_revision_history.ordinal 
_pdbx_audit_revision_history.data_content_type 
_pdbx_audit_revision_history.major_revision 
_pdbx_audit_revision_history.minor_revision 
_pdbx_audit_revision_history.revision_date 
1 'Structure model' 1 0 1997-05-15 
2 'Structure model' 1 1 2008-03-24 
3 'Structure model' 1 2 2011-07-13 
4 'Structure model' 1 3 2011-11-16 
5 'Structure model' 1 4 2024-02-14 
# 
_pdbx_audit_revision_details.ordinal             1 
_pdbx_audit_revision_details.revision_ordinal    1 
_pdbx_audit_revision_details.data_content_type   'Structure model' 
_pdbx_audit_revision_details.provider            repository 
_pdbx_audit_revision_details.type                'Initial release' 
_pdbx_audit_revision_details.description         ? 
_pdbx_audit_revision_details.details             ? 
# 
loop_
_pdbx_audit_revision_group.ordinal 
_pdbx_audit_revision_group.revision_ordinal 
_pdbx_audit_revision_group.data_content_type 
_pdbx_audit_revision_group.group 
1 2 'Structure model' 'Version format compliance' 
2 3 'Structure model' 'Version format compliance' 
3 4 'Structure model' 'Atomic model'              
4 5 'Structure model' 'Data collection'           
5 5 'Structure model' 'Database references'       
6 5 'Structure model' Other                       
# 
loop_
_pdbx_audit_revision_category.ordinal 
_pdbx_audit_revision_category.revision_ordinal 
_pdbx_audit_revision_category.data_content_type 
_pdbx_audit_revision_category.category 
1 5 'Structure model' chem_comp_atom       
2 5 'Structure model' chem_comp_bond       
3 5 'Structure model' database_2           
4 5 'Structure model' pdbx_database_status 
# 
loop_
_pdbx_audit_revision_item.ordinal 
_pdbx_audit_revision_item.revision_ordinal 
_pdbx_audit_revision_item.data_content_type 
_pdbx_audit_revision_item.item 
1 5 'Structure model' '_database_2.pdbx_DOI'                
2 5 'Structure model' '_database_2.pdbx_database_accession' 
3 5 'Structure model' '_pdbx_database_status.process_site'  
# 
_pdbx_database_status.status_code                     REL 
_pdbx_database_status.entry_id                        1RSU 
_pdbx_database_status.recvd_initial_deposition_date   1995-10-19 
_pdbx_database_status.deposit_site                    ? 
_pdbx_database_status.process_site                    BNL 
_pdbx_database_status.status_code_sf                  REL 
_pdbx_database_status.status_code_mr                  ? 
_pdbx_database_status.SG_entry                        ? 
_pdbx_database_status.pdb_format_compatible           Y 
_pdbx_database_status.status_code_cs                  ? 
_pdbx_database_status.status_code_nmr_data            ? 
_pdbx_database_status.methods_development_category    ? 
# 
loop_
_audit_author.name 
_audit_author.pdbx_ordinal 
'Koepke, J.'  1 
'Schmidt, T.' 2 
'Skerra, A.'  3 
# 
loop_
_citation.id 
_citation.title 
_citation.journal_abbrev 
_citation.journal_volume 
_citation.page_first 
_citation.page_last 
_citation.year 
_citation.journal_id_ASTM 
_citation.country 
_citation.journal_id_ISSN 
_citation.journal_id_CSD 
_citation.book_publisher 
_citation.pdbx_database_id_PubMed 
_citation.pdbx_database_id_DOI 
primary 'Molecular interaction between the Strep-tag affinity peptide and its cognate target, streptavidin.' J.Mol.Biol.     255 
753 766 1996 JMOBAK UK 0022-2836 0070 ? 8636976 10.1006/jmbi.1996.0061 
1       
;One-Step Affinity Purification of Bacterially Produced Proteins by Means of the 'Strep Tag' and Immobilized Recombinant Core Streptavidin
;
J.Chromatogr.,A 676 337 ?   1994 JCRAEY NE 0021-9673 2032 ? ?       ?                      
2       
;The Random Peptide Library-Assisted Engineering of a C-Terminal Affinity Peptide, Useful for the Detection and Purification of a Functional Ig Fv Fragment
;
'Protein Eng.'  6   109 ?   1993 PRENE9 UK 0269-2139 0859 ? ?       ?                      
# 
loop_
_citation_author.citation_id 
_citation_author.name 
_citation_author.ordinal 
_citation_author.identifier_ORCID 
primary 'Schmidt, T.G.' 1 ? 
primary 'Koepke, J.'    2 ? 
primary 'Frank, R.'     3 ? 
primary 'Skerra, A.'    4 ? 
1       'Schmidt, T.G.' 5 ? 
1       'Skerra, A.'    6 ? 
2       'Schmidt, T.G.' 7 ? 
2       'Skerra, A.'    8 ? 
# 
loop_
_entity.id 
_entity.type 
_entity.src_method 
_entity.pdbx_description 
_entity.formula_weight 
_entity.pdbx_number_of_molecules 
_entity.pdbx_ec 
_entity.pdbx_mutation 
_entity.pdbx_fragment 
_entity.details 
1 polymer man STREPTAVIDIN           13341.454 1   ? ? 'RESIDUES 13 - 139' ? 
2 polymer man 'STREP-TAG II PEPTIDE' 1261.341  1   ? ? ?                   ? 
3 water   nat water                  18.015    105 ? ? ?                   ? 
# 
loop_
_entity_poly.entity_id 
_entity_poly.type 
_entity_poly.nstd_linkage 
_entity_poly.nstd_monomer 
_entity_poly.pdbx_seq_one_letter_code 
_entity_poly.pdbx_seq_one_letter_code_can 
_entity_poly.pdbx_strand_id 
_entity_poly.pdbx_target_identifier 
1 'polypeptide(L)' no no 
;MEAGITGTWYNQLGSTFIVTAGADGALTGTYESAVGNAESRYVLTGRYDSAPATDGSGTALGWTVAWKNNYRNAHSATTW
SGQYVGGAEARINTQWLLTSGTTEANAWKSTLVGHDTFTKVKPSAAS
;
;MEAGITGTWYNQLGSTFIVTAGADGALTGTYESAVGNAESRYVLTGRYDSAPATDGSGTALGWTVAWKNNYRNAHSATTW
SGQYVGGAEARINTQWLLTSGTTEANAWKSTLVGHDTFTKVKPSAAS
;
B ? 
2 'polypeptide(L)' no no SNWSHPQFEK SNWSHPQFEK P ? 
# 
_pdbx_entity_nonpoly.entity_id   3 
_pdbx_entity_nonpoly.name        water 
_pdbx_entity_nonpoly.comp_id     HOH 
# 
loop_
_entity_poly_seq.entity_id 
_entity_poly_seq.num 
_entity_poly_seq.mon_id 
_entity_poly_seq.hetero 
1 1   MET n 
1 2   GLU n 
1 3   ALA n 
1 4   GLY n 
1 5   ILE n 
1 6   THR n 
1 7   GLY n 
1 8   THR n 
1 9   TRP n 
1 10  TYR n 
1 11  ASN n 
1 12  GLN n 
1 13  LEU n 
1 14  GLY n 
1 15  SER n 
1 16  THR n 
1 17  PHE n 
1 18  ILE n 
1 19  VAL n 
1 20  THR n 
1 21  ALA n 
1 22  GLY n 
1 23  ALA n 
1 24  ASP n 
1 25  GLY n 
1 26  ALA n 
1 27  LEU n 
1 28  THR n 
1 29  GLY n 
1 30  THR n 
1 31  TYR n 
1 32  GLU n 
1 33  SER n 
1 34  ALA n 
1 35  VAL n 
1 36  GLY n 
1 37  ASN n 
1 38  ALA n 
1 39  GLU n 
1 40  SER n 
1 41  ARG n 
1 42  TYR n 
1 43  VAL n 
1 44  LEU n 
1 45  THR n 
1 46  GLY n 
1 47  ARG n 
1 48  TYR n 
1 49  ASP n 
1 50  SER n 
1 51  ALA n 
1 52  PRO n 
1 53  ALA n 
1 54  THR n 
1 55  ASP n 
1 56  GLY n 
1 57  SER n 
1 58  GLY n 
1 59  THR n 
1 60  ALA n 
1 61  LEU n 
1 62  GLY n 
1 63  TRP n 
1 64  THR n 
1 65  VAL n 
1 66  ALA n 
1 67  TRP n 
1 68  LYS n 
1 69  ASN n 
1 70  ASN n 
1 71  TYR n 
1 72  ARG n 
1 73  ASN n 
1 74  ALA n 
1 75  HIS n 
1 76  SER n 
1 77  ALA n 
1 78  THR n 
1 79  THR n 
1 80  TRP n 
1 81  SER n 
1 82  GLY n 
1 83  GLN n 
1 84  TYR n 
1 85  VAL n 
1 86  GLY n 
1 87  GLY n 
1 88  ALA n 
1 89  GLU n 
1 90  ALA n 
1 91  ARG n 
1 92  ILE n 
1 93  ASN n 
1 94  THR n 
1 95  GLN n 
1 96  TRP n 
1 97  LEU n 
1 98  LEU n 
1 99  THR n 
1 100 SER n 
1 101 GLY n 
1 102 THR n 
1 103 THR n 
1 104 GLU n 
1 105 ALA n 
1 106 ASN n 
1 107 ALA n 
1 108 TRP n 
1 109 LYS n 
1 110 SER n 
1 111 THR n 
1 112 LEU n 
1 113 VAL n 
1 114 GLY n 
1 115 HIS n 
1 116 ASP n 
1 117 THR n 
1 118 PHE n 
1 119 THR n 
1 120 LYS n 
1 121 VAL n 
1 122 LYS n 
1 123 PRO n 
1 124 SER n 
1 125 ALA n 
1 126 ALA n 
1 127 SER n 
2 1   SER n 
2 2   ASN n 
2 3   TRP n 
2 4   SER n 
2 5   HIS n 
2 6   PRO n 
2 7   GLN n 
2 8   PHE n 
2 9   GLU n 
2 10  LYS n 
# 
_entity_src_gen.entity_id                          1 
_entity_src_gen.pdbx_src_id                        1 
_entity_src_gen.pdbx_alt_source_flag               sample 
_entity_src_gen.pdbx_seq_type                      ? 
_entity_src_gen.pdbx_beg_seq_num                   ? 
_entity_src_gen.pdbx_end_seq_num                   ? 
_entity_src_gen.gene_src_common_name               ? 
_entity_src_gen.gene_src_genus                     Streptomyces 
_entity_src_gen.pdbx_gene_src_gene                 ? 
_entity_src_gen.gene_src_species                   ? 
_entity_src_gen.gene_src_strain                    ? 
_entity_src_gen.gene_src_tissue                    ? 
_entity_src_gen.gene_src_tissue_fraction           ? 
_entity_src_gen.gene_src_details                   ? 
_entity_src_gen.pdbx_gene_src_fragment             ? 
_entity_src_gen.pdbx_gene_src_scientific_name      'Streptomyces avidinii' 
_entity_src_gen.pdbx_gene_src_ncbi_taxonomy_id     1895 
_entity_src_gen.pdbx_gene_src_variant              ? 
_entity_src_gen.pdbx_gene_src_cell_line            ? 
_entity_src_gen.pdbx_gene_src_atcc                 ? 
_entity_src_gen.pdbx_gene_src_organ                ? 
_entity_src_gen.pdbx_gene_src_organelle            ? 
_entity_src_gen.pdbx_gene_src_cell                 ? 
_entity_src_gen.pdbx_gene_src_cellular_location    ? 
_entity_src_gen.host_org_common_name               ? 
_entity_src_gen.pdbx_host_org_scientific_name      'Escherichia coli' 
_entity_src_gen.pdbx_host_org_ncbi_taxonomy_id     562 
_entity_src_gen.host_org_genus                     Escherichia 
_entity_src_gen.pdbx_host_org_gene                 ? 
_entity_src_gen.pdbx_host_org_organ                ? 
_entity_src_gen.host_org_species                   ? 
_entity_src_gen.pdbx_host_org_tissue               ? 
_entity_src_gen.pdbx_host_org_tissue_fraction      ? 
_entity_src_gen.pdbx_host_org_strain               ? 
_entity_src_gen.pdbx_host_org_variant              ? 
_entity_src_gen.pdbx_host_org_cell_line            ? 
_entity_src_gen.pdbx_host_org_atcc                 ? 
_entity_src_gen.pdbx_host_org_culture_collection   ? 
_entity_src_gen.pdbx_host_org_cell                 ? 
_entity_src_gen.pdbx_host_org_organelle            ? 
_entity_src_gen.pdbx_host_org_cellular_location    ? 
_entity_src_gen.pdbx_host_org_vector_type          ? 
_entity_src_gen.pdbx_host_org_vector               ? 
_entity_src_gen.host_org_details                   ? 
_entity_src_gen.expression_system_id               ? 
_entity_src_gen.plasmid_name                       PSA1 
_entity_src_gen.plasmid_details                    ? 
_entity_src_gen.pdbx_description                   ? 
# 
loop_
_chem_comp.id 
_chem_comp.type 
_chem_comp.mon_nstd_flag 
_chem_comp.name 
_chem_comp.pdbx_synonyms 
_chem_comp.formula 
_chem_comp.formula_weight 
ALA 'L-peptide linking' y ALANINE         ? 'C3 H7 N O2'     89.093  
ARG 'L-peptide linking' y ARGININE        ? 'C6 H15 N4 O2 1' 175.209 
ASN 'L-peptide linking' y ASPARAGINE      ? 'C4 H8 N2 O3'    132.118 
ASP 'L-peptide linking' y 'ASPARTIC ACID' ? 'C4 H7 N O4'     133.103 
GLN 'L-peptide linking' y GLUTAMINE       ? 'C5 H10 N2 O3'   146.144 
GLU 'L-peptide linking' y 'GLUTAMIC ACID' ? 'C5 H9 N O4'     147.129 
GLY 'peptide linking'   y GLYCINE         ? 'C2 H5 N O2'     75.067  
HIS 'L-peptide linking' y HISTIDINE       ? 'C6 H10 N3 O2 1' 156.162 
HOH non-polymer         . WATER           ? 'H2 O'           18.015  
ILE 'L-peptide linking' y ISOLEUCINE      ? 'C6 H13 N O2'    131.173 
LEU 'L-peptide linking' y LEUCINE         ? 'C6 H13 N O2'    131.173 
LYS 'L-peptide linking' y LYSINE          ? 'C6 H15 N2 O2 1' 147.195 
MET 'L-peptide linking' y METHIONINE      ? 'C5 H11 N O2 S'  149.211 
PHE 'L-peptide linking' y PHENYLALANINE   ? 'C9 H11 N O2'    165.189 
PRO 'L-peptide linking' y PROLINE         ? 'C5 H9 N O2'     115.130 
SER 'L-peptide linking' y SERINE          ? 'C3 H7 N O3'     105.093 
THR 'L-peptide linking' y THREONINE       ? 'C4 H9 N O3'     119.119 
TRP 'L-peptide linking' y TRYPTOPHAN      ? 'C11 H12 N2 O2'  204.225 
TYR 'L-peptide linking' y TYROSINE        ? 'C9 H11 N O3'    181.189 
VAL 'L-peptide linking' y VALINE          ? 'C5 H11 N O2'    117.146 
# 
loop_
_pdbx_poly_seq_scheme.asym_id 
_pdbx_poly_seq_scheme.entity_id 
_pdbx_poly_seq_scheme.seq_id 
_pdbx_poly_seq_scheme.mon_id 
_pdbx_poly_seq_scheme.ndb_seq_num 
_pdbx_poly_seq_scheme.pdb_seq_num 
_pdbx_poly_seq_scheme.auth_seq_num 
_pdbx_poly_seq_scheme.pdb_mon_id 
_pdbx_poly_seq_scheme.auth_mon_id 
_pdbx_poly_seq_scheme.pdb_strand_id 
_pdbx_poly_seq_scheme.pdb_ins_code 
_pdbx_poly_seq_scheme.hetero 
A 1 1   MET 1   13  13  MET MET B . n 
A 1 2   GLU 2   14  14  GLU GLU B . n 
A 1 3   ALA 3   15  15  ALA ALA B . n 
A 1 4   GLY 4   16  16  GLY GLY B . n 
A 1 5   ILE 5   17  17  ILE ILE B . n 
A 1 6   THR 6   18  18  THR THR B . n 
A 1 7   GLY 7   19  19  GLY GLY B . n 
A 1 8   THR 8   20  20  THR THR B . n 
A 1 9   TRP 9   21  21  TRP TRP B . n 
A 1 10  TYR 10  22  22  TYR TYR B . n 
A 1 11  ASN 11  23  23  ASN ASN B . n 
A 1 12  GLN 12  24  24  GLN GLN B . n 
A 1 13  LEU 13  25  25  LEU LEU B . n 
A 1 14  GLY 14  26  26  GLY GLY B . n 
A 1 15  SER 15  27  27  SER SER B . n 
A 1 16  THR 16  28  28  THR THR B . n 
A 1 17  PHE 17  29  29  PHE PHE B . n 
A 1 18  ILE 18  30  30  ILE ILE B . n 
A 1 19  VAL 19  31  31  VAL VAL B . n 
A 1 20  THR 20  32  32  THR THR B . n 
A 1 21  ALA 21  33  33  ALA ALA B . n 
A 1 22  GLY 22  34  34  GLY GLY B . n 
A 1 23  ALA 23  35  35  ALA ALA B . n 
A 1 24  ASP 24  36  36  ASP ASP B . n 
A 1 25  GLY 25  37  37  GLY GLY B . n 
A 1 26  ALA 26  38  38  ALA ALA B . n 
A 1 27  LEU 27  39  39  LEU LEU B . n 
A 1 28  THR 28  40  40  THR THR B . n 
A 1 29  GLY 29  41  41  GLY GLY B . n 
A 1 30  THR 30  42  42  THR THR B . n 
A 1 31  TYR 31  43  43  TYR TYR B . n 
A 1 32  GLU 32  44  44  GLU GLU B . n 
A 1 33  SER 33  45  45  SER SER B . n 
A 1 34  ALA 34  46  46  ALA ALA B . n 
A 1 35  VAL 35  47  47  VAL VAL B . n 
A 1 36  GLY 36  48  48  GLY GLY B . n 
A 1 37  ASN 37  49  49  ASN ASN B . n 
A 1 38  ALA 38  50  50  ALA ALA B . n 
A 1 39  GLU 39  51  51  GLU GLU B . n 
A 1 40  SER 40  52  52  SER SER B . n 
A 1 41  ARG 41  53  53  ARG ARG B . n 
A 1 42  TYR 42  54  54  TYR TYR B . n 
A 1 43  VAL 43  55  55  VAL VAL B . n 
A 1 44  LEU 44  56  56  LEU LEU B . n 
A 1 45  THR 45  57  57  THR THR B . n 
A 1 46  GLY 46  58  58  GLY GLY B . n 
A 1 47  ARG 47  59  59  ARG ARG B . n 
A 1 48  TYR 48  60  60  TYR TYR B . n 
A 1 49  ASP 49  61  61  ASP ASP B . n 
A 1 50  SER 50  62  62  SER SER B . n 
A 1 51  ALA 51  63  63  ALA ALA B . n 
A 1 52  PRO 52  64  64  PRO PRO B . n 
A 1 53  ALA 53  65  65  ALA ALA B . n 
A 1 54  THR 54  66  66  THR THR B . n 
A 1 55  ASP 55  67  67  ASP ASP B . n 
A 1 56  GLY 56  68  68  GLY GLY B . n 
A 1 57  SER 57  69  69  SER SER B . n 
A 1 58  GLY 58  70  70  GLY GLY B . n 
A 1 59  THR 59  71  71  THR THR B . n 
A 1 60  ALA 60  72  72  ALA ALA B . n 
A 1 61  LEU 61  73  73  LEU LEU B . n 
A 1 62  GLY 62  74  74  GLY GLY B . n 
A 1 63  TRP 63  75  75  TRP TRP B . n 
A 1 64  THR 64  76  76  THR THR B . n 
A 1 65  VAL 65  77  77  VAL VAL B . n 
A 1 66  ALA 66  78  78  ALA ALA B . n 
A 1 67  TRP 67  79  79  TRP TRP B . n 
A 1 68  LYS 68  80  80  LYS LYS B . n 
A 1 69  ASN 69  81  81  ASN ASN B . n 
A 1 70  ASN 70  82  82  ASN ASN B . n 
A 1 71  TYR 71  83  83  TYR TYR B . n 
A 1 72  ARG 72  84  84  ARG ARG B . n 
A 1 73  ASN 73  85  85  ASN ASN B . n 
A 1 74  ALA 74  86  86  ALA ALA B . n 
A 1 75  HIS 75  87  87  HIS HIS B . n 
A 1 76  SER 76  88  88  SER SER B . n 
A 1 77  ALA 77  89  89  ALA ALA B . n 
A 1 78  THR 78  90  90  THR THR B . n 
A 1 79  THR 79  91  91  THR THR B . n 
A 1 80  TRP 80  92  92  TRP TRP B . n 
A 1 81  SER 81  93  93  SER SER B . n 
A 1 82  GLY 82  94  94  GLY GLY B . n 
A 1 83  GLN 83  95  95  GLN GLN B . n 
A 1 84  TYR 84  96  96  TYR TYR B . n 
A 1 85  VAL 85  97  97  VAL VAL B . n 
A 1 86  GLY 86  98  98  GLY GLY B . n 
A 1 87  GLY 87  99  99  GLY GLY B . n 
A 1 88  ALA 88  100 100 ALA ALA B . n 
A 1 89  GLU 89  101 101 GLU GLU B . n 
A 1 90  ALA 90  102 102 ALA ALA B . n 
A 1 91  ARG 91  103 103 ARG ARG B . n 
A 1 92  ILE 92  104 104 ILE ILE B . n 
A 1 93  ASN 93  105 105 ASN ASN B . n 
A 1 94  THR 94  106 106 THR THR B . n 
A 1 95  GLN 95  107 107 GLN GLN B . n 
A 1 96  TRP 96  108 108 TRP TRP B . n 
A 1 97  LEU 97  109 109 LEU LEU B . n 
A 1 98  LEU 98  110 110 LEU LEU B . n 
A 1 99  THR 99  111 111 THR THR B . n 
A 1 100 SER 100 112 112 SER SER B . n 
A 1 101 GLY 101 113 113 GLY GLY B . n 
A 1 102 THR 102 114 114 THR THR B . n 
A 1 103 THR 103 115 115 THR THR B . n 
A 1 104 GLU 104 116 116 GLU GLU B . n 
A 1 105 ALA 105 117 117 ALA ALA B . n 
A 1 106 ASN 106 118 118 ASN ASN B . n 
A 1 107 ALA 107 119 119 ALA ALA B . n 
A 1 108 TRP 108 120 120 TRP TRP B . n 
A 1 109 LYS 109 121 121 LYS LYS B . n 
A 1 110 SER 110 122 122 SER SER B . n 
A 1 111 THR 111 123 123 THR THR B . n 
A 1 112 LEU 112 124 124 LEU LEU B . n 
A 1 113 VAL 113 125 125 VAL VAL B . n 
A 1 114 GLY 114 126 126 GLY GLY B . n 
A 1 115 HIS 115 127 127 HIS HIS B . n 
A 1 116 ASP 116 128 128 ASP ASP B . n 
A 1 117 THR 117 129 129 THR THR B . n 
A 1 118 PHE 118 130 130 PHE PHE B . n 
A 1 119 THR 119 131 131 THR THR B . n 
A 1 120 LYS 120 132 132 LYS LYS B . n 
A 1 121 VAL 121 133 133 VAL VAL B . n 
A 1 122 LYS 122 134 134 LYS LYS B . n 
A 1 123 PRO 123 135 135 PRO PRO B . n 
A 1 124 SER 124 136 ?   ?   ?   B . n 
A 1 125 ALA 125 137 ?   ?   ?   B . n 
A 1 126 ALA 126 138 ?   ?   ?   B . n 
A 1 127 SER 127 139 ?   ?   ?   B . n 
B 2 1   SER 1   0   ?   ?   ?   P . n 
B 2 2   ASN 2   1   ?   ?   ?   P . n 
B 2 3   TRP 3   2   2   TRP TRP P . n 
B 2 4   SER 4   3   3   SER SER P . n 
B 2 5   HIS 5   4   4   HIS HIS P . n 
B 2 6   PRO 6   5   5   PRO PRO P . n 
B 2 7   GLN 7   6   6   GLN GLN P . n 
B 2 8   PHE 8   7   7   PHE PHE P . n 
B 2 9   GLU 9   8   8   GLU GLU P . n 
B 2 10  LYS 10  9   9   LYS LYS P . n 
# 
loop_
_pdbx_nonpoly_scheme.asym_id 
_pdbx_nonpoly_scheme.entity_id 
_pdbx_nonpoly_scheme.mon_id 
_pdbx_nonpoly_scheme.ndb_seq_num 
_pdbx_nonpoly_scheme.pdb_seq_num 
_pdbx_nonpoly_scheme.auth_seq_num 
_pdbx_nonpoly_scheme.pdb_mon_id 
_pdbx_nonpoly_scheme.auth_mon_id 
_pdbx_nonpoly_scheme.pdb_strand_id 
_pdbx_nonpoly_scheme.pdb_ins_code 
C 3 HOH 1  201 201 HOH HOH B . 
C 3 HOH 2  202 202 HOH HOH B . 
C 3 HOH 3  203 203 HOH HOH B . 
C 3 HOH 4  204 204 HOH HOH B . 
C 3 HOH 5  205 205 HOH HOH B . 
C 3 HOH 6  206 206 HOH HOH B . 
C 3 HOH 7  207 207 HOH HOH B . 
C 3 HOH 8  208 208 HOH HOH B . 
C 3 HOH 9  209 209 HOH HOH B . 
C 3 HOH 10 210 210 HOH HOH B . 
C 3 HOH 11 211 211 HOH HOH B . 
C 3 HOH 12 212 212 HOH HOH B . 
C 3 HOH 13 213 213 HOH HOH B . 
C 3 HOH 14 214 214 HOH HOH B . 
C 3 HOH 15 215 215 HOH HOH B . 
C 3 HOH 16 216 216 HOH HOH B . 
C 3 HOH 17 217 217 HOH HOH B . 
C 3 HOH 18 218 218 HOH HOH B . 
C 3 HOH 19 219 219 HOH HOH B . 
C 3 HOH 20 220 220 HOH HOH B . 
C 3 HOH 21 221 221 HOH HOH B . 
C 3 HOH 22 222 222 HOH HOH B . 
C 3 HOH 23 223 223 HOH HOH B . 
C 3 HOH 24 224 224 HOH HOH B . 
C 3 HOH 25 225 225 HOH HOH B . 
C 3 HOH 26 226 226 HOH HOH B . 
C 3 HOH 27 227 227 HOH HOH B . 
C 3 HOH 28 228 228 HOH HOH B . 
C 3 HOH 29 229 229 HOH HOH B . 
C 3 HOH 30 230 230 HOH HOH B . 
C 3 HOH 31 231 231 HOH HOH B . 
C 3 HOH 32 232 232 HOH HOH B . 
C 3 HOH 33 233 233 HOH HOH B . 
C 3 HOH 34 234 234 HOH HOH B . 
C 3 HOH 35 235 235 HOH HOH B . 
C 3 HOH 36 236 236 HOH HOH B . 
C 3 HOH 37 237 237 HOH HOH B . 
C 3 HOH 38 238 238 HOH HOH B . 
C 3 HOH 39 239 239 HOH HOH B . 
C 3 HOH 40 240 240 HOH HOH B . 
C 3 HOH 41 241 241 HOH HOH B . 
C 3 HOH 42 242 242 HOH HOH B . 
C 3 HOH 43 243 243 HOH HOH B . 
C 3 HOH 44 244 244 HOH HOH B . 
C 3 HOH 45 245 245 HOH HOH B . 
C 3 HOH 46 246 246 HOH HOH B . 
C 3 HOH 47 247 247 HOH HOH B . 
C 3 HOH 48 248 248 HOH HOH B . 
C 3 HOH 49 249 249 HOH HOH B . 
C 3 HOH 50 250 250 HOH HOH B . 
C 3 HOH 51 251 251 HOH HOH B . 
C 3 HOH 52 252 252 HOH HOH B . 
C 3 HOH 53 253 253 HOH HOH B . 
C 3 HOH 54 254 254 HOH HOH B . 
C 3 HOH 55 255 255 HOH HOH B . 
C 3 HOH 56 256 256 HOH HOH B . 
C 3 HOH 57 257 257 HOH HOH B . 
C 3 HOH 58 258 258 HOH HOH B . 
C 3 HOH 59 259 259 HOH HOH B . 
C 3 HOH 60 260 260 HOH HOH B . 
C 3 HOH 61 261 261 HOH HOH B . 
C 3 HOH 62 262 262 HOH HOH B . 
C 3 HOH 63 263 263 HOH HOH B . 
C 3 HOH 64 264 264 HOH HOH B . 
C 3 HOH 65 265 265 HOH HOH B . 
C 3 HOH 66 266 266 HOH HOH B . 
C 3 HOH 67 267 267 HOH HOH B . 
C 3 HOH 68 270 270 HOH HOH B . 
C 3 HOH 69 272 272 HOH HOH B . 
C 3 HOH 70 273 273 HOH HOH B . 
C 3 HOH 71 274 274 HOH HOH B . 
C 3 HOH 72 276 276 HOH HOH B . 
C 3 HOH 73 277 277 HOH HOH B . 
C 3 HOH 74 278 278 HOH HOH B . 
C 3 HOH 75 279 279 HOH HOH B . 
C 3 HOH 76 281 281 HOH HOH B . 
C 3 HOH 77 282 282 HOH HOH B . 
C 3 HOH 78 283 283 HOH HOH B . 
C 3 HOH 79 284 284 HOH HOH B . 
C 3 HOH 80 285 285 HOH HOH B . 
C 3 HOH 81 286 286 HOH HOH B . 
C 3 HOH 82 287 287 HOH HOH B . 
C 3 HOH 83 288 288 HOH HOH B . 
C 3 HOH 84 289 289 HOH HOH B . 
C 3 HOH 85 290 290 HOH HOH B . 
C 3 HOH 86 291 291 HOH HOH B . 
C 3 HOH 87 292 292 HOH HOH B . 
C 3 HOH 88 293 293 HOH HOH B . 
C 3 HOH 89 294 294 HOH HOH B . 
C 3 HOH 90 295 295 HOH HOH B . 
C 3 HOH 91 296 296 HOH HOH B . 
C 3 HOH 92 297 297 HOH HOH B . 
C 3 HOH 93 298 298 HOH HOH B . 
C 3 HOH 94 299 299 HOH HOH B . 
C 3 HOH 95 300 300 HOH HOH B . 
C 3 HOH 96 301 301 HOH HOH B . 
C 3 HOH 97 302 302 HOH HOH B . 
C 3 HOH 98 303 303 HOH HOH B . 
C 3 HOH 99 304 304 HOH HOH B . 
D 3 HOH 1  268 268 HOH HOH P . 
D 3 HOH 2  269 269 HOH HOH P . 
D 3 HOH 3  271 271 HOH HOH P . 
D 3 HOH 4  275 275 HOH HOH P . 
D 3 HOH 5  280 280 HOH HOH P . 
D 3 HOH 6  305 305 HOH HOH P . 
# 
loop_
_pdbx_unobs_or_zero_occ_atoms.id 
_pdbx_unobs_or_zero_occ_atoms.PDB_model_num 
_pdbx_unobs_or_zero_occ_atoms.polymer_flag 
_pdbx_unobs_or_zero_occ_atoms.occupancy_flag 
_pdbx_unobs_or_zero_occ_atoms.auth_asym_id 
_pdbx_unobs_or_zero_occ_atoms.auth_comp_id 
_pdbx_unobs_or_zero_occ_atoms.auth_seq_id 
_pdbx_unobs_or_zero_occ_atoms.PDB_ins_code 
_pdbx_unobs_or_zero_occ_atoms.auth_atom_id 
_pdbx_unobs_or_zero_occ_atoms.label_alt_id 
_pdbx_unobs_or_zero_occ_atoms.label_asym_id 
_pdbx_unobs_or_zero_occ_atoms.label_comp_id 
_pdbx_unobs_or_zero_occ_atoms.label_seq_id 
_pdbx_unobs_or_zero_occ_atoms.label_atom_id 
1 1 Y 0 B GLU 101 ? CB  ? A GLU 89 CB  
2 1 Y 0 B GLU 101 ? CG  ? A GLU 89 CG  
3 1 Y 0 B GLU 101 ? CD  ? A GLU 89 CD  
4 1 Y 0 B GLU 101 ? OE1 ? A GLU 89 OE1 
5 1 Y 0 B GLU 101 ? OE2 ? A GLU 89 OE2 
# 
loop_
_software.name 
_software.classification 
_software.version 
_software.citation_id 
_software.pdbx_ordinal 
X-PLOR 'model building' 3.1 ? 1 
X-PLOR refinement       3.1 ? 2 
R-AXIS 'data reduction' IIC ? 3 
X-PLOR phasing          3.1 ? 4 
# 
_cell.entry_id           1RSU 
_cell.length_a           58.400 
_cell.length_b           58.400 
_cell.length_c           176.500 
_cell.angle_alpha        90.00 
_cell.angle_beta         90.00 
_cell.angle_gamma        90.00 
_cell.Z_PDB              16 
_cell.pdbx_unique_axis   ? 
# 
_symmetry.entry_id                         1RSU 
_symmetry.space_group_name_H-M             'I 41 2 2' 
_symmetry.pdbx_full_space_group_name_H-M   ? 
_symmetry.cell_setting                     ? 
_symmetry.Int_Tables_number                98 
# 
_exptl.entry_id          1RSU 
_exptl.method            'X-RAY DIFFRACTION' 
_exptl.crystals_number   ? 
# 
_exptl_crystal.id                    1 
_exptl_crystal.density_meas          ? 
_exptl_crystal.density_Matthews      2.58 
_exptl_crystal.density_percent_sol   49.0 
_exptl_crystal.description           ? 
# 
_diffrn.id                     1 
_diffrn.ambient_temp           ? 
_diffrn.ambient_temp_details   ? 
_diffrn.crystal_id             1 
# 
_diffrn_detector.diffrn_id              1 
_diffrn_detector.detector               'IMAGE PLATE' 
_diffrn_detector.type                   RIGAKU 
_diffrn_detector.pdbx_collection_date   1994-06-13 
_diffrn_detector.details                ? 
# 
_diffrn_radiation.diffrn_id                        1 
_diffrn_radiation.wavelength_id                    1 
_diffrn_radiation.pdbx_monochromatic_or_laue_m_l   M 
_diffrn_radiation.monochromator                    ? 
_diffrn_radiation.pdbx_diffrn_protocol             ? 
_diffrn_radiation.pdbx_scattering_type             x-ray 
# 
_diffrn_radiation_wavelength.id           1 
_diffrn_radiation_wavelength.wavelength   1.5418 
_diffrn_radiation_wavelength.wt           1.0 
# 
_diffrn_source.diffrn_id                   1 
_diffrn_source.source                      ? 
_diffrn_source.type                        ? 
_diffrn_source.pdbx_synchrotron_site       ? 
_diffrn_source.pdbx_synchrotron_beamline   ? 
_diffrn_source.pdbx_wavelength             1.5418 
_diffrn_source.pdbx_wavelength_list        ? 
# 
_reflns.entry_id                     1RSU 
_reflns.observed_criterion_sigma_I   0.0 
_reflns.observed_criterion_sigma_F   ? 
_reflns.d_resolution_low             37.38 
_reflns.d_resolution_high            1.70 
_reflns.number_obs                   16909 
_reflns.number_all                   ? 
_reflns.percent_possible_obs         97.2 
_reflns.pdbx_Rmerge_I_obs            0.0923000 
_reflns.pdbx_Rsym_value              ? 
_reflns.pdbx_netI_over_sigmaI        ? 
_reflns.B_iso_Wilson_estimate        ? 
_reflns.pdbx_redundancy              ? 
_reflns.pdbx_diffrn_id               1 
_reflns.pdbx_ordinal                 1 
# 
_refine.entry_id                                 1RSU 
_refine.ls_number_reflns_obs                     16365 
_refine.ls_number_reflns_all                     ? 
_refine.pdbx_ls_sigma_I                          ? 
_refine.pdbx_ls_sigma_F                          2. 
_refine.pdbx_data_cutoff_high_absF               ? 
_refine.pdbx_data_cutoff_low_absF                ? 
_refine.pdbx_data_cutoff_high_rms_absF           ? 
_refine.ls_d_res_low                             8.0 
_refine.ls_d_res_high                            1.7 
_refine.ls_percent_reflns_obs                    91.1 
_refine.ls_R_factor_obs                          0.1800000 
_refine.ls_R_factor_all                          ? 
_refine.ls_R_factor_R_work                       0.1800000 
_refine.ls_R_factor_R_free                       0.2130000 
_refine.ls_R_factor_R_free_error                 ? 
_refine.ls_R_factor_R_free_error_details         ? 
_refine.ls_percent_reflns_R_free                 ? 
_refine.ls_number_reflns_R_free                  ? 
_refine.ls_number_parameters                     ? 
_refine.ls_number_restraints                     ? 
_refine.occupancy_min                            ? 
_refine.occupancy_max                            ? 
_refine.B_iso_mean                               20.2 
_refine.aniso_B[1][1]                            ? 
_refine.aniso_B[2][2]                            ? 
_refine.aniso_B[3][3]                            ? 
_refine.aniso_B[1][2]                            ? 
_refine.aniso_B[1][3]                            ? 
_refine.aniso_B[2][3]                            ? 
_refine.solvent_model_details                    ? 
_refine.solvent_model_param_ksol                 ? 
_refine.solvent_model_param_bsol                 ? 
_refine.pdbx_ls_cross_valid_method               ? 
_refine.details                                  ? 
_refine.pdbx_starting_model                      ? 
_refine.pdbx_method_to_determine_struct          ? 
_refine.pdbx_isotropic_thermal_model             ? 
_refine.pdbx_stereochemistry_target_values       ? 
_refine.pdbx_stereochem_target_val_spec_case     ? 
_refine.pdbx_R_Free_selection_details            ? 
_refine.pdbx_overall_ESU_R                       ? 
_refine.pdbx_overall_ESU_R_Free                  ? 
_refine.overall_SU_ML                            ? 
_refine.overall_SU_B                             ? 
_refine.pdbx_refine_id                           'X-RAY DIFFRACTION' 
_refine.pdbx_diffrn_id                           1 
_refine.pdbx_TLS_residual_ADP_flag               ? 
_refine.correlation_coeff_Fo_to_Fc               ? 
_refine.correlation_coeff_Fo_to_Fc_free          ? 
_refine.pdbx_solvent_vdw_probe_radii             ? 
_refine.pdbx_solvent_ion_probe_radii             ? 
_refine.pdbx_solvent_shrinkage_radii             ? 
_refine.pdbx_overall_phase_error                 ? 
_refine.overall_SU_R_Cruickshank_DPI             ? 
_refine.pdbx_overall_SU_R_free_Cruickshank_DPI   ? 
_refine.pdbx_overall_SU_R_Blow_DPI               ? 
_refine.pdbx_overall_SU_R_free_Blow_DPI          ? 
# 
_refine_analyze.entry_id                        1RSU 
_refine_analyze.Luzzati_coordinate_error_obs    0.18 
_refine_analyze.Luzzati_sigma_a_obs             ? 
_refine_analyze.Luzzati_d_res_low_obs           ? 
_refine_analyze.Luzzati_coordinate_error_free   ? 
_refine_analyze.Luzzati_sigma_a_free            ? 
_refine_analyze.Luzzati_d_res_low_free          ? 
_refine_analyze.number_disordered_residues      ? 
_refine_analyze.occupancy_sum_hydrogen          ? 
_refine_analyze.occupancy_sum_non_hydrogen      ? 
_refine_analyze.pdbx_refine_id                  'X-RAY DIFFRACTION' 
# 
_refine_hist.pdbx_refine_id                   'X-RAY DIFFRACTION' 
_refine_hist.cycle_id                         LAST 
_refine_hist.pdbx_number_atoms_protein        1045 
_refine_hist.pdbx_number_atoms_nucleic_acid   0 
_refine_hist.pdbx_number_atoms_ligand         0 
_refine_hist.number_atoms_solvent             105 
_refine_hist.number_atoms_total               1150 
_refine_hist.d_res_high                       1.7 
_refine_hist.d_res_low                        8.0 
# 
loop_
_refine_ls_restr.type 
_refine_ls_restr.dev_ideal 
_refine_ls_restr.dev_ideal_target 
_refine_ls_restr.weight 
_refine_ls_restr.number 
_refine_ls_restr.pdbx_refine_id 
_refine_ls_restr.pdbx_restraint_function 
x_bond_d                0.011 ? ? ? 'X-RAY DIFFRACTION' ? 
x_bond_d_na             ?     ? ? ? 'X-RAY DIFFRACTION' ? 
x_bond_d_prot           ?     ? ? ? 'X-RAY DIFFRACTION' ? 
x_angle_d               ?     ? ? ? 'X-RAY DIFFRACTION' ? 
x_angle_d_na            ?     ? ? ? 'X-RAY DIFFRACTION' ? 
x_angle_d_prot          ?     ? ? ? 'X-RAY DIFFRACTION' ? 
x_angle_deg             1.589 ? ? ? 'X-RAY DIFFRACTION' ? 
x_angle_deg_na          ?     ? ? ? 'X-RAY DIFFRACTION' ? 
x_angle_deg_prot        ?     ? ? ? 'X-RAY DIFFRACTION' ? 
x_dihedral_angle_d      26.75 ? ? ? 'X-RAY DIFFRACTION' ? 
x_dihedral_angle_d_na   ?     ? ? ? 'X-RAY DIFFRACTION' ? 
x_dihedral_angle_d_prot ?     ? ? ? 'X-RAY DIFFRACTION' ? 
x_improper_angle_d      1.163 ? ? ? 'X-RAY DIFFRACTION' ? 
x_improper_angle_d_na   ?     ? ? ? 'X-RAY DIFFRACTION' ? 
x_improper_angle_d_prot ?     ? ? ? 'X-RAY DIFFRACTION' ? 
x_mcbond_it             ?     ? ? ? 'X-RAY DIFFRACTION' ? 
x_mcangle_it            ?     ? ? ? 'X-RAY DIFFRACTION' ? 
x_scbond_it             ?     ? ? ? 'X-RAY DIFFRACTION' ? 
x_scangle_it            ?     ? ? ? 'X-RAY DIFFRACTION' ? 
# 
_struct.entry_id                  1RSU 
_struct.title                     'COMPLEX BETWEEN STREPTAVIDIN AND THE STREP-TAG II PEPTIDE' 
_struct.pdbx_model_details        ? 
_struct.pdbx_CASP_flag            ? 
_struct.pdbx_model_type_details   ? 
# 
_struct_keywords.entry_id        1RSU 
_struct_keywords.pdbx_keywords   'COMPLEX (SIGNAL PROTEIN/PEPTIDE)' 
_struct_keywords.text            'COMPLEX (SIGNAL PROTEIN-PEPTIDE), SIGNAL PROTEIN, COMPLEX (SIGNAL PROTEIN-PEPTIDE) complex' 
# 
loop_
_struct_asym.id 
_struct_asym.pdbx_blank_PDB_chainid_flag 
_struct_asym.pdbx_modified 
_struct_asym.entity_id 
_struct_asym.details 
A N N 1 ? 
B N N 2 ? 
C N N 3 ? 
D N N 3 ? 
# 
loop_
_struct_ref.id 
_struct_ref.db_name 
_struct_ref.db_code 
_struct_ref.entity_id 
_struct_ref.pdbx_db_accession 
_struct_ref.pdbx_align_begin 
_struct_ref.pdbx_seq_one_letter_code 
_struct_ref.pdbx_db_isoform 
1 UNP SAV_STRAV 1 P22629 1 
;MRKIVVAAIAVSLTTVSITASASADPSKDSKAQVSAAEAGITGTWYNQLGSTFIVTAGADGALTGTYESAVGNAESRYVL
TGRYDSAPATDGSGTALGWTVAWKNNYRNAHSATTWSGQYVGGAEARINTQWLLTSGTTEANAWKSTLVGHDTFTKVKPS
AASIDAAKKAGVNNGNPLDAVQQ
;
? 
2 PDB 1RSU      2 1RSU   ? ? ? 
# 
loop_
_struct_ref_seq.align_id 
_struct_ref_seq.ref_id 
_struct_ref_seq.pdbx_PDB_id_code 
_struct_ref_seq.pdbx_strand_id 
_struct_ref_seq.seq_align_beg 
_struct_ref_seq.pdbx_seq_align_beg_ins_code 
_struct_ref_seq.seq_align_end 
_struct_ref_seq.pdbx_seq_align_end_ins_code 
_struct_ref_seq.pdbx_db_accession 
_struct_ref_seq.db_align_beg 
_struct_ref_seq.pdbx_db_align_beg_ins_code 
_struct_ref_seq.db_align_end 
_struct_ref_seq.pdbx_db_align_end_ins_code 
_struct_ref_seq.pdbx_auth_seq_align_beg 
_struct_ref_seq.pdbx_auth_seq_align_end 
1 1 1RSU B 2 ? 127 ? P22629 38 ? 163 ? 14 139 
2 2 1RSU P 1 ? 10  ? 1RSU   0  ? 9   ? 0  9   
# 
_pdbx_struct_assembly.id                   1 
_pdbx_struct_assembly.details              author_defined_assembly 
_pdbx_struct_assembly.method_details       ? 
_pdbx_struct_assembly.oligomeric_details   octameric 
_pdbx_struct_assembly.oligomeric_count     8 
# 
_pdbx_struct_assembly_gen.assembly_id       1 
_pdbx_struct_assembly_gen.oper_expression   1,2,3,4 
_pdbx_struct_assembly_gen.asym_id_list      A,B,C,D 
# 
loop_
_pdbx_struct_oper_list.id 
_pdbx_struct_oper_list.type 
_pdbx_struct_oper_list.name 
_pdbx_struct_oper_list.symmetry_operation 
_pdbx_struct_oper_list.matrix[1][1] 
_pdbx_struct_oper_list.matrix[1][2] 
_pdbx_struct_oper_list.matrix[1][3] 
_pdbx_struct_oper_list.vector[1] 
_pdbx_struct_oper_list.matrix[2][1] 
_pdbx_struct_oper_list.matrix[2][2] 
_pdbx_struct_oper_list.matrix[2][3] 
_pdbx_struct_oper_list.vector[2] 
_pdbx_struct_oper_list.matrix[3][1] 
_pdbx_struct_oper_list.matrix[3][2] 
_pdbx_struct_oper_list.matrix[3][3] 
_pdbx_struct_oper_list.vector[3] 
1 'identity operation'         1_555  x,y,z      1.0000000000  0.0000000000  0.0000000000  0.0000000000 0.0000000000  1.0000000000  0.0000000000  0.0000000000  0.0000000000  0.0000000000  1.0000000000  0.0000000000   
2 'crystal symmetry operation' 10_555 -x,-y,z    0.9234168113  -0.3061084566 0.2315145901  5.4275024427 -0.3061084566 -0.9512833689 -0.0368451463 31.5674319331 0.2315145901  -0.0368451463 -0.9721334424 -3.3531000145  
3 'crystal symmetry operation' 15_556 y,x,-z+1   -0.9815289157 0.1748258989  0.0776974441  8.2183258896 0.1748258989  0.6546995479  0.7353940488  5.3380601138  0.0776974441  0.7353940488  -0.6731706322 -13.9648422284 
4 'crystal symmetry operation' 8_556  -y,-x,-z+1 -0.9418878957 0.1312825577  -0.3092120341 8.1493526638 0.1312825577  -0.7034161790 -0.6985489025 24.4882617261 -0.3092120341 -0.6985489025 0.6453040746  11.9285708766 
# 
_struct_biol.id   1 
# 
loop_
_struct_conf.conf_type_id 
_struct_conf.id 
_struct_conf.pdbx_PDB_helix_id 
_struct_conf.beg_label_comp_id 
_struct_conf.beg_label_asym_id 
_struct_conf.beg_label_seq_id 
_struct_conf.pdbx_beg_PDB_ins_code 
_struct_conf.end_label_comp_id 
_struct_conf.end_label_asym_id 
_struct_conf.end_label_seq_id 
_struct_conf.pdbx_end_PDB_ins_code 
_struct_conf.beg_auth_comp_id 
_struct_conf.beg_auth_asym_id 
_struct_conf.beg_auth_seq_id 
_struct_conf.end_auth_comp_id 
_struct_conf.end_auth_asym_id 
_struct_conf.end_auth_seq_id 
_struct_conf.pdbx_PDB_helix_class 
_struct_conf.details 
_struct_conf.pdbx_PDB_helix_length 
HELX_P HELX_P1 1 ALA A 38  ? SER A 40  ? ALA B 50  SER B 52  5 ? 3 
HELX_P HELX_P2 2 GLU A 104 ? LYS A 109 ? GLU B 116 LYS B 121 5 ? 6 
# 
_struct_conf_type.id          HELX_P 
_struct_conf_type.criteria    ? 
_struct_conf_type.reference   ? 
# 
_struct_sheet.id               A 
_struct_sheet.type             ? 
_struct_sheet.number_strands   8 
_struct_sheet.details          ? 
# 
loop_
_struct_sheet_order.sheet_id 
_struct_sheet_order.range_id_1 
_struct_sheet_order.range_id_2 
_struct_sheet_order.offset 
_struct_sheet_order.sense 
A 1 2 ? anti-parallel 
A 2 3 ? anti-parallel 
A 3 4 ? anti-parallel 
A 4 5 ? anti-parallel 
A 5 6 ? anti-parallel 
A 6 7 ? anti-parallel 
A 7 8 ? anti-parallel 
# 
loop_
_struct_sheet_range.sheet_id 
_struct_sheet_range.id 
_struct_sheet_range.beg_label_comp_id 
_struct_sheet_range.beg_label_asym_id 
_struct_sheet_range.beg_label_seq_id 
_struct_sheet_range.pdbx_beg_PDB_ins_code 
_struct_sheet_range.end_label_comp_id 
_struct_sheet_range.end_label_asym_id 
_struct_sheet_range.end_label_seq_id 
_struct_sheet_range.pdbx_end_PDB_ins_code 
_struct_sheet_range.beg_auth_comp_id 
_struct_sheet_range.beg_auth_asym_id 
_struct_sheet_range.beg_auth_seq_id 
_struct_sheet_range.end_auth_comp_id 
_struct_sheet_range.end_auth_asym_id 
_struct_sheet_range.end_auth_seq_id 
A 1 GLY A 7   ? TYR A 10  ? GLY B 19  TYR B 22  
A 2 THR A 16  ? ALA A 21  ? THR B 28  ALA B 33  
A 3 ALA A 26  ? GLU A 32  ? ALA B 38  GLU B 44  
A 4 TYR A 42  ? TYR A 48  ? TYR B 54  TYR B 60  
A 5 THR A 59  ? ALA A 66  ? THR B 71  ALA B 78  
A 6 SER A 76  ? VAL A 85  ? SER B 88  VAL B 97  
A 7 ARG A 91  ? SER A 100 ? ARG B 103 SER B 112 
A 8 THR A 111 ? THR A 119 ? THR B 123 THR B 131 
# 
loop_
_pdbx_struct_sheet_hbond.sheet_id 
_pdbx_struct_sheet_hbond.range_id_1 
_pdbx_struct_sheet_hbond.range_id_2 
_pdbx_struct_sheet_hbond.range_1_label_atom_id 
_pdbx_struct_sheet_hbond.range_1_label_comp_id 
_pdbx_struct_sheet_hbond.range_1_label_asym_id 
_pdbx_struct_sheet_hbond.range_1_label_seq_id 
_pdbx_struct_sheet_hbond.range_1_PDB_ins_code 
_pdbx_struct_sheet_hbond.range_1_auth_atom_id 
_pdbx_struct_sheet_hbond.range_1_auth_comp_id 
_pdbx_struct_sheet_hbond.range_1_auth_asym_id 
_pdbx_struct_sheet_hbond.range_1_auth_seq_id 
_pdbx_struct_sheet_hbond.range_2_label_atom_id 
_pdbx_struct_sheet_hbond.range_2_label_comp_id 
_pdbx_struct_sheet_hbond.range_2_label_asym_id 
_pdbx_struct_sheet_hbond.range_2_label_seq_id 
_pdbx_struct_sheet_hbond.range_2_PDB_ins_code 
_pdbx_struct_sheet_hbond.range_2_auth_atom_id 
_pdbx_struct_sheet_hbond.range_2_auth_comp_id 
_pdbx_struct_sheet_hbond.range_2_auth_asym_id 
_pdbx_struct_sheet_hbond.range_2_auth_seq_id 
A 1 2 O GLY A 7  ? O GLY B 19  N VAL A 19  ? N VAL B 31  
A 2 3 O THR A 16 ? O THR B 28  N GLU A 32  ? N GLU B 44  
A 3 4 O LEU A 27 ? O LEU B 39  N GLY A 46  ? N GLY B 58  
A 4 5 O THR A 45 ? O THR B 57  N THR A 64  ? N THR B 76  
A 5 6 O THR A 59 ? O THR B 71  N TYR A 84  ? N TYR B 96  
A 6 7 O ALA A 77 ? O ALA B 89  N THR A 99  ? N THR B 111 
A 7 8 O ILE A 92 ? O ILE B 104 N PHE A 118 ? N PHE B 130 
# 
_pdbx_validate_close_contact.id               1 
_pdbx_validate_close_contact.PDB_model_num    1 
_pdbx_validate_close_contact.auth_atom_id_1   HZ2 
_pdbx_validate_close_contact.auth_asym_id_1   B 
_pdbx_validate_close_contact.auth_comp_id_1   LYS 
_pdbx_validate_close_contact.auth_seq_id_1    132 
_pdbx_validate_close_contact.PDB_ins_code_1   ? 
_pdbx_validate_close_contact.label_alt_id_1   B 
_pdbx_validate_close_contact.auth_atom_id_2   H2 
_pdbx_validate_close_contact.auth_asym_id_2   B 
_pdbx_validate_close_contact.auth_comp_id_2   HOH 
_pdbx_validate_close_contact.auth_seq_id_2    290 
_pdbx_validate_close_contact.PDB_ins_code_2   ? 
_pdbx_validate_close_contact.label_alt_id_2   ? 
_pdbx_validate_close_contact.dist             1.34 
# 
loop_
_pdbx_struct_special_symmetry.id 
_pdbx_struct_special_symmetry.PDB_model_num 
_pdbx_struct_special_symmetry.auth_asym_id 
_pdbx_struct_special_symmetry.auth_comp_id 
_pdbx_struct_special_symmetry.auth_seq_id 
_pdbx_struct_special_symmetry.PDB_ins_code 
_pdbx_struct_special_symmetry.label_asym_id 
_pdbx_struct_special_symmetry.label_comp_id 
_pdbx_struct_special_symmetry.label_seq_id 
1 1 B HOH 201 ? C HOH . 
2 1 B HOH 202 ? C HOH . 
3 1 B HOH 203 ? C HOH . 
# 
loop_
_pdbx_unobs_or_zero_occ_residues.id 
_pdbx_unobs_or_zero_occ_residues.PDB_model_num 
_pdbx_unobs_or_zero_occ_residues.polymer_flag 
_pdbx_unobs_or_zero_occ_residues.occupancy_flag 
_pdbx_unobs_or_zero_occ_residues.auth_asym_id 
_pdbx_unobs_or_zero_occ_residues.auth_comp_id 
_pdbx_unobs_or_zero_occ_residues.auth_seq_id 
_pdbx_unobs_or_zero_occ_residues.PDB_ins_code 
_pdbx_unobs_or_zero_occ_residues.label_asym_id 
_pdbx_unobs_or_zero_occ_residues.label_comp_id 
_pdbx_unobs_or_zero_occ_residues.label_seq_id 
1 1 Y 1 B SER 136 ? A SER 124 
2 1 Y 1 B ALA 137 ? A ALA 125 
3 1 Y 1 B ALA 138 ? A ALA 126 
4 1 Y 1 B SER 139 ? A SER 127 
5 1 Y 1 P SER 0   ? B SER 1   
6 1 Y 1 P ASN 1   ? B ASN 2   
# 
loop_
_chem_comp_atom.comp_id 
_chem_comp_atom.atom_id 
_chem_comp_atom.type_symbol 
_chem_comp_atom.pdbx_aromatic_flag 
_chem_comp_atom.pdbx_stereo_config 
_chem_comp_atom.pdbx_ordinal 
ALA N    N N N 1   
ALA CA   C N S 2   
ALA C    C N N 3   
ALA O    O N N 4   
ALA CB   C N N 5   
ALA OXT  O N N 6   
ALA H    H N N 7   
ALA H2   H N N 8   
ALA HA   H N N 9   
ALA HB1  H N N 10  
ALA HB2  H N N 11  
ALA HB3  H N N 12  
ALA HXT  H N N 13  
ARG N    N N N 14  
ARG CA   C N S 15  
ARG C    C N N 16  
ARG O    O N N 17  
ARG CB   C N N 18  
ARG CG   C N N 19  
ARG CD   C N N 20  
ARG NE   N N N 21  
ARG CZ   C N N 22  
ARG NH1  N N N 23  
ARG NH2  N N N 24  
ARG OXT  O N N 25  
ARG H    H N N 26  
ARG H2   H N N 27  
ARG HA   H N N 28  
ARG HB2  H N N 29  
ARG HB3  H N N 30  
ARG HG2  H N N 31  
ARG HG3  H N N 32  
ARG HD2  H N N 33  
ARG HD3  H N N 34  
ARG HE   H N N 35  
ARG HH11 H N N 36  
ARG HH12 H N N 37  
ARG HH21 H N N 38  
ARG HH22 H N N 39  
ARG HXT  H N N 40  
ASN N    N N N 41  
ASN CA   C N S 42  
ASN C    C N N 43  
ASN O    O N N 44  
ASN CB   C N N 45  
ASN CG   C N N 46  
ASN OD1  O N N 47  
ASN ND2  N N N 48  
ASN OXT  O N N 49  
ASN H    H N N 50  
ASN H2   H N N 51  
ASN HA   H N N 52  
ASN HB2  H N N 53  
ASN HB3  H N N 54  
ASN HD21 H N N 55  
ASN HD22 H N N 56  
ASN HXT  H N N 57  
ASP N    N N N 58  
ASP CA   C N S 59  
ASP C    C N N 60  
ASP O    O N N 61  
ASP CB   C N N 62  
ASP CG   C N N 63  
ASP OD1  O N N 64  
ASP OD2  O N N 65  
ASP OXT  O N N 66  
ASP H    H N N 67  
ASP H2   H N N 68  
ASP HA   H N N 69  
ASP HB2  H N N 70  
ASP HB3  H N N 71  
ASP HD2  H N N 72  
ASP HXT  H N N 73  
GLN N    N N N 74  
GLN CA   C N S 75  
GLN C    C N N 76  
GLN O    O N N 77  
GLN CB   C N N 78  
GLN CG   C N N 79  
GLN CD   C N N 80  
GLN OE1  O N N 81  
GLN NE2  N N N 82  
GLN OXT  O N N 83  
GLN H    H N N 84  
GLN H2   H N N 85  
GLN HA   H N N 86  
GLN HB2  H N N 87  
GLN HB3  H N N 88  
GLN HG2  H N N 89  
GLN HG3  H N N 90  
GLN HE21 H N N 91  
GLN HE22 H N N 92  
GLN HXT  H N N 93  
GLU N    N N N 94  
GLU CA   C N S 95  
GLU C    C N N 96  
GLU O    O N N 97  
GLU CB   C N N 98  
GLU CG   C N N 99  
GLU CD   C N N 100 
GLU OE1  O N N 101 
GLU OE2  O N N 102 
GLU OXT  O N N 103 
GLU H    H N N 104 
GLU H2   H N N 105 
GLU HA   H N N 106 
GLU HB2  H N N 107 
GLU HB3  H N N 108 
GLU HG2  H N N 109 
GLU HG3  H N N 110 
GLU HE2  H N N 111 
GLU HXT  H N N 112 
GLY N    N N N 113 
GLY CA   C N N 114 
GLY C    C N N 115 
GLY O    O N N 116 
GLY OXT  O N N 117 
GLY H    H N N 118 
GLY H2   H N N 119 
GLY HA2  H N N 120 
GLY HA3  H N N 121 
GLY HXT  H N N 122 
HIS N    N N N 123 
HIS CA   C N S 124 
HIS C    C N N 125 
HIS O    O N N 126 
HIS CB   C N N 127 
HIS CG   C Y N 128 
HIS ND1  N Y N 129 
HIS CD2  C Y N 130 
HIS CE1  C Y N 131 
HIS NE2  N Y N 132 
HIS OXT  O N N 133 
HIS H    H N N 134 
HIS H2   H N N 135 
HIS HA   H N N 136 
HIS HB2  H N N 137 
HIS HB3  H N N 138 
HIS HD1  H N N 139 
HIS HD2  H N N 140 
HIS HE1  H N N 141 
HIS HE2  H N N 142 
HIS HXT  H N N 143 
HOH O    O N N 144 
HOH H1   H N N 145 
HOH H2   H N N 146 
ILE N    N N N 147 
ILE CA   C N S 148 
ILE C    C N N 149 
ILE O    O N N 150 
ILE CB   C N S 151 
ILE CG1  C N N 152 
ILE CG2  C N N 153 
ILE CD1  C N N 154 
ILE OXT  O N N 155 
ILE H    H N N 156 
ILE H2   H N N 157 
ILE HA   H N N 158 
ILE HB   H N N 159 
ILE HG12 H N N 160 
ILE HG13 H N N 161 
ILE HG21 H N N 162 
ILE HG22 H N N 163 
ILE HG23 H N N 164 
ILE HD11 H N N 165 
ILE HD12 H N N 166 
ILE HD13 H N N 167 
ILE HXT  H N N 168 
LEU N    N N N 169 
LEU CA   C N S 170 
LEU C    C N N 171 
LEU O    O N N 172 
LEU CB   C N N 173 
LEU CG   C N N 174 
LEU CD1  C N N 175 
LEU CD2  C N N 176 
LEU OXT  O N N 177 
LEU H    H N N 178 
LEU H2   H N N 179 
LEU HA   H N N 180 
LEU HB2  H N N 181 
LEU HB3  H N N 182 
LEU HG   H N N 183 
LEU HD11 H N N 184 
LEU HD12 H N N 185 
LEU HD13 H N N 186 
LEU HD21 H N N 187 
LEU HD22 H N N 188 
LEU HD23 H N N 189 
LEU HXT  H N N 190 
LYS N    N N N 191 
LYS CA   C N S 192 
LYS C    C N N 193 
LYS O    O N N 194 
LYS CB   C N N 195 
LYS CG   C N N 196 
LYS CD   C N N 197 
LYS CE   C N N 198 
LYS NZ   N N N 199 
LYS OXT  O N N 200 
LYS H    H N N 201 
LYS H2   H N N 202 
LYS HA   H N N 203 
LYS HB2  H N N 204 
LYS HB3  H N N 205 
LYS HG2  H N N 206 
LYS HG3  H N N 207 
LYS HD2  H N N 208 
LYS HD3  H N N 209 
LYS HE2  H N N 210 
LYS HE3  H N N 211 
LYS HZ1  H N N 212 
LYS HZ2  H N N 213 
LYS HZ3  H N N 214 
LYS HXT  H N N 215 
MET N    N N N 216 
MET CA   C N S 217 
MET C    C N N 218 
MET O    O N N 219 
MET CB   C N N 220 
MET CG   C N N 221 
MET SD   S N N 222 
MET CE   C N N 223 
MET OXT  O N N 224 
MET H    H N N 225 
MET H2   H N N 226 
MET HA   H N N 227 
MET HB2  H N N 228 
MET HB3  H N N 229 
MET HG2  H N N 230 
MET HG3  H N N 231 
MET HE1  H N N 232 
MET HE2  H N N 233 
MET HE3  H N N 234 
MET HXT  H N N 235 
PHE N    N N N 236 
PHE CA   C N S 237 
PHE C    C N N 238 
PHE O    O N N 239 
PHE CB   C N N 240 
PHE CG   C Y N 241 
PHE CD1  C Y N 242 
PHE CD2  C Y N 243 
PHE CE1  C Y N 244 
PHE CE2  C Y N 245 
PHE CZ   C Y N 246 
PHE OXT  O N N 247 
PHE H    H N N 248 
PHE H2   H N N 249 
PHE HA   H N N 250 
PHE HB2  H N N 251 
PHE HB3  H N N 252 
PHE HD1  H N N 253 
PHE HD2  H N N 254 
PHE HE1  H N N 255 
PHE HE2  H N N 256 
PHE HZ   H N N 257 
PHE HXT  H N N 258 
PRO N    N N N 259 
PRO CA   C N S 260 
PRO C    C N N 261 
PRO O    O N N 262 
PRO CB   C N N 263 
PRO CG   C N N 264 
PRO CD   C N N 265 
PRO OXT  O N N 266 
PRO H    H N N 267 
PRO HA   H N N 268 
PRO HB2  H N N 269 
PRO HB3  H N N 270 
PRO HG2  H N N 271 
PRO HG3  H N N 272 
PRO HD2  H N N 273 
PRO HD3  H N N 274 
PRO HXT  H N N 275 
SER N    N N N 276 
SER CA   C N S 277 
SER C    C N N 278 
SER O    O N N 279 
SER CB   C N N 280 
SER OG   O N N 281 
SER OXT  O N N 282 
SER H    H N N 283 
SER H2   H N N 284 
SER HA   H N N 285 
SER HB2  H N N 286 
SER HB3  H N N 287 
SER HG   H N N 288 
SER HXT  H N N 289 
THR N    N N N 290 
THR CA   C N S 291 
THR C    C N N 292 
THR O    O N N 293 
THR CB   C N R 294 
THR OG1  O N N 295 
THR CG2  C N N 296 
THR OXT  O N N 297 
THR H    H N N 298 
THR H2   H N N 299 
THR HA   H N N 300 
THR HB   H N N 301 
THR HG1  H N N 302 
THR HG21 H N N 303 
THR HG22 H N N 304 
THR HG23 H N N 305 
THR HXT  H N N 306 
TRP N    N N N 307 
TRP CA   C N S 308 
TRP C    C N N 309 
TRP O    O N N 310 
TRP CB   C N N 311 
TRP CG   C Y N 312 
TRP CD1  C Y N 313 
TRP CD2  C Y N 314 
TRP NE1  N Y N 315 
TRP CE2  C Y N 316 
TRP CE3  C Y N 317 
TRP CZ2  C Y N 318 
TRP CZ3  C Y N 319 
TRP CH2  C Y N 320 
TRP OXT  O N N 321 
TRP H    H N N 322 
TRP H2   H N N 323 
TRP HA   H N N 324 
TRP HB2  H N N 325 
TRP HB3  H N N 326 
TRP HD1  H N N 327 
TRP HE1  H N N 328 
TRP HE3  H N N 329 
TRP HZ2  H N N 330 
TRP HZ3  H N N 331 
TRP HH2  H N N 332 
TRP HXT  H N N 333 
TYR N    N N N 334 
TYR CA   C N S 335 
TYR C    C N N 336 
TYR O    O N N 337 
TYR CB   C N N 338 
TYR CG   C Y N 339 
TYR CD1  C Y N 340 
TYR CD2  C Y N 341 
TYR CE1  C Y N 342 
TYR CE2  C Y N 343 
TYR CZ   C Y N 344 
TYR OH   O N N 345 
TYR OXT  O N N 346 
TYR H    H N N 347 
TYR H2   H N N 348 
TYR HA   H N N 349 
TYR HB2  H N N 350 
TYR HB3  H N N 351 
TYR HD1  H N N 352 
TYR HD2  H N N 353 
TYR HE1  H N N 354 
TYR HE2  H N N 355 
TYR HH   H N N 356 
TYR HXT  H N N 357 
VAL N    N N N 358 
VAL CA   C N S 359 
VAL C    C N N 360 
VAL O    O N N 361 
VAL CB   C N N 362 
VAL CG1  C N N 363 
VAL CG2  C N N 364 
VAL OXT  O N N 365 
VAL H    H N N 366 
VAL H2   H N N 367 
VAL HA   H N N 368 
VAL HB   H N N 369 
VAL HG11 H N N 370 
VAL HG12 H N N 371 
VAL HG13 H N N 372 
VAL HG21 H N N 373 
VAL HG22 H N N 374 
VAL HG23 H N N 375 
VAL HXT  H N N 376 
# 
loop_
_chem_comp_bond.comp_id 
_chem_comp_bond.atom_id_1 
_chem_comp_bond.atom_id_2 
_chem_comp_bond.value_order 
_chem_comp_bond.pdbx_aromatic_flag 
_chem_comp_bond.pdbx_stereo_config 
_chem_comp_bond.pdbx_ordinal 
ALA N   CA   sing N N 1   
ALA N   H    sing N N 2   
ALA N   H2   sing N N 3   
ALA CA  C    sing N N 4   
ALA CA  CB   sing N N 5   
ALA CA  HA   sing N N 6   
ALA C   O    doub N N 7   
ALA C   OXT  sing N N 8   
ALA CB  HB1  sing N N 9   
ALA CB  HB2  sing N N 10  
ALA CB  HB3  sing N N 11  
ALA OXT HXT  sing N N 12  
ARG N   CA   sing N N 13  
ARG N   H    sing N N 14  
ARG N   H2   sing N N 15  
ARG CA  C    sing N N 16  
ARG CA  CB   sing N N 17  
ARG CA  HA   sing N N 18  
ARG C   O    doub N N 19  
ARG C   OXT  sing N N 20  
ARG CB  CG   sing N N 21  
ARG CB  HB2  sing N N 22  
ARG CB  HB3  sing N N 23  
ARG CG  CD   sing N N 24  
ARG CG  HG2  sing N N 25  
ARG CG  HG3  sing N N 26  
ARG CD  NE   sing N N 27  
ARG CD  HD2  sing N N 28  
ARG CD  HD3  sing N N 29  
ARG NE  CZ   sing N N 30  
ARG NE  HE   sing N N 31  
ARG CZ  NH1  sing N N 32  
ARG CZ  NH2  doub N N 33  
ARG NH1 HH11 sing N N 34  
ARG NH1 HH12 sing N N 35  
ARG NH2 HH21 sing N N 36  
ARG NH2 HH22 sing N N 37  
ARG OXT HXT  sing N N 38  
ASN N   CA   sing N N 39  
ASN N   H    sing N N 40  
ASN N   H2   sing N N 41  
ASN CA  C    sing N N 42  
ASN CA  CB   sing N N 43  
ASN CA  HA   sing N N 44  
ASN C   O    doub N N 45  
ASN C   OXT  sing N N 46  
ASN CB  CG   sing N N 47  
ASN CB  HB2  sing N N 48  
ASN CB  HB3  sing N N 49  
ASN CG  OD1  doub N N 50  
ASN CG  ND2  sing N N 51  
ASN ND2 HD21 sing N N 52  
ASN ND2 HD22 sing N N 53  
ASN OXT HXT  sing N N 54  
ASP N   CA   sing N N 55  
ASP N   H    sing N N 56  
ASP N   H2   sing N N 57  
ASP CA  C    sing N N 58  
ASP CA  CB   sing N N 59  
ASP CA  HA   sing N N 60  
ASP C   O    doub N N 61  
ASP C   OXT  sing N N 62  
ASP CB  CG   sing N N 63  
ASP CB  HB2  sing N N 64  
ASP CB  HB3  sing N N 65  
ASP CG  OD1  doub N N 66  
ASP CG  OD2  sing N N 67  
ASP OD2 HD2  sing N N 68  
ASP OXT HXT  sing N N 69  
GLN N   CA   sing N N 70  
GLN N   H    sing N N 71  
GLN N   H2   sing N N 72  
GLN CA  C    sing N N 73  
GLN CA  CB   sing N N 74  
GLN CA  HA   sing N N 75  
GLN C   O    doub N N 76  
GLN C   OXT  sing N N 77  
GLN CB  CG   sing N N 78  
GLN CB  HB2  sing N N 79  
GLN CB  HB3  sing N N 80  
GLN CG  CD   sing N N 81  
GLN CG  HG2  sing N N 82  
GLN CG  HG3  sing N N 83  
GLN CD  OE1  doub N N 84  
GLN CD  NE2  sing N N 85  
GLN NE2 HE21 sing N N 86  
GLN NE2 HE22 sing N N 87  
GLN OXT HXT  sing N N 88  
GLU N   CA   sing N N 89  
GLU N   H    sing N N 90  
GLU N   H2   sing N N 91  
GLU CA  C    sing N N 92  
GLU CA  CB   sing N N 93  
GLU CA  HA   sing N N 94  
GLU C   O    doub N N 95  
GLU C   OXT  sing N N 96  
GLU CB  CG   sing N N 97  
GLU CB  HB2  sing N N 98  
GLU CB  HB3  sing N N 99  
GLU CG  CD   sing N N 100 
GLU CG  HG2  sing N N 101 
GLU CG  HG3  sing N N 102 
GLU CD  OE1  doub N N 103 
GLU CD  OE2  sing N N 104 
GLU OE2 HE2  sing N N 105 
GLU OXT HXT  sing N N 106 
GLY N   CA   sing N N 107 
GLY N   H    sing N N 108 
GLY N   H2   sing N N 109 
GLY CA  C    sing N N 110 
GLY CA  HA2  sing N N 111 
GLY CA  HA3  sing N N 112 
GLY C   O    doub N N 113 
GLY C   OXT  sing N N 114 
GLY OXT HXT  sing N N 115 
HIS N   CA   sing N N 116 
HIS N   H    sing N N 117 
HIS N   H2   sing N N 118 
HIS CA  C    sing N N 119 
HIS CA  CB   sing N N 120 
HIS CA  HA   sing N N 121 
HIS C   O    doub N N 122 
HIS C   OXT  sing N N 123 
HIS CB  CG   sing N N 124 
HIS CB  HB2  sing N N 125 
HIS CB  HB3  sing N N 126 
HIS CG  ND1  sing Y N 127 
HIS CG  CD2  doub Y N 128 
HIS ND1 CE1  doub Y N 129 
HIS ND1 HD1  sing N N 130 
HIS CD2 NE2  sing Y N 131 
HIS CD2 HD2  sing N N 132 
HIS CE1 NE2  sing Y N 133 
HIS CE1 HE1  sing N N 134 
HIS NE2 HE2  sing N N 135 
HIS OXT HXT  sing N N 136 
HOH O   H1   sing N N 137 
HOH O   H2   sing N N 138 
ILE N   CA   sing N N 139 
ILE N   H    sing N N 140 
ILE N   H2   sing N N 141 
ILE CA  C    sing N N 142 
ILE CA  CB   sing N N 143 
ILE CA  HA   sing N N 144 
ILE C   O    doub N N 145 
ILE C   OXT  sing N N 146 
ILE CB  CG1  sing N N 147 
ILE CB  CG2  sing N N 148 
ILE CB  HB   sing N N 149 
ILE CG1 CD1  sing N N 150 
ILE CG1 HG12 sing N N 151 
ILE CG1 HG13 sing N N 152 
ILE CG2 HG21 sing N N 153 
ILE CG2 HG22 sing N N 154 
ILE CG2 HG23 sing N N 155 
ILE CD1 HD11 sing N N 156 
ILE CD1 HD12 sing N N 157 
ILE CD1 HD13 sing N N 158 
ILE OXT HXT  sing N N 159 
LEU N   CA   sing N N 160 
LEU N   H    sing N N 161 
LEU N   H2   sing N N 162 
LEU CA  C    sing N N 163 
LEU CA  CB   sing N N 164 
LEU CA  HA   sing N N 165 
LEU C   O    doub N N 166 
LEU C   OXT  sing N N 167 
LEU CB  CG   sing N N 168 
LEU CB  HB2  sing N N 169 
LEU CB  HB3  sing N N 170 
LEU CG  CD1  sing N N 171 
LEU CG  CD2  sing N N 172 
LEU CG  HG   sing N N 173 
LEU CD1 HD11 sing N N 174 
LEU CD1 HD12 sing N N 175 
LEU CD1 HD13 sing N N 176 
LEU CD2 HD21 sing N N 177 
LEU CD2 HD22 sing N N 178 
LEU CD2 HD23 sing N N 179 
LEU OXT HXT  sing N N 180 
LYS N   CA   sing N N 181 
LYS N   H    sing N N 182 
LYS N   H2   sing N N 183 
LYS CA  C    sing N N 184 
LYS CA  CB   sing N N 185 
LYS CA  HA   sing N N 186 
LYS C   O    doub N N 187 
LYS C   OXT  sing N N 188 
LYS CB  CG   sing N N 189 
LYS CB  HB2  sing N N 190 
LYS CB  HB3  sing N N 191 
LYS CG  CD   sing N N 192 
LYS CG  HG2  sing N N 193 
LYS CG  HG3  sing N N 194 
LYS CD  CE   sing N N 195 
LYS CD  HD2  sing N N 196 
LYS CD  HD3  sing N N 197 
LYS CE  NZ   sing N N 198 
LYS CE  HE2  sing N N 199 
LYS CE  HE3  sing N N 200 
LYS NZ  HZ1  sing N N 201 
LYS NZ  HZ2  sing N N 202 
LYS NZ  HZ3  sing N N 203 
LYS OXT HXT  sing N N 204 
MET N   CA   sing N N 205 
MET N   H    sing N N 206 
MET N   H2   sing N N 207 
MET CA  C    sing N N 208 
MET CA  CB   sing N N 209 
MET CA  HA   sing N N 210 
MET C   O    doub N N 211 
MET C   OXT  sing N N 212 
MET CB  CG   sing N N 213 
MET CB  HB2  sing N N 214 
MET CB  HB3  sing N N 215 
MET CG  SD   sing N N 216 
MET CG  HG2  sing N N 217 
MET CG  HG3  sing N N 218 
MET SD  CE   sing N N 219 
MET CE  HE1  sing N N 220 
MET CE  HE2  sing N N 221 
MET CE  HE3  sing N N 222 
MET OXT HXT  sing N N 223 
PHE N   CA   sing N N 224 
PHE N   H    sing N N 225 
PHE N   H2   sing N N 226 
PHE CA  C    sing N N 227 
PHE CA  CB   sing N N 228 
PHE CA  HA   sing N N 229 
PHE C   O    doub N N 230 
PHE C   OXT  sing N N 231 
PHE CB  CG   sing N N 232 
PHE CB  HB2  sing N N 233 
PHE CB  HB3  sing N N 234 
PHE CG  CD1  doub Y N 235 
PHE CG  CD2  sing Y N 236 
PHE CD1 CE1  sing Y N 237 
PHE CD1 HD1  sing N N 238 
PHE CD2 CE2  doub Y N 239 
PHE CD2 HD2  sing N N 240 
PHE CE1 CZ   doub Y N 241 
PHE CE1 HE1  sing N N 242 
PHE CE2 CZ   sing Y N 243 
PHE CE2 HE2  sing N N 244 
PHE CZ  HZ   sing N N 245 
PHE OXT HXT  sing N N 246 
PRO N   CA   sing N N 247 
PRO N   CD   sing N N 248 
PRO N   H    sing N N 249 
PRO CA  C    sing N N 250 
PRO CA  CB   sing N N 251 
PRO CA  HA   sing N N 252 
PRO C   O    doub N N 253 
PRO C   OXT  sing N N 254 
PRO CB  CG   sing N N 255 
PRO CB  HB2  sing N N 256 
PRO CB  HB3  sing N N 257 
PRO CG  CD   sing N N 258 
PRO CG  HG2  sing N N 259 
PRO CG  HG3  sing N N 260 
PRO CD  HD2  sing N N 261 
PRO CD  HD3  sing N N 262 
PRO OXT HXT  sing N N 263 
SER N   CA   sing N N 264 
SER N   H    sing N N 265 
SER N   H2   sing N N 266 
SER CA  C    sing N N 267 
SER CA  CB   sing N N 268 
SER CA  HA   sing N N 269 
SER C   O    doub N N 270 
SER C   OXT  sing N N 271 
SER CB  OG   sing N N 272 
SER CB  HB2  sing N N 273 
SER CB  HB3  sing N N 274 
SER OG  HG   sing N N 275 
SER OXT HXT  sing N N 276 
THR N   CA   sing N N 277 
THR N   H    sing N N 278 
THR N   H2   sing N N 279 
THR CA  C    sing N N 280 
THR CA  CB   sing N N 281 
THR CA  HA   sing N N 282 
THR C   O    doub N N 283 
THR C   OXT  sing N N 284 
THR CB  OG1  sing N N 285 
THR CB  CG2  sing N N 286 
THR CB  HB   sing N N 287 
THR OG1 HG1  sing N N 288 
THR CG2 HG21 sing N N 289 
THR CG2 HG22 sing N N 290 
THR CG2 HG23 sing N N 291 
THR OXT HXT  sing N N 292 
TRP N   CA   sing N N 293 
TRP N   H    sing N N 294 
TRP N   H2   sing N N 295 
TRP CA  C    sing N N 296 
TRP CA  CB   sing N N 297 
TRP CA  HA   sing N N 298 
TRP C   O    doub N N 299 
TRP C   OXT  sing N N 300 
TRP CB  CG   sing N N 301 
TRP CB  HB2  sing N N 302 
TRP CB  HB3  sing N N 303 
TRP CG  CD1  doub Y N 304 
TRP CG  CD2  sing Y N 305 
TRP CD1 NE1  sing Y N 306 
TRP CD1 HD1  sing N N 307 
TRP CD2 CE2  doub Y N 308 
TRP CD2 CE3  sing Y N 309 
TRP NE1 CE2  sing Y N 310 
TRP NE1 HE1  sing N N 311 
TRP CE2 CZ2  sing Y N 312 
TRP CE3 CZ3  doub Y N 313 
TRP CE3 HE3  sing N N 314 
TRP CZ2 CH2  doub Y N 315 
TRP CZ2 HZ2  sing N N 316 
TRP CZ3 CH2  sing Y N 317 
TRP CZ3 HZ3  sing N N 318 
TRP CH2 HH2  sing N N 319 
TRP OXT HXT  sing N N 320 
TYR N   CA   sing N N 321 
TYR N   H    sing N N 322 
TYR N   H2   sing N N 323 
TYR CA  C    sing N N 324 
TYR CA  CB   sing N N 325 
TYR CA  HA   sing N N 326 
TYR C   O    doub N N 327 
TYR C   OXT  sing N N 328 
TYR CB  CG   sing N N 329 
TYR CB  HB2  sing N N 330 
TYR CB  HB3  sing N N 331 
TYR CG  CD1  doub Y N 332 
TYR CG  CD2  sing Y N 333 
TYR CD1 CE1  sing Y N 334 
TYR CD1 HD1  sing N N 335 
TYR CD2 CE2  doub Y N 336 
TYR CD2 HD2  sing N N 337 
TYR CE1 CZ   doub Y N 338 
TYR CE1 HE1  sing N N 339 
TYR CE2 CZ   sing Y N 340 
TYR CE2 HE2  sing N N 341 
TYR CZ  OH   sing N N 342 
TYR OH  HH   sing N N 343 
TYR OXT HXT  sing N N 344 
VAL N   CA   sing N N 345 
VAL N   H    sing N N 346 
VAL N   H2   sing N N 347 
VAL CA  C    sing N N 348 
VAL CA  CB   sing N N 349 
VAL CA  HA   sing N N 350 
VAL C   O    doub N N 351 
VAL C   OXT  sing N N 352 
VAL CB  CG1  sing N N 353 
VAL CB  CG2  sing N N 354 
VAL CB  HB   sing N N 355 
VAL CG1 HG11 sing N N 356 
VAL CG1 HG12 sing N N 357 
VAL CG1 HG13 sing N N 358 
VAL CG2 HG21 sing N N 359 
VAL CG2 HG22 sing N N 360 
VAL CG2 HG23 sing N N 361 
VAL OXT HXT  sing N N 362 
# 
_atom_sites.entry_id                    1RSU 
_atom_sites.fract_transf_matrix[1][1]   -0.00322745 
_atom_sites.fract_transf_matrix[1][2]   -0.01567565 
_atom_sites.fract_transf_matrix[1][3]   0.00608726 
_atom_sites.fract_transf_matrix[2][1]   0.00090029 
_atom_sites.fract_transf_matrix[2][2]   -0.00635055 
_atom_sites.fract_transf_matrix[2][3]   -0.01587631 
_atom_sites.fract_transf_matrix[3][1]   0.00555646 
_atom_sites.fract_transf_matrix[3][2]   -0.00088430 
_atom_sites.fract_transf_matrix[3][3]   0.00066881 
_atom_sites.fract_transf_vector[1]      0.266384 
_atom_sites.fract_transf_vector[2]      0.071175 
_atom_sites.fract_transf_vector[3]      0.484222 
# 
loop_
_atom_type.symbol 
C 
H 
N 
O 
S 
# 
loop_
_atom_site.group_PDB 
_atom_site.id 
_atom_site.type_symbol 
_atom_site.label_atom_id 
_atom_site.label_alt_id 
_atom_site.label_comp_id 
_atom_site.label_asym_id 
_atom_site.label_entity_id 
_atom_site.label_seq_id 
_atom_site.pdbx_PDB_ins_code 
_atom_site.Cartn_x 
_atom_site.Cartn_y 
_atom_site.Cartn_z 
_atom_site.occupancy 
_atom_site.B_iso_or_equiv 
_atom_site.pdbx_formal_charge 
_atom_site.auth_seq_id 
_atom_site.auth_comp_id 
_atom_site.auth_asym_id 
_atom_site.auth_atom_id 
_atom_site.pdbx_PDB_model_num 
ATOM   1    N N    . MET A 1 1   ? 10.800  -13.661 -1.584  1.00 89.85 ? 13  MET B N    1 
ATOM   2    C CA   . MET A 1 1   ? 11.688  -14.430 -0.670  1.00 89.03 ? 13  MET B CA   1 
ATOM   3    C C    . MET A 1 1   ? 11.598  -13.826 0.714   1.00 87.83 ? 13  MET B C    1 
ATOM   4    O O    . MET A 1 1   ? 11.887  -14.499 1.712   1.00 89.31 ? 13  MET B O    1 
ATOM   5    C CB   . MET A 1 1   ? 13.152  -14.409 -1.158  1.00 90.54 ? 13  MET B CB   1 
ATOM   6    C CG   . MET A 1 1   ? 13.869  -13.034 -1.141  1.00 90.92 ? 13  MET B CG   1 
ATOM   7    S SD   . MET A 1 1   ? 14.343  -12.406 0.508   1.00 92.30 ? 13  MET B SD   1 
ATOM   8    C CE   . MET A 1 1   ? 14.448  -10.703 0.199   1.00 89.31 ? 13  MET B CE   1 
ATOM   9    H H1   . MET A 1 1   ? 9.828   -13.675 -1.185  1.00 0.00  ? 13  MET B H1   1 
ATOM   10   H H2   . MET A 1 1   ? 11.077  -12.660 -1.706  1.00 0.00  ? 13  MET B H2   1 
ATOM   11   H H3   . MET A 1 1   ? 10.774  -14.122 -2.498  1.00 0.00  ? 13  MET B H3   1 
ATOM   12   N N    . GLU A 1 2   ? 11.208  -12.550 0.771   1.00 84.66 ? 14  GLU B N    1 
ATOM   13   C CA   . GLU A 1 2   ? 11.089  -11.859 2.043   1.00 79.90 ? 14  GLU B CA   1 
ATOM   14   C C    . GLU A 1 2   ? 9.849   -12.285 2.822   1.00 75.88 ? 14  GLU B C    1 
ATOM   15   O O    . GLU A 1 2   ? 8.737   -11.764 2.633   1.00 73.93 ? 14  GLU B O    1 
ATOM   16   C CB   . GLU A 1 2   ? 11.139  -10.343 1.870   1.00 80.58 ? 14  GLU B CB   1 
ATOM   17   C CG   . GLU A 1 2   ? 12.200  -9.682  2.734   1.00 81.02 ? 14  GLU B CG   1 
ATOM   18   C CD   . GLU A 1 2   ? 11.988  -9.907  4.227   1.00 81.44 ? 14  GLU B CD   1 
ATOM   19   O OE1  . GLU A 1 2   ? 12.305  -11.004 4.724   1.00 81.36 ? 14  GLU B OE1  1 
ATOM   20   O OE2  . GLU A 1 2   ? 11.512  -8.977  4.909   1.00 81.47 ? 14  GLU B OE2  1 
ATOM   21   H H    . GLU A 1 2   ? 10.962  -12.032 -0.016  1.00 0.00  ? 14  GLU B H    1 
ATOM   22   N N    . ALA A 1 3   ? 10.061  -13.301 3.653   1.00 70.66 ? 15  ALA B N    1 
ATOM   23   C CA   . ALA A 1 3   ? 9.034   -13.843 4.512   1.00 64.11 ? 15  ALA B CA   1 
ATOM   24   C C    . ALA A 1 3   ? 8.687   -12.715 5.478   1.00 58.84 ? 15  ALA B C    1 
ATOM   25   O O    . ALA A 1 3   ? 7.521   -12.556 5.867   1.00 61.14 ? 15  ALA B O    1 
ATOM   26   C CB   . ALA A 1 3   ? 9.580   -15.051 5.272   1.00 64.79 ? 15  ALA B CB   1 
ATOM   27   H H    . ALA A 1 3   ? 10.949  -13.726 3.648   1.00 0.00  ? 15  ALA B H    1 
ATOM   28   N N    . GLY A 1 4   ? 9.701   -11.918 5.831   1.00 49.15 ? 16  GLY B N    1 
ATOM   29   C CA   . GLY A 1 4   ? 9.498   -10.805 6.735   1.00 37.41 ? 16  GLY B CA   1 
ATOM   30   C C    . GLY A 1 4   ? 8.391   -9.897  6.243   1.00 30.63 ? 16  GLY B C    1 
ATOM   31   O O    . GLY A 1 4   ? 7.580   -9.412  7.031   1.00 29.50 ? 16  GLY B O    1 
ATOM   32   H H    . GLY A 1 4   ? 10.593  -12.117 5.486   1.00 0.00  ? 16  GLY B H    1 
ATOM   33   N N    . ILE A 1 5   ? 8.339   -9.697  4.931   1.00 23.67 ? 17  ILE B N    1 
ATOM   34   C CA   . ILE A 1 5   ? 7.335   -8.840  4.330   1.00 20.13 ? 17  ILE B CA   1 
ATOM   35   C C    . ILE A 1 5   ? 6.036   -9.564  4.009   1.00 19.18 ? 17  ILE B C    1 
ATOM   36   O O    . ILE A 1 5   ? 4.957   -8.994  4.106   1.00 17.64 ? 17  ILE B O    1 
ATOM   37   C CB   . ILE A 1 5   ? 7.896   -8.173  3.043   1.00 21.12 ? 17  ILE B CB   1 
ATOM   38   C CG1  . ILE A 1 5   ? 9.012   -7.177  3.430   1.00 21.92 ? 17  ILE B CG1  1 
ATOM   39   C CG2  . ILE A 1 5   ? 6.754   -7.495  2.238   1.00 19.34 ? 17  ILE B CG2  1 
ATOM   40   C CD1  . ILE A 1 5   ? 9.900   -6.701  2.283   1.00 21.65 ? 17  ILE B CD1  1 
ATOM   41   H H    . ILE A 1 5   ? 8.981   -10.151 4.354   1.00 15.00 ? 17  ILE B H    1 
ATOM   42   N N    . THR A 1 6   ? 6.139   -10.810 3.573   1.00 19.21 ? 18  THR B N    1 
ATOM   43   C CA   . THR A 1 6   ? 4.957   -11.571 3.203   1.00 18.34 ? 18  THR B CA   1 
ATOM   44   C C    . THR A 1 6   ? 4.022   -11.709 4.394   1.00 18.87 ? 18  THR B C    1 
ATOM   45   O O    . THR A 1 6   ? 4.450   -12.039 5.511   1.00 19.53 ? 18  THR B O    1 
ATOM   46   C CB   . THR A 1 6   ? 5.351   -12.953 2.663   1.00 19.47 ? 18  THR B CB   1 
ATOM   47   O OG1  . THR A 1 6   ? 6.060   -12.792 1.434   1.00 19.08 ? 18  THR B OG1  1 
ATOM   48   C CG2  . THR A 1 6   ? 4.108   -13.818 2.415   1.00 19.08 ? 18  THR B CG2  1 
ATOM   49   H H    . THR A 1 6   ? 7.015   -11.234 3.535   1.00 15.00 ? 18  THR B H    1 
ATOM   50   H HG1  . THR A 1 6   ? 6.921   -12.410 1.680   1.00 15.00 ? 18  THR B HG1  1 
ATOM   51   N N    . GLY A 1 7   ? 2.754   -11.406 4.168   1.00 17.22 ? 19  GLY B N    1 
ATOM   52   C CA   . GLY A 1 7   ? 1.804   -11.499 5.252   1.00 19.03 ? 19  GLY B CA   1 
ATOM   53   C C    . GLY A 1 7   ? 0.765   -10.405 5.193   1.00 17.58 ? 19  GLY B C    1 
ATOM   54   O O    . GLY A 1 7   ? 0.595   -9.745  4.167   1.00 17.38 ? 19  GLY B O    1 
ATOM   55   H H    . GLY A 1 7   ? 2.434   -11.100 3.292   1.00 15.00 ? 19  GLY B H    1 
ATOM   56   N N    . THR A 1 8   ? 0.063   -10.254 6.309   1.00 17.89 ? 20  THR B N    1 
ATOM   57   C CA   . THR A 1 8   ? -1.001  -9.279  6.487   1.00 17.09 ? 20  THR B CA   1 
ATOM   58   C C    . THR A 1 8   ? -0.504  -8.099  7.332   1.00 17.32 ? 20  THR B C    1 
ATOM   59   O O    . THR A 1 8   ? 0.128   -8.273  8.366   1.00 16.38 ? 20  THR B O    1 
ATOM   60   C CB   . THR A 1 8   ? -2.230  -9.955  7.149   1.00 16.33 ? 20  THR B CB   1 
ATOM   61   O OG1  . THR A 1 8   ? -2.620  -11.084 6.353   1.00 19.38 ? 20  THR B OG1  1 
ATOM   62   C CG2  . THR A 1 8   ? -3.408  -8.976  7.269   1.00 15.57 ? 20  THR B CG2  1 
ATOM   63   H H    . THR A 1 8   ? 0.256   -10.854 7.062   1.00 15.00 ? 20  THR B H    1 
ATOM   64   H HG1  . THR A 1 8   ? -3.358  -11.510 6.792   1.00 15.00 ? 20  THR B HG1  1 
ATOM   65   N N    . TRP A 1 9   ? -0.758  -6.890  6.840   1.00 16.71 ? 21  TRP B N    1 
ATOM   66   C CA   . TRP A 1 9   ? -0.347  -5.657  7.503   1.00 16.40 ? 21  TRP B CA   1 
ATOM   67   C C    . TRP A 1 9   ? -1.570  -4.756  7.720   1.00 15.21 ? 21  TRP B C    1 
ATOM   68   O O    . TRP A 1 9   ? -2.548  -4.800  6.953   1.00 15.66 ? 21  TRP B O    1 
ATOM   69   C CB   . TRP A 1 9   ? 0.704   -4.932  6.650   1.00 16.55 ? 21  TRP B CB   1 
ATOM   70   C CG   . TRP A 1 9   ? 1.956   -5.693  6.494   1.00 14.73 ? 21  TRP B CG   1 
ATOM   71   C CD1  . TRP A 1 9   ? 2.240   -6.627  5.542   1.00 13.50 ? 21  TRP B CD1  1 
ATOM   72   C CD2  . TRP A 1 9   ? 3.132   -5.567  7.309   1.00 15.80 ? 21  TRP B CD2  1 
ATOM   73   N NE1  . TRP A 1 9   ? 3.533   -7.085  5.709   1.00 12.80 ? 21  TRP B NE1  1 
ATOM   74   C CE2  . TRP A 1 9   ? 4.100   -6.449  6.784   1.00 14.57 ? 21  TRP B CE2  1 
ATOM   75   C CE3  . TRP A 1 9   ? 3.459   -4.785  8.437   1.00 13.97 ? 21  TRP B CE3  1 
ATOM   76   C CZ2  . TRP A 1 9   ? 5.389   -6.575  7.349   1.00 16.37 ? 21  TRP B CZ2  1 
ATOM   77   C CZ3  . TRP A 1 9   ? 4.741   -4.909  8.999   1.00 13.51 ? 21  TRP B CZ3  1 
ATOM   78   C CH2  . TRP A 1 9   ? 5.683   -5.793  8.455   1.00 14.34 ? 21  TRP B CH2  1 
ATOM   79   H H    . TRP A 1 9   ? -1.235  -6.811  5.988   1.00 15.00 ? 21  TRP B H    1 
ATOM   80   H HE1  . TRP A 1 9   ? 3.960   -7.774  5.159   1.00 15.00 ? 21  TRP B HE1  1 
ATOM   81   N N    . TYR A 1 10  ? -1.520  -3.947  8.763   1.00 15.11 ? 22  TYR B N    1 
ATOM   82   C CA   . TYR A 1 10  ? -2.643  -3.075  9.064   1.00 16.03 ? 22  TYR B CA   1 
ATOM   83   C C    . TYR A 1 10  ? -2.105  -1.688  9.302   1.00 16.90 ? 22  TYR B C    1 
ATOM   84   O O    . TYR A 1 10  ? -1.050  -1.542  9.920   1.00 17.09 ? 22  TYR B O    1 
ATOM   85   C CB   . TYR A 1 10  ? -3.311  -3.546  10.353  1.00 15.26 ? 22  TYR B CB   1 
ATOM   86   C CG   . TYR A 1 10  ? -3.755  -4.986  10.338  1.00 17.27 ? 22  TYR B CG   1 
ATOM   87   C CD1  . TYR A 1 10  ? -4.999  -5.355  9.810   1.00 17.07 ? 22  TYR B CD1  1 
ATOM   88   C CD2  . TYR A 1 10  ? -2.938  -5.990  10.875  1.00 17.70 ? 22  TYR B CD2  1 
ATOM   89   C CE1  . TYR A 1 10  ? -5.411  -6.695  9.826   1.00 19.00 ? 22  TYR B CE1  1 
ATOM   90   C CE2  . TYR A 1 10  ? -3.338  -7.322  10.894  1.00 16.08 ? 22  TYR B CE2  1 
ATOM   91   C CZ   . TYR A 1 10  ? -4.564  -7.664  10.376  1.00 17.99 ? 22  TYR B CZ   1 
ATOM   92   O OH   . TYR A 1 10  ? -4.956  -8.974  10.429  1.00 19.15 ? 22  TYR B OH   1 
ATOM   93   H H    . TYR A 1 10  ? -0.730  -3.890  9.333   1.00 15.00 ? 22  TYR B H    1 
ATOM   94   H HH   . TYR A 1 10  ? -5.850  -9.030  10.050  1.00 15.00 ? 22  TYR B HH   1 
ATOM   95   N N    . ASN A 1 11  ? -2.803  -0.674  8.803   1.00 19.12 ? 23  ASN B N    1 
ATOM   96   C CA   . ASN A 1 11  ? -2.372  0.702   9.037   1.00 22.45 ? 23  ASN B CA   1 
ATOM   97   C C    . ASN A 1 11  ? -3.201  1.268   10.202  1.00 24.78 ? 23  ASN B C    1 
ATOM   98   O O    . ASN A 1 11  ? -4.056  0.565   10.761  1.00 23.98 ? 23  ASN B O    1 
ATOM   99   C CB   . ASN A 1 11  ? -2.465  1.576   7.756   1.00 21.59 ? 23  ASN B CB   1 
ATOM   100  C CG   . ASN A 1 11  ? -3.910  1.975   7.377   1.00 22.17 ? 23  ASN B CG   1 
ATOM   101  O OD1  . ASN A 1 11  ? -4.881  1.437   7.892   1.00 21.67 ? 23  ASN B OD1  1 
ATOM   102  N ND2  . ASN A 1 11  ? -4.034  2.921   6.466   1.00 22.15 ? 23  ASN B ND2  1 
ATOM   103  H H    . ASN A 1 11  ? -3.633  -0.851  8.317   1.00 15.00 ? 23  ASN B H    1 
ATOM   104  H HD21 . ASN A 1 11  ? -4.931  3.142   6.128   1.00 0.00  ? 23  ASN B HD21 1 
ATOM   105  H HD22 . ASN A 1 11  ? -3.243  3.359   6.096   1.00 0.00  ? 23  ASN B HD22 1 
ATOM   106  N N    . GLN A 1 12  ? -2.961  2.526   10.563  1.00 29.23 ? 24  GLN B N    1 
ATOM   107  C CA   . GLN A 1 12  ? -3.677  3.158   11.671  1.00 35.63 ? 24  GLN B CA   1 
ATOM   108  C C    . GLN A 1 12  ? -5.196  3.192   11.555  1.00 35.84 ? 24  GLN B C    1 
ATOM   109  O O    . GLN A 1 12  ? -5.898  3.176   12.568  1.00 38.12 ? 24  GLN B O    1 
ATOM   110  C CB   . GLN A 1 12  ? -3.171  4.587   11.892  1.00 42.33 ? 24  GLN B CB   1 
ATOM   111  C CG   . GLN A 1 12  ? -2.007  4.700   12.869  1.00 52.57 ? 24  GLN B CG   1 
ATOM   112  C CD   . GLN A 1 12  ? -0.742  4.012   12.363  1.00 59.72 ? 24  GLN B CD   1 
ATOM   113  O OE1  . GLN A 1 12  ? -0.283  4.281   11.239  1.00 64.40 ? 24  GLN B OE1  1 
ATOM   114  N NE2  . GLN A 1 12  ? -0.160  3.139   13.193  1.00 61.58 ? 24  GLN B NE2  1 
ATOM   115  H H    . GLN A 1 12  ? -2.262  3.033   10.086  1.00 15.00 ? 24  GLN B H    1 
ATOM   116  H HE21 . GLN A 1 12  ? 0.592   2.617   12.847  1.00 0.00  ? 24  GLN B HE21 1 
ATOM   117  H HE22 . GLN A 1 12  ? -0.527  3.011   14.088  1.00 0.00  ? 24  GLN B HE22 1 
ATOM   118  N N    . LEU A 1 13  ? -5.699  3.246   10.324  1.00 34.87 ? 25  LEU B N    1 
ATOM   119  C CA   . LEU A 1 13  ? -7.137  3.322   10.063  1.00 32.89 ? 25  LEU B CA   1 
ATOM   120  C C    . LEU A 1 13  ? -7.867  1.983   10.079  1.00 32.20 ? 25  LEU B C    1 
ATOM   121  O O    . LEU A 1 13  ? -9.087  1.952   10.150  1.00 34.58 ? 25  LEU B O    1 
ATOM   122  C CB   A LEU A 1 13  ? -7.379  4.045   8.737   0.50 32.63 ? 25  LEU B CB   1 
ATOM   123  C CB   B LEU A 1 13  ? -7.394  4.009   8.709   0.50 32.57 ? 25  LEU B CB   1 
ATOM   124  C CG   A LEU A 1 13  ? -7.094  5.551   8.705   0.50 32.48 ? 25  LEU B CG   1 
ATOM   125  C CG   B LEU A 1 13  ? -8.815  3.914   8.119   0.50 32.15 ? 25  LEU B CG   1 
ATOM   126  C CD1  A LEU A 1 13  ? -5.701  5.897   9.200   0.50 32.69 ? 25  LEU B CD1  1 
ATOM   127  C CD1  B LEU A 1 13  ? -9.780  4.806   8.882   0.50 33.15 ? 25  LEU B CD1  1 
ATOM   128  C CD2  A LEU A 1 13  ? -7.275  6.039   7.287   0.50 34.25 ? 25  LEU B CD2  1 
ATOM   129  C CD2  B LEU A 1 13  ? -8.814  4.263   6.645   0.50 33.22 ? 25  LEU B CD2  1 
ATOM   130  H H    . LEU A 1 13  ? -5.083  3.199   9.567   1.00 15.00 ? 25  LEU B H    1 
ATOM   131  N N    . GLY A 1 14  ? -7.138  0.876   10.064  1.00 31.60 ? 26  GLY B N    1 
ATOM   132  C CA   . GLY A 1 14  ? -7.816  -0.403  10.023  1.00 30.56 ? 26  GLY B CA   1 
ATOM   133  C C    . GLY A 1 14  ? -7.741  -1.051  8.641   1.00 28.95 ? 26  GLY B C    1 
ATOM   134  O O    . GLY A 1 14  ? -8.162  -2.204  8.474   1.00 30.64 ? 26  GLY B O    1 
ATOM   135  H H    . GLY A 1 14  ? -6.159  0.882   10.106  1.00 15.00 ? 26  GLY B H    1 
ATOM   136  N N    . SER A 1 15  ? -7.198  -0.341  7.651   1.00 25.67 ? 27  SER B N    1 
ATOM   137  C CA   . SER A 1 15  ? -7.059  -0.900  6.297   1.00 24.79 ? 27  SER B CA   1 
ATOM   138  C C    . SER A 1 15  ? -6.094  -2.080  6.335   1.00 21.70 ? 27  SER B C    1 
ATOM   139  O O    . SER A 1 15  ? -5.108  -2.071  7.084   1.00 21.32 ? 27  SER B O    1 
ATOM   140  C CB   . SER A 1 15  ? -6.555  0.154   5.309   1.00 24.53 ? 27  SER B CB   1 
ATOM   141  O OG   . SER A 1 15  ? -7.406  1.280   5.337   1.00 28.72 ? 27  SER B OG   1 
ATOM   142  H H    . SER A 1 15  ? -6.893  0.571   7.813   1.00 15.00 ? 27  SER B H    1 
ATOM   143  H HG   . SER A 1 15  ? -8.140  1.067   5.953   1.00 15.00 ? 27  SER B HG   1 
ATOM   144  N N    . THR A 1 16  ? -6.381  -3.085  5.522   1.00 20.13 ? 28  THR B N    1 
ATOM   145  C CA   . THR A 1 16  ? -5.581  -4.289  5.490   1.00 20.13 ? 28  THR B CA   1 
ATOM   146  C C    . THR A 1 16  ? -4.890  -4.448  4.158   1.00 18.25 ? 28  THR B C    1 
ATOM   147  O O    . THR A 1 16  ? -5.501  -4.347  3.105   1.00 18.77 ? 28  THR B O    1 
ATOM   148  C CB   . THR A 1 16  ? -6.456  -5.496  5.836   1.00 21.51 ? 28  THR B CB   1 
ATOM   149  O OG1  . THR A 1 16  ? -7.186  -5.189  7.035   1.00 25.35 ? 28  THR B OG1  1 
ATOM   150  C CG2  . THR A 1 16  ? -5.613  -6.726  6.097   1.00 24.80 ? 28  THR B CG2  1 
ATOM   151  H H    . THR A 1 16  ? -7.156  -3.024  4.928   1.00 15.00 ? 28  THR B H    1 
ATOM   152  H HG1  . THR A 1 16  ? -6.606  -4.778  7.682   1.00 15.00 ? 28  THR B HG1  1 
ATOM   153  N N    . PHE A 1 17  ? -3.592  -4.695  4.242   1.00 18.17 ? 29  PHE B N    1 
ATOM   154  C CA   . PHE A 1 17  ? -2.698  -4.838  3.107   1.00 18.41 ? 29  PHE B CA   1 
ATOM   155  C C    . PHE A 1 17  ? -2.160  -6.274  3.186   1.00 19.80 ? 29  PHE B C    1 
ATOM   156  O O    . PHE A 1 17  ? -1.494  -6.657  4.145   1.00 18.35 ? 29  PHE B O    1 
ATOM   157  C CB   . PHE A 1 17  ? -1.628  -3.734  3.304   1.00 20.25 ? 29  PHE B CB   1 
ATOM   158  C CG   . PHE A 1 17  ? -0.368  -3.902  2.527   1.00 21.02 ? 29  PHE B CG   1 
ATOM   159  C CD1  . PHE A 1 17  ? -0.375  -4.029  1.149   1.00 24.42 ? 29  PHE B CD1  1 
ATOM   160  C CD2  . PHE A 1 17  ? 0.857   -3.849  3.186   1.00 22.77 ? 29  PHE B CD2  1 
ATOM   161  C CE1  . PHE A 1 17  ? 0.831   -4.101  0.432   1.00 22.69 ? 29  PHE B CE1  1 
ATOM   162  C CE2  . PHE A 1 17  ? 2.045   -3.919  2.497   1.00 22.71 ? 29  PHE B CE2  1 
ATOM   163  C CZ   . PHE A 1 17  ? 2.038   -4.045  1.108   1.00 23.08 ? 29  PHE B CZ   1 
ATOM   164  H H    . PHE A 1 17  ? -3.197  -4.796  5.132   1.00 15.00 ? 29  PHE B H    1 
ATOM   165  N N    . ILE A 1 18  ? -2.557  -7.105  2.238   1.00 18.52 ? 30  ILE B N    1 
ATOM   166  C CA   . ILE A 1 18  ? -2.101  -8.489  2.215   1.00 19.52 ? 30  ILE B CA   1 
ATOM   167  C C    . ILE A 1 18  ? -1.135  -8.617  1.038   1.00 18.45 ? 30  ILE B C    1 
ATOM   168  O O    . ILE A 1 18  ? -1.500  -8.390  -0.108  1.00 19.37 ? 30  ILE B O    1 
ATOM   169  C CB   . ILE A 1 18  ? -3.296  -9.433  2.084   1.00 22.30 ? 30  ILE B CB   1 
ATOM   170  C CG1  . ILE A 1 18  ? -4.270  -9.191  3.257   1.00 22.87 ? 30  ILE B CG1  1 
ATOM   171  C CG2  . ILE A 1 18  ? -2.804  -10.871 2.086   1.00 22.16 ? 30  ILE B CG2  1 
ATOM   172  C CD1  . ILE A 1 18  ? -5.691  -9.617  2.988   1.00 25.32 ? 30  ILE B CD1  1 
ATOM   173  H H    . ILE A 1 18  ? -3.145  -6.778  1.530   1.00 15.00 ? 30  ILE B H    1 
ATOM   174  N N    . VAL A 1 19  ? 0.094   -9.005  1.312   1.00 17.76 ? 31  VAL B N    1 
ATOM   175  C CA   . VAL A 1 19  ? 1.086   -9.059  0.258   1.00 17.17 ? 31  VAL B CA   1 
ATOM   176  C C    . VAL A 1 19  ? 1.967   -10.308 0.274   1.00 18.19 ? 31  VAL B C    1 
ATOM   177  O O    . VAL A 1 19  ? 2.200   -10.904 1.323   1.00 16.69 ? 31  VAL B O    1 
ATOM   178  C CB   . VAL A 1 19  ? 1.999   -7.805  0.376   1.00 16.70 ? 31  VAL B CB   1 
ATOM   179  C CG1  . VAL A 1 19  ? 2.853   -7.885  1.636   1.00 15.10 ? 31  VAL B CG1  1 
ATOM   180  C CG2  . VAL A 1 19  ? 2.860   -7.609  -0.865  1.00 16.74 ? 31  VAL B CG2  1 
ATOM   181  H H    . VAL A 1 19  ? 0.349   -9.277  2.226   1.00 15.00 ? 31  VAL B H    1 
ATOM   182  N N    . THR A 1 20  ? 2.468   -10.672 -0.907  1.00 19.18 ? 32  THR B N    1 
ATOM   183  C CA   . THR A 1 20  ? 3.390   -11.788 -1.067  1.00 19.11 ? 32  THR B CA   1 
ATOM   184  C C    . THR A 1 20  ? 4.656   -11.196 -1.680  1.00 19.03 ? 32  THR B C    1 
ATOM   185  O O    . THR A 1 20  ? 4.567   -10.512 -2.708  1.00 19.13 ? 32  THR B O    1 
ATOM   186  C CB   . THR A 1 20  ? 2.797   -12.846 -2.011  1.00 21.74 ? 32  THR B CB   1 
ATOM   187  O OG1  . THR A 1 20  ? 1.661   -13.450 -1.384  1.00 24.04 ? 32  THR B OG1  1 
ATOM   188  C CG2  . THR A 1 20  ? 3.826   -13.927 -2.326  1.00 24.20 ? 32  THR B CG2  1 
ATOM   189  H H    . THR A 1 20  ? 2.221   -10.181 -1.718  1.00 15.00 ? 32  THR B H    1 
ATOM   190  H HG1  . THR A 1 20  ? 1.118   -12.745 -1.001  1.00 15.00 ? 32  THR B HG1  1 
ATOM   191  N N    . ALA A 1 21  ? 5.799   -11.382 -1.015  1.00 17.43 ? 33  ALA B N    1 
ATOM   192  C CA   . ALA A 1 21  ? 7.094   -10.890 -1.509  1.00 18.61 ? 33  ALA B CA   1 
ATOM   193  C C    . ALA A 1 21  ? 7.808   -11.994 -2.296  1.00 20.47 ? 33  ALA B C    1 
ATOM   194  O O    . ALA A 1 21  ? 8.312   -12.944 -1.690  1.00 23.94 ? 33  ALA B O    1 
ATOM   195  C CB   . ALA A 1 21  ? 7.981   -10.441 -0.339  1.00 15.40 ? 33  ALA B CB   1 
ATOM   196  H H    . ALA A 1 21  ? 5.778   -11.883 -0.183  1.00 15.00 ? 33  ALA B H    1 
ATOM   197  N N    . GLY A 1 22  ? 7.846   -11.873 -3.623  1.00 20.87 ? 34  GLY B N    1 
ATOM   198  C CA   . GLY A 1 22  ? 8.495   -12.854 -4.484  1.00 21.62 ? 34  GLY B CA   1 
ATOM   199  C C    . GLY A 1 22  ? 10.006  -12.832 -4.338  1.00 23.75 ? 34  GLY B C    1 
ATOM   200  O O    . GLY A 1 22  ? 10.587  -11.818 -3.955  1.00 24.42 ? 34  GLY B O    1 
ATOM   201  H H    . GLY A 1 22  ? 7.387   -11.102 -4.012  1.00 15.00 ? 34  GLY B H    1 
ATOM   202  N N    . ALA A 1 23  ? 10.662  -13.951 -4.630  1.00 25.84 ? 35  ALA B N    1 
ATOM   203  C CA   . ALA A 1 23  ? 12.127  -14.035 -4.499  1.00 28.20 ? 35  ALA B CA   1 
ATOM   204  C C    . ALA A 1 23  ? 12.843  -13.097 -5.458  1.00 30.05 ? 35  ALA B C    1 
ATOM   205  O O    . ALA A 1 23  ? 13.974  -12.679 -5.218  1.00 32.99 ? 35  ALA B O    1 
ATOM   206  C CB   . ALA A 1 23  ? 12.605  -15.466 -4.714  1.00 29.98 ? 35  ALA B CB   1 
ATOM   207  H H    . ALA A 1 23  ? 10.157  -14.724 -4.963  1.00 15.00 ? 35  ALA B H    1 
ATOM   208  N N    . ASP A 1 24  ? 12.147  -12.774 -6.535  1.00 29.81 ? 36  ASP B N    1 
ATOM   209  C CA   . ASP A 1 24  ? 12.622  -11.887 -7.585  1.00 31.34 ? 36  ASP B CA   1 
ATOM   210  C C    . ASP A 1 24  ? 12.514  -10.397 -7.259  1.00 27.58 ? 36  ASP B C    1 
ATOM   211  O O    . ASP A 1 24  ? 13.017  -9.571  -8.005  1.00 28.90 ? 36  ASP B O    1 
ATOM   212  C CB   . ASP A 1 24  ? 11.798  -12.152 -8.847  1.00 37.04 ? 36  ASP B CB   1 
ATOM   213  C CG   . ASP A 1 24  ? 10.277  -12.061 -8.597  1.00 41.41 ? 36  ASP B CG   1 
ATOM   214  O OD1  . ASP A 1 24  ? 9.829   -12.070 -7.424  1.00 43.30 ? 36  ASP B OD1  1 
ATOM   215  O OD2  . ASP A 1 24  ? 9.520   -11.992 -9.592  1.00 46.02 ? 36  ASP B OD2  1 
ATOM   216  H H    . ASP A 1 24  ? 11.287  -13.208 -6.630  1.00 15.00 ? 36  ASP B H    1 
ATOM   217  N N    . GLY A 1 25  ? 11.793  -10.055 -6.205  1.00 22.21 ? 37  GLY B N    1 
ATOM   218  C CA   . GLY A 1 25  ? 11.638  -8.657  -5.876  1.00 18.74 ? 37  GLY B CA   1 
ATOM   219  C C    . GLY A 1 25  ? 10.244  -8.160  -6.181  1.00 16.62 ? 37  GLY B C    1 
ATOM   220  O O    . GLY A 1 25  ? 9.973   -6.982  -6.028  1.00 17.28 ? 37  GLY B O    1 
ATOM   221  H H    . GLY A 1 25  ? 11.402  -10.711 -5.602  1.00 15.00 ? 37  GLY B H    1 
ATOM   222  N N    . ALA A 1 26  ? 9.345   -9.045  -6.577  1.00 14.16 ? 38  ALA B N    1 
ATOM   223  C CA   . ALA A 1 26  ? 7.993   -8.633  -6.880  1.00 14.09 ? 38  ALA B CA   1 
ATOM   224  C C    . ALA A 1 26  ? 7.108   -8.620  -5.632  1.00 16.96 ? 38  ALA B C    1 
ATOM   225  O O    . ALA A 1 26  ? 7.341   -9.395  -4.698  1.00 18.69 ? 38  ALA B O    1 
ATOM   226  C CB   . ALA A 1 26  ? 7.391   -9.560  -7.915  1.00 16.55 ? 38  ALA B CB   1 
ATOM   227  H H    . ALA A 1 26  ? 9.587   -9.983  -6.639  1.00 15.00 ? 38  ALA B H    1 
ATOM   228  N N    . LEU A 1 27  ? 6.149   -7.694  -5.581  1.00 15.62 ? 39  LEU B N    1 
ATOM   229  C CA   . LEU A 1 27  ? 5.170   -7.616  -4.487  1.00 15.82 ? 39  LEU B CA   1 
ATOM   230  C C    . LEU A 1 27  ? 3.857   -7.752  -5.208  1.00 16.34 ? 39  LEU B C    1 
ATOM   231  O O    . LEU A 1 27  ? 3.638   -7.076  -6.224  1.00 16.51 ? 39  LEU B O    1 
ATOM   232  C CB   . LEU A 1 27  ? 5.161   -6.265  -3.773  1.00 15.73 ? 39  LEU B CB   1 
ATOM   233  C CG   . LEU A 1 27  ? 6.363   -5.945  -2.906  1.00 17.92 ? 39  LEU B CG   1 
ATOM   234  C CD1  . LEU A 1 27  ? 6.176   -4.539  -2.346  1.00 18.33 ? 39  LEU B CD1  1 
ATOM   235  C CD2  . LEU A 1 27  ? 6.499   -6.986  -1.793  1.00 16.79 ? 39  LEU B CD2  1 
ATOM   236  H H    . LEU A 1 27  ? 6.090   -7.043  -6.318  1.00 15.00 ? 39  LEU B H    1 
ATOM   237  N N    . THR A 1 28  ? 2.989   -8.603  -4.681  1.00 14.43 ? 40  THR B N    1 
ATOM   238  C CA   . THR A 1 28  ? 1.690   -8.844  -5.275  1.00 16.12 ? 40  THR B CA   1 
ATOM   239  C C    . THR A 1 28  ? 0.677   -9.056  -4.141  1.00 15.22 ? 40  THR B C    1 
ATOM   240  O O    . THR A 1 28  ? 1.012   -9.652  -3.113  1.00 18.06 ? 40  THR B O    1 
ATOM   241  C CB   A THR A 1 28  ? 1.751   -10.053 -6.212  0.50 16.92 ? 40  THR B CB   1 
ATOM   242  C CB   B THR A 1 28  ? 1.737   -10.139 -6.119  0.50 17.80 ? 40  THR B CB   1 
ATOM   243  O OG1  A THR A 1 28  ? 0.565   -10.096 -7.012  0.50 22.75 ? 40  THR B OG1  1 
ATOM   244  O OG1  B THR A 1 28  ? 2.655   -9.974  -7.204  0.50 17.26 ? 40  THR B OG1  1 
ATOM   245  C CG2  A THR A 1 28  ? 1.897   -11.332 -5.424  0.50 11.97 ? 40  THR B CG2  1 
ATOM   246  C CG2  B THR A 1 28  ? 0.365   -10.478 -6.673  0.50 22.68 ? 40  THR B CG2  1 
ATOM   247  H H    . THR A 1 28  ? 3.243   -9.112  -3.885  1.00 15.00 ? 40  THR B H    1 
ATOM   248  H HG1  A THR A 1 28  ? 0.638   -10.748 -7.706  0.50 15.00 ? 40  THR B HG1  1 
ATOM   249  H HG1  B THR A 1 28  ? 2.462   -9.097  -7.562  0.50 15.00 ? 40  THR B HG1  1 
ATOM   250  N N    . GLY A 1 29  ? -0.542  -8.569  -4.305  1.00 13.52 ? 41  GLY B N    1 
ATOM   251  C CA   . GLY A 1 29  ? -1.514  -8.764  -3.256  1.00 13.08 ? 41  GLY B CA   1 
ATOM   252  C C    . GLY A 1 29  ? -2.763  -7.939  -3.426  1.00 12.52 ? 41  GLY B C    1 
ATOM   253  O O    . GLY A 1 29  ? -3.137  -7.564  -4.532  1.00 13.10 ? 41  GLY B O    1 
ATOM   254  H H    . GLY A 1 29  ? -0.800  -8.094  -5.131  1.00 15.00 ? 41  GLY B H    1 
ATOM   255  N N    . THR A 1 30  ? -3.408  -7.639  -2.306  1.00 13.50 ? 42  THR B N    1 
ATOM   256  C CA   . THR A 1 30  ? -4.641  -6.853  -2.305  1.00 15.80 ? 42  THR B CA   1 
ATOM   257  C C    . THR A 1 30  ? -4.679  -5.861  -1.121  1.00 16.18 ? 42  THR B C    1 
ATOM   258  O O    . THR A 1 30  ? -3.987  -6.050  -0.111  1.00 18.28 ? 42  THR B O    1 
ATOM   259  C CB   A THR A 1 30  ? -5.902  -7.774  -2.313  0.25 16.11 ? 42  THR B CB   1 
ATOM   260  C CB   B THR A 1 30  ? -5.877  -7.778  -2.217  0.75 16.41 ? 42  THR B CB   1 
ATOM   261  O OG1  A THR A 1 30  ? -6.957  -7.174  -1.552  0.25 16.23 ? 42  THR B OG1  1 
ATOM   262  O OG1  B THR A 1 30  ? -5.753  -8.610  -1.064  0.75 17.05 ? 42  THR B OG1  1 
ATOM   263  C CG2  A THR A 1 30  ? -5.590  -9.147  -1.754  0.25 16.03 ? 42  THR B CG2  1 
ATOM   264  C CG2  B THR A 1 30  ? -6.007  -8.665  -3.466  0.75 14.66 ? 42  THR B CG2  1 
ATOM   265  H H    . THR A 1 30  ? -3.049  -7.928  -1.438  1.00 15.00 ? 42  THR B H    1 
ATOM   266  H HG1  A THR A 1 30  ? -7.192  -6.323  -1.946  0.25 15.00 ? 42  THR B HG1  1 
ATOM   267  H HG1  B THR A 1 30  ? -5.515  -8.136  -0.255  0.75 15.00 ? 42  THR B HG1  1 
ATOM   268  N N    . TYR A 1 31  ? -5.443  -4.784  -1.272  1.00 15.90 ? 43  TYR B N    1 
ATOM   269  C CA   . TYR A 1 31  ? -5.588  -3.755  -0.245  1.00 15.72 ? 43  TYR B CA   1 
ATOM   270  C C    . TYR A 1 31  ? -7.082  -3.727  -0.023  1.00 16.80 ? 43  TYR B C    1 
ATOM   271  O O    . TYR A 1 31  ? -7.838  -3.798  -0.991  1.00 17.57 ? 43  TYR B O    1 
ATOM   272  C CB   A TYR A 1 31  ? -5.113  -2.383  -0.767  0.50 17.09 ? 43  TYR B CB   1 
ATOM   273  C CB   B TYR A 1 31  ? -5.106  -2.403  -0.801  0.50 16.67 ? 43  TYR B CB   1 
ATOM   274  C CG   A TYR A 1 31  ? -5.229  -1.219  0.223   0.50 17.15 ? 43  TYR B CG   1 
ATOM   275  C CG   B TYR A 1 31  ? -4.780  -1.364  0.254   0.50 16.77 ? 43  TYR B CG   1 
ATOM   276  C CD1  A TYR A 1 31  ? -6.455  -0.581  0.456   0.50 17.15 ? 43  TYR B CD1  1 
ATOM   277  C CD1  B TYR A 1 31  ? -3.495  -1.268  0.789   0.50 16.01 ? 43  TYR B CD1  1 
ATOM   278  C CD2  A TYR A 1 31  ? -4.105  -0.732  0.894   0.50 17.44 ? 43  TYR B CD2  1 
ATOM   279  C CD2  B TYR A 1 31  ? -5.760  -0.481  0.724   0.50 16.09 ? 43  TYR B CD2  1 
ATOM   280  C CE1  A TYR A 1 31  ? -6.563  0.515   1.332   0.50 16.17 ? 43  TYR B CE1  1 
ATOM   281  C CE1  B TYR A 1 31  ? -3.191  -0.320  1.768   0.50 17.48 ? 43  TYR B CE1  1 
ATOM   282  C CE2  A TYR A 1 31  ? -4.201  0.363   1.770   0.50 18.28 ? 43  TYR B CE2  1 
ATOM   283  C CE2  B TYR A 1 31  ? -5.469  0.470   1.700   0.50 17.35 ? 43  TYR B CE2  1 
ATOM   284  C CZ   A TYR A 1 31  ? -5.431  0.984   1.980   0.50 17.74 ? 43  TYR B CZ   1 
ATOM   285  C CZ   B TYR A 1 31  ? -4.183  0.545   2.219   0.50 17.72 ? 43  TYR B CZ   1 
ATOM   286  O OH   A TYR A 1 31  ? -5.503  2.082   2.812   0.50 17.80 ? 43  TYR B OH   1 
ATOM   287  O OH   B TYR A 1 31  ? -3.885  1.494   3.170   0.50 17.36 ? 43  TYR B OH   1 
ATOM   288  H H    . TYR A 1 31  ? -5.941  -4.640  -2.102  1.00 15.00 ? 43  TYR B H    1 
ATOM   289  H HH   A TYR A 1 31  ? -6.413  2.369   3.015   0.50 15.00 ? 43  TYR B HH   1 
ATOM   290  H HH   B TYR A 1 31  ? -2.959  1.444   3.399   0.50 0.00  ? 43  TYR B HH   1 
ATOM   291  N N    . GLU A 1 32  ? -7.518  -3.661  1.224   1.00 18.67 ? 44  GLU B N    1 
ATOM   292  C CA   . GLU A 1 32  ? -8.953  -3.610  1.509   1.00 25.04 ? 44  GLU B CA   1 
ATOM   293  C C    . GLU A 1 32  ? -9.299  -2.805  2.769   1.00 28.75 ? 44  GLU B C    1 
ATOM   294  O O    . GLU A 1 32  ? -8.403  -2.377  3.510   1.00 25.55 ? 44  GLU B O    1 
ATOM   295  C CB   . GLU A 1 32  ? -9.527  -5.024  1.600   1.00 27.55 ? 44  GLU B CB   1 
ATOM   296  C CG   . GLU A 1 32  ? -8.787  -5.908  2.571   1.00 34.21 ? 44  GLU B CG   1 
ATOM   297  C CD   . GLU A 1 32  ? -9.287  -7.352  2.574   1.00 40.38 ? 44  GLU B CD   1 
ATOM   298  O OE1  . GLU A 1 32  ? -10.208 -7.645  3.376   1.00 43.77 ? 44  GLU B OE1  1 
ATOM   299  O OE2  . GLU A 1 32  ? -8.754  -8.189  1.801   1.00 39.51 ? 44  GLU B OE2  1 
ATOM   300  H H    . GLU A 1 32  ? -6.901  -3.631  1.982   1.00 0.00  ? 44  GLU B H    1 
ATOM   301  N N    . SER A 1 33  ? -10.600 -2.619  3.013   1.00 34.39 ? 45  SER B N    1 
ATOM   302  C CA   . SER A 1 33  ? -11.112 -1.882  4.179   1.00 38.24 ? 45  SER B CA   1 
ATOM   303  C C    . SER A 1 33  ? -11.149 -2.672  5.484   1.00 43.75 ? 45  SER B C    1 
ATOM   304  O O    . SER A 1 33  ? -10.963 -3.902  5.492   1.00 44.18 ? 45  SER B O    1 
ATOM   305  C CB   . SER A 1 33  ? -12.528 -1.392  3.898   1.00 38.66 ? 45  SER B CB   1 
ATOM   306  O OG   . SER A 1 33  ? -13.457 -2.459  3.968   1.00 40.73 ? 45  SER B OG   1 
ATOM   307  H H    . SER A 1 33  ? -11.265 -3.004  2.399   1.00 0.00  ? 45  SER B H    1 
ATOM   308  H HG   . SER A 1 33  ? -13.594 -2.654  4.895   1.00 0.00  ? 45  SER B HG   1 
ATOM   309  N N    . ALA A 1 34  ? -11.439 -1.959  6.577   1.00 48.72 ? 46  ALA B N    1 
ATOM   310  C CA   . ALA A 1 34  ? -11.557 -2.567  7.905   1.00 52.82 ? 46  ALA B CA   1 
ATOM   311  C C    . ALA A 1 34  ? -12.646 -3.631  7.799   1.00 54.97 ? 46  ALA B C    1 
ATOM   312  O O    . ALA A 1 34  ? -12.442 -4.784  8.183   1.00 56.65 ? 46  ALA B O    1 
ATOM   313  C CB   . ALA A 1 34  ? -11.939 -1.515  8.943   1.00 52.89 ? 46  ALA B CB   1 
ATOM   314  H H    . ALA A 1 34  ? -11.541 -0.985  6.517   1.00 0.00  ? 46  ALA B H    1 
ATOM   315  N N    . VAL A 1 35  ? -13.798 -3.237  7.260   1.00 57.16 ? 47  VAL B N    1 
ATOM   316  C CA   . VAL A 1 35  ? -14.911 -4.167  7.040   1.00 59.28 ? 47  VAL B CA   1 
ATOM   317  C C    . VAL A 1 35  ? -14.682 -4.773  5.654   1.00 58.53 ? 47  VAL B C    1 
ATOM   318  O O    . VAL A 1 35  ? -15.507 -4.635  4.740   1.00 59.48 ? 47  VAL B O    1 
ATOM   319  C CB   . VAL A 1 35  ? -16.299 -3.456  7.105   1.00 61.48 ? 47  VAL B CB   1 
ATOM   320  C CG1  . VAL A 1 35  ? -16.558 -2.956  8.529   1.00 63.87 ? 47  VAL B CG1  1 
ATOM   321  C CG2  . VAL A 1 35  ? -16.381 -2.297  6.100   1.00 61.87 ? 47  VAL B CG2  1 
ATOM   322  H H    . VAL A 1 35  ? -13.872 -2.292  7.015   1.00 0.00  ? 47  VAL B H    1 
ATOM   323  N N    . GLY A 1 36  ? -13.529 -5.417  5.520   1.00 55.67 ? 48  GLY B N    1 
ATOM   324  C CA   . GLY A 1 36  ? -13.115 -6.022  4.276   1.00 52.75 ? 48  GLY B CA   1 
ATOM   325  C C    . GLY A 1 36  ? -14.084 -6.850  3.451   1.00 50.80 ? 48  GLY B C    1 
ATOM   326  O O    . GLY A 1 36  ? -13.947 -8.080  3.360   1.00 51.38 ? 48  GLY B O    1 
ATOM   327  H H    . GLY A 1 36  ? -12.914 -5.508  6.284   1.00 15.00 ? 48  GLY B H    1 
ATOM   328  N N    . ASN A 1 37  ? -15.083 -6.205  2.865   1.00 46.78 ? 49  ASN B N    1 
ATOM   329  C CA   . ASN A 1 37  ? -15.974 -6.933  1.994   1.00 43.98 ? 49  ASN B CA   1 
ATOM   330  C C    . ASN A 1 37  ? -15.337 -6.847  0.604   1.00 41.28 ? 49  ASN B C    1 
ATOM   331  O O    . ASN A 1 37  ? -14.423 -6.038  0.370   1.00 40.21 ? 49  ASN B O    1 
ATOM   332  C CB   . ASN A 1 37  ? -17.410 -6.398  2.031   1.00 48.23 ? 49  ASN B CB   1 
ATOM   333  C CG   . ASN A 1 37  ? -17.495 -4.880  2.141   1.00 51.86 ? 49  ASN B CG   1 
ATOM   334  O OD1  . ASN A 1 37  ? -18.494 -4.346  2.635   1.00 56.21 ? 49  ASN B OD1  1 
ATOM   335  N ND2  . ASN A 1 37  ? -16.477 -4.182  1.674   1.00 52.31 ? 49  ASN B ND2  1 
ATOM   336  H H    . ASN A 1 37  ? -15.182 -5.246  3.036   1.00 15.00 ? 49  ASN B H    1 
ATOM   337  H HD21 . ASN A 1 37  ? -16.638 -3.228  1.788   1.00 0.00  ? 49  ASN B HD21 1 
ATOM   338  H HD22 . ASN A 1 37  ? -15.669 -4.552  1.281   1.00 0.00  ? 49  ASN B HD22 1 
ATOM   339  N N    . ALA A 1 38  ? -15.794 -7.693  -0.311  1.00 37.78 ? 50  ALA B N    1 
ATOM   340  C CA   . ALA A 1 38  ? -15.251 -7.740  -1.665  1.00 33.91 ? 50  ALA B CA   1 
ATOM   341  C C    . ALA A 1 38  ? -15.266 -6.393  -2.354  1.00 30.52 ? 50  ALA B C    1 
ATOM   342  O O    . ALA A 1 38  ? -14.369 -6.066  -3.120  1.00 28.33 ? 50  ALA B O    1 
ATOM   343  C CB   . ALA A 1 38  ? -16.012 -8.760  -2.498  1.00 33.01 ? 50  ALA B CB   1 
ATOM   344  H H    . ALA A 1 38  ? -16.498 -8.326  -0.056  1.00 15.00 ? 50  ALA B H    1 
ATOM   345  N N    . GLU A 1 39  ? -16.282 -5.604  -2.047  1.00 28.29 ? 51  GLU B N    1 
ATOM   346  C CA   . GLU A 1 39  ? -16.443 -4.301  -2.649  1.00 28.77 ? 51  GLU B CA   1 
ATOM   347  C C    . GLU A 1 39  ? -15.321 -3.319  -2.325  1.00 26.21 ? 51  GLU B C    1 
ATOM   348  O O    . GLU A 1 39  ? -15.111 -2.348  -3.059  1.00 24.05 ? 51  GLU B O    1 
ATOM   349  C CB   . GLU A 1 39  ? -17.777 -3.708  -2.213  1.00 33.60 ? 51  GLU B CB   1 
ATOM   350  C CG   . GLU A 1 39  ? -18.985 -4.484  -2.721  1.00 43.77 ? 51  GLU B CG   1 
ATOM   351  C CD   . GLU A 1 39  ? -19.471 -5.576  -1.778  1.00 49.05 ? 51  GLU B CD   1 
ATOM   352  O OE1  . GLU A 1 39  ? -18.803 -6.636  -1.650  1.00 49.63 ? 51  GLU B OE1  1 
ATOM   353  O OE2  . GLU A 1 39  ? -20.566 -5.374  -1.196  1.00 53.77 ? 51  GLU B OE2  1 
ATOM   354  H H    . GLU A 1 39  ? -16.927 -5.903  -1.380  1.00 15.00 ? 51  GLU B H    1 
ATOM   355  N N    . SER A 1 40  ? -14.591 -3.599  -1.246  1.00 23.70 ? 52  SER B N    1 
ATOM   356  C CA   . SER A 1 40  ? -13.518 -2.724  -0.787  1.00 23.65 ? 52  SER B CA   1 
ATOM   357  C C    . SER A 1 40  ? -12.130 -3.257  -1.119  1.00 20.63 ? 52  SER B C    1 
ATOM   358  O O    . SER A 1 40  ? -11.122 -2.680  -0.705  1.00 19.57 ? 52  SER B O    1 
ATOM   359  C CB   . SER A 1 40  ? -13.618 -2.544  0.736   1.00 24.26 ? 52  SER B CB   1 
ATOM   360  O OG   . SER A 1 40  ? -13.070 -3.681  1.420   1.00 31.82 ? 52  SER B OG   1 
ATOM   361  H H    . SER A 1 40  ? -14.758 -4.416  -0.741  1.00 15.00 ? 52  SER B H    1 
ATOM   362  H HG   . SER A 1 40  ? -13.461 -4.521  1.157   1.00 15.00 ? 52  SER B HG   1 
ATOM   363  N N    . ARG A 1 41  ? -12.075 -4.364  -1.844  1.00 19.69 ? 53  ARG B N    1 
ATOM   364  C CA   . ARG A 1 41  ? -10.801 -4.986  -2.168  1.00 17.17 ? 53  ARG B CA   1 
ATOM   365  C C    . ARG A 1 41  ? -10.262 -4.568  -3.538  1.00 15.17 ? 53  ARG B C    1 
ATOM   366  O O    . ARG A 1 41  ? -10.979 -4.624  -4.538  1.00 15.53 ? 53  ARG B O    1 
ATOM   367  C CB   . ARG A 1 41  ? -10.969 -6.496  -2.080  1.00 19.24 ? 53  ARG B CB   1 
ATOM   368  C CG   . ARG A 1 41  ? -9.677  -7.245  -1.952  1.00 25.88 ? 53  ARG B CG   1 
ATOM   369  C CD   . ARG A 1 41  ? -9.952  -8.705  -1.609  1.00 31.46 ? 53  ARG B CD   1 
ATOM   370  N NE   . ARG A 1 41  ? -10.712 -8.821  -0.367  1.00 36.12 ? 53  ARG B NE   1 
ATOM   371  C CZ   . ARG A 1 41  ? -11.869 -9.465  -0.243  1.00 38.34 ? 53  ARG B CZ   1 
ATOM   372  N NH1  . ARG A 1 41  ? -12.417 -10.068 -1.289  1.00 40.76 ? 53  ARG B NH1  1 
ATOM   373  N NH2  . ARG A 1 41  ? -12.494 -9.482  0.929   1.00 42.40 ? 53  ARG B NH2  1 
ATOM   374  H H    . ARG A 1 41  ? -12.892 -4.754  -2.210  1.00 15.00 ? 53  ARG B H    1 
ATOM   375  H HE   . ARG A 1 41  ? -10.354 -8.382  0.430   1.00 15.00 ? 53  ARG B HE   1 
ATOM   376  H HH11 . ARG A 1 41  ? -11.964 -10.040 -2.178  1.00 0.00  ? 53  ARG B HH11 1 
ATOM   377  H HH12 . ARG A 1 41  ? -13.286 -10.553 -1.180  1.00 0.00  ? 53  ARG B HH12 1 
ATOM   378  H HH21 . ARG A 1 41  ? -12.092 -9.013  1.714   1.00 0.00  ? 53  ARG B HH21 1 
ATOM   379  H HH22 . ARG A 1 41  ? -13.360 -9.969  1.028   1.00 0.00  ? 53  ARG B HH22 1 
ATOM   380  N N    . TYR A 1 42  ? -8.982  -4.193  -3.586  1.00 14.38 ? 54  TYR B N    1 
ATOM   381  C CA   . TYR A 1 42  ? -8.331  -3.749  -4.817  1.00 12.89 ? 54  TYR B CA   1 
ATOM   382  C C    . TYR A 1 42  ? -6.989  -4.447  -4.956  1.00 12.55 ? 54  TYR B C    1 
ATOM   383  O O    . TYR A 1 42  ? -6.339  -4.767  -3.958  1.00 14.05 ? 54  TYR B O    1 
ATOM   384  C CB   . TYR A 1 42  ? -8.120  -2.232  -4.789  1.00 12.30 ? 54  TYR B CB   1 
ATOM   385  C CG   . TYR A 1 42  ? -9.413  -1.437  -4.738  1.00 13.13 ? 54  TYR B CG   1 
ATOM   386  C CD1  . TYR A 1 42  ? -10.078 -1.218  -3.519  1.00 13.80 ? 54  TYR B CD1  1 
ATOM   387  C CD2  . TYR A 1 42  ? -9.980  -0.909  -5.904  1.00 13.17 ? 54  TYR B CD2  1 
ATOM   388  C CE1  . TYR A 1 42  ? -11.287 -0.491  -3.461  1.00 14.71 ? 54  TYR B CE1  1 
ATOM   389  C CE2  . TYR A 1 42  ? -11.180 -0.182  -5.857  1.00 13.22 ? 54  TYR B CE2  1 
ATOM   390  C CZ   . TYR A 1 42  ? -11.820 0.013   -4.636  1.00 14.15 ? 54  TYR B CZ   1 
ATOM   391  O OH   . TYR A 1 42  ? -13.005 0.672   -4.607  1.00 15.83 ? 54  TYR B OH   1 
ATOM   392  H H    . TYR A 1 42  ? -8.454  -4.188  -2.764  1.00 15.00 ? 54  TYR B H    1 
ATOM   393  H HH   . TYR A 1 42  ? -13.323 0.863   -5.489  1.00 15.00 ? 54  TYR B HH   1 
ATOM   394  N N    A VAL A 1 43  ? -6.595  -4.758  -6.179  0.30 12.58 ? 55  VAL B N    1 
ATOM   395  N N    B VAL A 1 43  ? -6.595  -4.682  -6.198  0.70 11.88 ? 55  VAL B N    1 
ATOM   396  C CA   A VAL A 1 43  ? -5.316  -5.429  -6.370  0.30 12.84 ? 55  VAL B CA   1 
ATOM   397  C CA   B VAL A 1 43  ? -5.327  -5.345  -6.514  0.70 12.61 ? 55  VAL B CA   1 
ATOM   398  C C    A VAL A 1 43  ? -4.156  -4.435  -6.314  0.30 12.31 ? 55  VAL B C    1 
ATOM   399  C C    B VAL A 1 43  ? -4.128  -4.396  -6.354  0.50 11.46 ? 55  VAL B C    1 
ATOM   400  O O    A VAL A 1 43  ? -4.308  -3.247  -6.618  0.30 11.84 ? 55  VAL B O    1 
ATOM   401  O O    B VAL A 1 43  ? -4.223  -3.197  -6.634  0.50 10.30 ? 55  VAL B O    1 
ATOM   402  C CB   A VAL A 1 43  ? -5.273  -6.259  -7.687  0.30 13.28 ? 55  VAL B CB   1 
ATOM   403  C CB   B VAL A 1 43  ? -5.342  -5.882  -8.006  0.70 12.75 ? 55  VAL B CB   1 
ATOM   404  C CG1  A VAL A 1 43  ? -6.254  -7.409  -7.617  0.30 12.87 ? 55  VAL B CG1  1 
ATOM   405  C CG1  B VAL A 1 43  ? -4.000  -6.522  -8.378  0.70 12.81 ? 55  VAL B CG1  1 
ATOM   406  C CG2  A VAL A 1 43  ? -5.588  -5.390  -8.871  0.30 12.20 ? 55  VAL B CG2  1 
ATOM   407  C CG2  B VAL A 1 43  ? -6.480  -6.864  -8.215  0.50 10.11 ? 55  VAL B CG2  1 
ATOM   408  H H    A VAL A 1 43  ? -7.138  -4.495  -6.955  0.30 15.00 ? 55  VAL B H    1 
ATOM   409  H H    B VAL A 1 43  ? -7.156  -4.364  -6.935  0.70 15.00 ? 55  VAL B H    1 
ATOM   410  N N    . LEU A 1 44  ? -2.999  -4.932  -5.905  1.00 12.53 ? 56  LEU B N    1 
ATOM   411  C CA   . LEU A 1 44  ? -1.806  -4.115  -5.795  1.00 14.91 ? 56  LEU B CA   1 
ATOM   412  C C    . LEU A 1 44  ? -0.627  -4.858  -6.374  1.00 14.51 ? 56  LEU B C    1 
ATOM   413  O O    . LEU A 1 44  ? -0.597  -6.079  -6.371  1.00 13.82 ? 56  LEU B O    1 
ATOM   414  C CB   . LEU A 1 44  ? -1.498  -3.767  -4.339  1.00 14.63 ? 56  LEU B CB   1 
ATOM   415  C CG   . LEU A 1 44  ? -0.915  -4.787  -3.364  1.00 14.59 ? 56  LEU B CG   1 
ATOM   416  C CD1  . LEU A 1 44  ? 0.625   -4.892  -3.445  1.00 13.31 ? 56  LEU B CD1  1 
ATOM   417  C CD2  . LEU A 1 44  ? -1.332  -4.325  -1.993  1.00 18.49 ? 56  LEU B CD2  1 
ATOM   418  H H    . LEU A 1 44  ? -2.952  -5.881  -5.663  1.00 15.00 ? 56  LEU B H    1 
ATOM   419  N N    . THR A 1 45  ? 0.348   -4.107  -6.857  1.00 14.40 ? 57  THR B N    1 
ATOM   420  C CA   . THR A 1 45  ? 1.570   -4.681  -7.369  1.00 13.76 ? 57  THR B CA   1 
ATOM   421  C C    . THR A 1 45  ? 2.679   -3.695  -7.008  1.00 13.68 ? 57  THR B C    1 
ATOM   422  O O    . THR A 1 45  ? 2.445   -2.490  -6.992  1.00 13.07 ? 57  THR B O    1 
ATOM   423  C CB   A THR A 1 45  ? 1.514   -4.823  -8.917  0.40 15.79 ? 57  THR B CB   1 
ATOM   424  C CB   B THR A 1 45  ? 1.517   -4.923  -8.906  0.60 16.26 ? 57  THR B CB   1 
ATOM   425  O OG1  A THR A 1 45  ? 1.114   -3.576  -9.504  0.40 17.07 ? 57  THR B OG1  1 
ATOM   426  O OG1  B THR A 1 45  ? 2.646   -5.718  -9.304  0.60 16.11 ? 57  THR B OG1  1 
ATOM   427  C CG2  A THR A 1 45  ? 0.536   -5.914  -9.332  0.40 15.42 ? 57  THR B CG2  1 
ATOM   428  C CG2  B THR A 1 45  ? 1.530   -3.603  -9.679  0.60 15.86 ? 57  THR B CG2  1 
ATOM   429  H H    . THR A 1 45  ? 0.243   -3.133  -6.890  1.00 15.00 ? 57  THR B H    1 
ATOM   430  H HG1  A THR A 1 45  ? 1.712   -2.872  -9.240  0.40 15.00 ? 57  THR B HG1  1 
ATOM   431  H HG1  B THR A 1 45  ? 3.480   -5.302  -9.067  0.60 15.00 ? 57  THR B HG1  1 
ATOM   432  N N    . GLY A 1 46  ? 3.883   -4.196  -6.756  1.00 13.19 ? 58  GLY B N    1 
ATOM   433  C CA   . GLY A 1 46  ? 4.979   -3.325  -6.426  1.00 12.58 ? 58  GLY B CA   1 
ATOM   434  C C    . GLY A 1 46  ? 6.285   -4.073  -6.543  1.00 13.62 ? 58  GLY B C    1 
ATOM   435  O O    . GLY A 1 46  ? 6.323   -5.186  -7.075  1.00 12.39 ? 58  GLY B O    1 
ATOM   436  H H    . GLY A 1 46  ? 4.071   -5.167  -6.798  1.00 15.00 ? 58  GLY B H    1 
ATOM   437  N N    . ARG A 1 47  ? 7.340   -3.479  -6.000  1.00 14.39 ? 59  ARG B N    1 
ATOM   438  C CA   . ARG A 1 47  ? 8.689   -4.049  -6.036  1.00 14.51 ? 59  ARG B CA   1 
ATOM   439  C C    . ARG A 1 47  ? 9.365   -3.725  -4.708  1.00 13.74 ? 59  ARG B C    1 
ATOM   440  O O    . ARG A 1 47  ? 9.006   -2.753  -4.051  1.00 12.50 ? 59  ARG B O    1 
ATOM   441  C CB   . ARG A 1 47  ? 9.523   -3.411  -7.176  1.00 14.36 ? 59  ARG B CB   1 
ATOM   442  C CG   . ARG A 1 47  ? 8.927   -3.503  -8.581  1.00 13.92 ? 59  ARG B CG   1 
ATOM   443  C CD   . ARG A 1 47  ? 9.065   -4.898  -9.170  1.00 14.61 ? 59  ARG B CD   1 
ATOM   444  N NE   . ARG A 1 47  ? 10.476  -5.277  -9.250  1.00 15.06 ? 59  ARG B NE   1 
ATOM   445  C CZ   . ARG A 1 47  ? 10.916  -6.510  -9.472  1.00 16.42 ? 59  ARG B CZ   1 
ATOM   446  N NH1  . ARG A 1 47  ? 10.065  -7.514  -9.654  1.00 17.00 ? 59  ARG B NH1  1 
ATOM   447  N NH2  . ARG A 1 47  ? 12.222  -6.744  -9.474  1.00 16.40 ? 59  ARG B NH2  1 
ATOM   448  H H    . ARG A 1 47  ? 7.210   -2.633  -5.513  1.00 15.00 ? 59  ARG B H    1 
ATOM   449  H HE   . ARG A 1 47  ? 11.144  -4.575  -9.124  1.00 15.00 ? 59  ARG B HE   1 
ATOM   450  H HH11 . ARG A 1 47  ? 9.079   -7.355  -9.624  1.00 0.00  ? 59  ARG B HH11 1 
ATOM   451  H HH12 . ARG A 1 47  ? 10.411  -8.435  -9.824  1.00 0.00  ? 59  ARG B HH12 1 
ATOM   452  H HH21 . ARG A 1 47  ? 12.857  -5.988  -9.313  1.00 0.00  ? 59  ARG B HH21 1 
ATOM   453  H HH22 . ARG A 1 47  ? 12.569  -7.666  -9.645  1.00 0.00  ? 59  ARG B HH22 1 
ATOM   454  N N    . TYR A 1 48  ? 10.372  -4.518  -4.344  1.00 13.48 ? 60  TYR B N    1 
ATOM   455  C CA   . TYR A 1 48  ? 11.118  -4.289  -3.121  1.00 12.52 ? 60  TYR B CA   1 
ATOM   456  C C    . TYR A 1 48  ? 12.550  -4.755  -3.356  1.00 12.49 ? 60  TYR B C    1 
ATOM   457  O O    . TYR A 1 48  ? 12.814  -5.543  -4.273  1.00 13.69 ? 60  TYR B O    1 
ATOM   458  C CB   . TYR A 1 48  ? 10.484  -5.050  -1.951  1.00 13.16 ? 60  TYR B CB   1 
ATOM   459  C CG   . TYR A 1 48  ? 10.764  -6.546  -1.941  1.00 14.29 ? 60  TYR B CG   1 
ATOM   460  C CD1  . TYR A 1 48  ? 10.049  -7.422  -2.765  1.00 15.56 ? 60  TYR B CD1  1 
ATOM   461  C CD2  . TYR A 1 48  ? 11.754  -7.085  -1.106  1.00 15.82 ? 60  TYR B CD2  1 
ATOM   462  C CE1  . TYR A 1 48  ? 10.320  -8.800  -2.751  1.00 18.31 ? 60  TYR B CE1  1 
ATOM   463  C CE2  . TYR A 1 48  ? 12.030  -8.455  -1.094  1.00 17.26 ? 60  TYR B CE2  1 
ATOM   464  C CZ   . TYR A 1 48  ? 11.314  -9.308  -1.917  1.00 19.18 ? 60  TYR B CZ   1 
ATOM   465  O OH   . TYR A 1 48  ? 11.610  -10.666 -1.909  1.00 20.74 ? 60  TYR B OH   1 
ATOM   466  H H    . TYR A 1 48  ? 10.626  -5.274  -4.916  1.00 15.00 ? 60  TYR B H    1 
ATOM   467  H HH   . TYR A 1 48  ? 12.487  -10.679 -1.492  1.00 15.00 ? 60  TYR B HH   1 
ATOM   468  N N    . ASP A 1 49  ? 13.464  -4.242  -2.548  1.00 12.06 ? 61  ASP B N    1 
ATOM   469  C CA   . ASP A 1 49  ? 14.885  -4.595  -2.620  1.00 13.22 ? 61  ASP B CA   1 
ATOM   470  C C    . ASP A 1 49  ? 14.999  -6.026  -2.052  1.00 15.81 ? 61  ASP B C    1 
ATOM   471  O O    . ASP A 1 49  ? 14.842  -6.246  -0.844  1.00 15.90 ? 61  ASP B O    1 
ATOM   472  C CB   . ASP A 1 49  ? 15.687  -3.601  -1.772  1.00 11.16 ? 61  ASP B CB   1 
ATOM   473  C CG   . ASP A 1 49  ? 17.167  -3.929  -1.699  1.00 11.65 ? 61  ASP B CG   1 
ATOM   474  O OD1  . ASP A 1 49  ? 17.616  -4.902  -2.310  1.00 14.92 ? 61  ASP B OD1  1 
ATOM   475  O OD2  . ASP A 1 49  ? 17.897  -3.187  -1.044  1.00 14.33 ? 61  ASP B OD2  1 
ATOM   476  H H    . ASP A 1 49  ? 13.170  -3.604  -1.859  1.00 15.00 ? 61  ASP B H    1 
ATOM   477  N N    . SER A 1 50  ? 15.266  -6.995  -2.919  1.00 16.83 ? 62  SER B N    1 
ATOM   478  C CA   . SER A 1 50  ? 15.367  -8.382  -2.477  1.00 18.39 ? 62  SER B CA   1 
ATOM   479  C C    . SER A 1 50  ? 16.727  -8.765  -1.876  1.00 19.80 ? 62  SER B C    1 
ATOM   480  O O    . SER A 1 50  ? 16.897  -9.878  -1.383  1.00 21.46 ? 62  SER B O    1 
ATOM   481  C CB   . SER A 1 50  ? 14.960  -9.329  -3.606  1.00 19.00 ? 62  SER B CB   1 
ATOM   482  O OG   . SER A 1 50  ? 15.727  -9.101  -4.777  1.00 21.64 ? 62  SER B OG   1 
ATOM   483  H H    . SER A 1 50  ? 15.365  -6.799  -3.875  1.00 15.00 ? 62  SER B H    1 
ATOM   484  H HG   . SER A 1 50  ? 15.366  -8.346  -5.271  1.00 15.00 ? 62  SER B HG   1 
ATOM   485  N N    . ALA A 1 51  ? 17.678  -7.834  -1.891  1.00 17.81 ? 63  ALA B N    1 
ATOM   486  C CA   . ALA A 1 51  ? 19.004  -8.067  -1.317  1.00 18.93 ? 63  ALA B CA   1 
ATOM   487  C C    . ALA A 1 51  ? 19.420  -6.846  -0.490  1.00 20.42 ? 63  ALA B C    1 
ATOM   488  O O    . ALA A 1 51  ? 20.404  -6.182  -0.806  1.00 18.84 ? 63  ALA B O    1 
ATOM   489  C CB   . ALA A 1 51  ? 20.014  -8.329  -2.418  1.00 18.05 ? 63  ALA B CB   1 
ATOM   490  H H    . ALA A 1 51  ? 17.461  -6.985  -2.301  1.00 15.00 ? 63  ALA B H    1 
ATOM   491  N N    . PRO A 1 52  ? 18.663  -6.525  0.579   1.00 21.74 ? 64  PRO B N    1 
ATOM   492  C CA   . PRO A 1 52  ? 18.972  -5.371  1.427   1.00 22.38 ? 64  PRO B CA   1 
ATOM   493  C C    . PRO A 1 52  ? 20.333  -5.402  2.123   1.00 24.14 ? 64  PRO B C    1 
ATOM   494  O O    . PRO A 1 52  ? 20.978  -6.451  2.206   1.00 23.41 ? 64  PRO B O    1 
ATOM   495  C CB   . PRO A 1 52  ? 17.816  -5.373  2.430   1.00 22.55 ? 64  PRO B CB   1 
ATOM   496  C CG   . PRO A 1 52  ? 17.469  -6.814  2.534   1.00 22.90 ? 64  PRO B CG   1 
ATOM   497  C CD   . PRO A 1 52  ? 17.491  -7.252  1.103   1.00 22.19 ? 64  PRO B CD   1 
ATOM   498  N N    . ALA A 1 53  ? 20.782  -4.235  2.582   1.00 25.56 ? 65  ALA B N    1 
ATOM   499  C CA   . ALA A 1 53  ? 22.044  -4.131  3.290   1.00 28.21 ? 65  ALA B CA   1 
ATOM   500  C C    . ALA A 1 53  ? 21.827  -4.799  4.645   1.00 31.72 ? 65  ALA B C    1 
ATOM   501  O O    . ALA A 1 53  ? 20.710  -4.856  5.166   1.00 31.60 ? 65  ALA B O    1 
ATOM   502  C CB   . ALA A 1 53  ? 22.436  -2.677  3.473   1.00 29.10 ? 65  ALA B CB   1 
ATOM   503  H H    . ALA A 1 53  ? 20.208  -3.439  2.513   1.00 15.00 ? 65  ALA B H    1 
ATOM   504  N N    . THR A 1 54  ? 22.906  -5.287  5.227   1.00 36.48 ? 66  THR B N    1 
ATOM   505  C CA   . THR A 1 54  ? 22.816  -5.983  6.499   1.00 40.83 ? 66  THR B CA   1 
ATOM   506  C C    . THR A 1 54  ? 23.265  -5.136  7.696   1.00 42.77 ? 66  THR B C    1 
ATOM   507  O O    . THR A 1 54  ? 23.242  -5.599  8.844   1.00 47.66 ? 66  THR B O    1 
ATOM   508  C CB   . THR A 1 54  ? 23.609  -7.307  6.417   1.00 41.01 ? 66  THR B CB   1 
ATOM   509  O OG1  . THR A 1 54  ? 24.858  -7.079  5.741   1.00 42.27 ? 66  THR B OG1  1 
ATOM   510  C CG2  . THR A 1 54  ? 22.812  -8.338  5.627   1.00 42.41 ? 66  THR B CG2  1 
ATOM   511  H H    . THR A 1 54  ? 23.785  -5.194  4.807   1.00 15.00 ? 66  THR B H    1 
ATOM   512  H HG1  . THR A 1 54  ? 24.714  -7.107  4.793   1.00 15.00 ? 66  THR B HG1  1 
ATOM   513  N N    . ASP A 1 55  ? 23.598  -3.876  7.434   1.00 40.00 ? 67  ASP B N    1 
ATOM   514  C CA   . ASP A 1 55  ? 24.054  -2.959  8.473   1.00 35.98 ? 67  ASP B CA   1 
ATOM   515  C C    . ASP A 1 55  ? 22.933  -2.429  9.367   1.00 34.64 ? 67  ASP B C    1 
ATOM   516  O O    . ASP A 1 55  ? 23.148  -1.509  10.148  1.00 34.21 ? 67  ASP B O    1 
ATOM   517  C CB   . ASP A 1 55  ? 24.768  -1.782  7.822   1.00 35.21 ? 67  ASP B CB   1 
ATOM   518  C CG   . ASP A 1 55  ? 23.856  -0.964  6.917   1.00 34.70 ? 67  ASP B CG   1 
ATOM   519  O OD1  . ASP A 1 55  ? 22.708  -1.384  6.639   1.00 33.08 ? 67  ASP B OD1  1 
ATOM   520  O OD2  . ASP A 1 55  ? 24.301  0.118   6.485   1.00 37.09 ? 67  ASP B OD2  1 
ATOM   521  H H    . ASP A 1 55  ? 23.486  -3.567  6.518   1.00 15.00 ? 67  ASP B H    1 
ATOM   522  N N    . GLY A 1 56  ? 21.735  -2.981  9.234   1.00 31.54 ? 68  GLY B N    1 
ATOM   523  C CA   . GLY A 1 56  ? 20.633  -2.495  10.039  1.00 29.86 ? 68  GLY B CA   1 
ATOM   524  C C    . GLY A 1 56  ? 19.697  -1.571  9.269   1.00 28.78 ? 68  GLY B C    1 
ATOM   525  O O    . GLY A 1 56  ? 18.688  -1.136  9.825   1.00 29.87 ? 68  GLY B O    1 
ATOM   526  H H    . GLY A 1 56  ? 21.532  -3.717  8.619   1.00 15.00 ? 68  GLY B H    1 
ATOM   527  N N    . SER A 1 57  ? 20.021  -1.248  8.016   1.00 25.31 ? 69  SER B N    1 
ATOM   528  C CA   . SER A 1 57  ? 19.157  -0.388  7.205   1.00 23.17 ? 69  SER B CA   1 
ATOM   529  C C    . SER A 1 57  ? 17.868  -1.121  6.882   1.00 21.95 ? 69  SER B C    1 
ATOM   530  O O    . SER A 1 57  ? 17.843  -2.351  6.807   1.00 21.75 ? 69  SER B O    1 
ATOM   531  C CB   . SER A 1 57  ? 19.829  -0.061  5.878   1.00 24.55 ? 69  SER B CB   1 
ATOM   532  O OG   . SER A 1 57  ? 21.014  0.665   6.087   1.00 31.31 ? 69  SER B OG   1 
ATOM   533  H H    . SER A 1 57  ? 20.827  -1.615  7.616   1.00 15.00 ? 69  SER B H    1 
ATOM   534  H HG   . SER A 1 57  ? 21.352  1.042   5.267   1.00 15.00 ? 69  SER B HG   1 
ATOM   535  N N    . GLY A 1 58  ? 16.807  -0.355  6.657   1.00 20.69 ? 70  GLY B N    1 
ATOM   536  C CA   . GLY A 1 58  ? 15.528  -0.931  6.294   1.00 17.98 ? 70  GLY B CA   1 
ATOM   537  C C    . GLY A 1 58  ? 15.549  -1.438  4.854   1.00 16.18 ? 70  GLY B C    1 
ATOM   538  O O    . GLY A 1 58  ? 16.532  -1.251  4.119   1.00 17.43 ? 70  GLY B O    1 
ATOM   539  H H    . GLY A 1 58  ? 16.879  0.613   6.755   1.00 15.00 ? 70  GLY B H    1 
ATOM   540  N N    . THR A 1 59  ? 14.448  -2.061  4.454   1.00 14.63 ? 71  THR B N    1 
ATOM   541  C CA   . THR A 1 59  ? 14.278  -2.623  3.116   1.00 15.63 ? 71  THR B CA   1 
ATOM   542  C C    . THR A 1 59  ? 13.349  -1.725  2.278   1.00 14.47 ? 71  THR B C    1 
ATOM   543  O O    . THR A 1 59  ? 12.145  -1.651  2.547   1.00 14.02 ? 71  THR B O    1 
ATOM   544  C CB   . THR A 1 59  ? 13.681  -4.047  3.234   1.00 16.68 ? 71  THR B CB   1 
ATOM   545  O OG1  . THR A 1 59  ? 14.623  -4.877  3.936   1.00 17.09 ? 71  THR B OG1  1 
ATOM   546  C CG2  . THR A 1 59  ? 13.351  -4.648  1.849   1.00 15.64 ? 71  THR B CG2  1 
ATOM   547  H H    . THR A 1 59  ? 13.711  -2.146  5.087   1.00 15.00 ? 71  THR B H    1 
ATOM   548  H HG1  . THR A 1 59  ? 14.920  -4.365  4.708   1.00 15.00 ? 71  THR B HG1  1 
ATOM   549  N N    . ALA A 1 60  ? 13.918  -1.047  1.274   1.00 14.93 ? 72  ALA B N    1 
ATOM   550  C CA   . ALA A 1 60  ? 13.154  -0.133  0.420   1.00 11.96 ? 72  ALA B CA   1 
ATOM   551  C C    . ALA A 1 60  ? 12.128  -0.888  -0.423  1.00 13.16 ? 72  ALA B C    1 
ATOM   552  O O    . ALA A 1 60  ? 12.394  -1.990  -0.922  1.00 14.01 ? 72  ALA B O    1 
ATOM   553  C CB   . ALA A 1 60  ? 14.085  0.663   -0.457  1.00 11.17 ? 72  ALA B CB   1 
ATOM   554  H H    . ALA A 1 60  ? 14.874  -1.194  1.112   1.00 15.00 ? 72  ALA B H    1 
ATOM   555  N N    . LEU A 1 61  ? 10.936  -0.315  -0.543  1.00 11.75 ? 73  LEU B N    1 
ATOM   556  C CA   . LEU A 1 61  ? 9.868   -0.928  -1.321  1.00 13.23 ? 73  LEU B CA   1 
ATOM   557  C C    . LEU A 1 61  ? 8.830   0.133   -1.784  1.00 12.52 ? 73  LEU B C    1 
ATOM   558  O O    . LEU A 1 61  ? 8.866   1.289   -1.367  1.00 13.52 ? 73  LEU B O    1 
ATOM   559  C CB   A LEU A 1 61  ? 9.177   -2.027  -0.479  0.50 12.33 ? 73  LEU B CB   1 
ATOM   560  C CB   B LEU A 1 61  ? 9.173   -2.066  -0.530  0.50 12.69 ? 73  LEU B CB   1 
ATOM   561  C CG   A LEU A 1 61  ? 8.751   -1.683  0.964   0.50 13.34 ? 73  LEU B CG   1 
ATOM   562  C CG   B LEU A 1 61  ? 8.045   -1.785  0.479   0.50 13.87 ? 73  LEU B CG   1 
ATOM   563  C CD1  A LEU A 1 61  ? 7.494   -0.805  1.004   0.50 11.74 ? 73  LEU B CD1  1 
ATOM   564  C CD1  B LEU A 1 61  ? 7.416   -3.097  0.904   0.50 14.06 ? 73  LEU B CD1  1 
ATOM   565  C CD2  A LEU A 1 61  ? 8.520   -2.962  1.738   0.50 12.21 ? 73  LEU B CD2  1 
ATOM   566  C CD2  B LEU A 1 61  ? 8.546   -1.010  1.693   0.50 13.17 ? 73  LEU B CD2  1 
ATOM   567  H H    . LEU A 1 61  ? 10.753  0.549   -0.115  1.00 15.00 ? 73  LEU B H    1 
ATOM   568  N N    . GLY A 1 62  ? 7.923   -0.274  -2.664  1.00 12.96 ? 74  GLY B N    1 
ATOM   569  C CA   . GLY A 1 62  ? 6.877   0.614   -3.114  1.00 11.81 ? 74  GLY B CA   1 
ATOM   570  C C    . GLY A 1 62  ? 5.830   -0.244  -3.800  1.00 11.86 ? 74  GLY B C    1 
ATOM   571  O O    . GLY A 1 62  ? 6.139   -1.348  -4.252  1.00 10.78 ? 74  GLY B O    1 
ATOM   572  H H    . GLY A 1 62  ? 7.951   -1.189  -3.042  1.00 15.00 ? 74  GLY B H    1 
ATOM   573  N N    . TRP A 1 63  ? 4.588   0.235   -3.829  1.00 9.99  ? 75  TRP B N    1 
ATOM   574  C CA   . TRP A 1 63  ? 3.510   -0.469  -4.506  1.00 10.21 ? 75  TRP B CA   1 
ATOM   575  C C    . TRP A 1 63  ? 2.448   0.527   -4.984  1.00 10.58 ? 75  TRP B C    1 
ATOM   576  O O    . TRP A 1 63  ? 2.403   1.680   -4.526  1.00 11.62 ? 75  TRP B O    1 
ATOM   577  C CB   . TRP A 1 63  ? 2.893   -1.590  -3.635  1.00 9.14  ? 75  TRP B CB   1 
ATOM   578  C CG   . TRP A 1 63  ? 2.084   -1.133  -2.425  1.00 10.74 ? 75  TRP B CG   1 
ATOM   579  C CD1  . TRP A 1 63  ? 0.726   -0.840  -2.382  1.00 11.63 ? 75  TRP B CD1  1 
ATOM   580  C CD2  . TRP A 1 63  ? 2.572   -0.927  -1.096  1.00 10.35 ? 75  TRP B CD2  1 
ATOM   581  N NE1  . TRP A 1 63  ? 0.368   -0.467  -1.107  1.00 12.12 ? 75  TRP B NE1  1 
ATOM   582  C CE2  . TRP A 1 63  ? 1.475   -0.507  -0.305  1.00 10.74 ? 75  TRP B CE2  1 
ATOM   583  C CE3  . TRP A 1 63  ? 3.835   -1.057  -0.492  1.00 13.28 ? 75  TRP B CE3  1 
ATOM   584  C CZ2  . TRP A 1 63  ? 1.606   -0.217  1.052   1.00 14.20 ? 75  TRP B CZ2  1 
ATOM   585  C CZ3  . TRP A 1 63  ? 3.962   -0.767  0.858   1.00 14.14 ? 75  TRP B CZ3  1 
ATOM   586  C CH2  . TRP A 1 63  ? 2.856   -0.351  1.614   1.00 13.66 ? 75  TRP B CH2  1 
ATOM   587  H H    . TRP A 1 63  ? 4.397   1.102   -3.405  1.00 15.00 ? 75  TRP B H    1 
ATOM   588  H HE1  . TRP A 1 63  ? -0.530  -0.202  -0.830  1.00 15.00 ? 75  TRP B HE1  1 
ATOM   589  N N    . THR A 1 64  ? 1.601   0.075   -5.903  1.00 9.41  ? 76  THR B N    1 
ATOM   590  C CA   . THR A 1 64  ? 0.550   0.893   -6.469  1.00 10.25 ? 76  THR B CA   1 
ATOM   591  C C    . THR A 1 64  ? -0.782  0.165   -6.422  1.00 11.78 ? 76  THR B C    1 
ATOM   592  O O    . THR A 1 64  ? -0.827  -1.070  -6.513  1.00 12.99 ? 76  THR B O    1 
ATOM   593  C CB   . THR A 1 64  ? 0.833   1.210   -7.975  1.00 12.05 ? 76  THR B CB   1 
ATOM   594  O OG1  . THR A 1 64  ? 2.137   1.793   -8.128  1.00 13.23 ? 76  THR B OG1  1 
ATOM   595  C CG2  . THR A 1 64  ? -0.229  2.133   -8.563  1.00 10.58 ? 76  THR B CG2  1 
ATOM   596  H H    . THR A 1 64  ? 1.679   -0.845  -6.228  1.00 15.00 ? 76  THR B H    1 
ATOM   597  H HG1  . THR A 1 64  ? 2.247   2.467   -7.459  1.00 15.00 ? 76  THR B HG1  1 
ATOM   598  N N    . VAL A 1 65  ? -1.843  0.932   -6.181  1.00 11.52 ? 77  VAL B N    1 
ATOM   599  C CA   . VAL A 1 65  ? -3.214  0.449   -6.237  1.00 11.78 ? 77  VAL B CA   1 
ATOM   600  C C    . VAL A 1 65  ? -3.961  1.434   -7.163  1.00 12.59 ? 77  VAL B C    1 
ATOM   601  O O    . VAL A 1 65  ? -3.882  2.651   -6.976  1.00 13.07 ? 77  VAL B O    1 
ATOM   602  C CB   . VAL A 1 65  ? -3.961  0.456   -4.851  1.00 12.28 ? 77  VAL B CB   1 
ATOM   603  C CG1  . VAL A 1 65  ? -5.454  0.150   -5.045  1.00 10.45 ? 77  VAL B CG1  1 
ATOM   604  C CG2  . VAL A 1 65  ? -3.384  -0.573  -3.918  1.00 12.94 ? 77  VAL B CG2  1 
ATOM   605  H H    . VAL A 1 65  ? -1.705  1.878   -5.956  1.00 15.00 ? 77  VAL B H    1 
ATOM   606  N N    . ALA A 1 66  ? -4.591  0.920   -8.218  1.00 13.06 ? 78  ALA B N    1 
ATOM   607  C CA   . ALA A 1 66  ? -5.460  1.738   -9.084  1.00 13.13 ? 78  ALA B CA   1 
ATOM   608  C C    . ALA A 1 66  ? -6.843  1.476   -8.446  1.00 13.70 ? 78  ALA B C    1 
ATOM   609  O O    . ALA A 1 66  ? -7.267  0.315   -8.290  1.00 14.83 ? 78  ALA B O    1 
ATOM   610  C CB   . ALA A 1 66  ? -5.449  1.247   -10.543 1.00 12.35 ? 78  ALA B CB   1 
ATOM   611  H H    . ALA A 1 66  ? -4.523  -0.041  -8.409  1.00 15.00 ? 78  ALA B H    1 
ATOM   612  N N    . TRP A 1 67  ? -7.552  2.539   -8.103  1.00 11.99 ? 79  TRP B N    1 
ATOM   613  C CA   . TRP A 1 67  ? -8.827  2.388   -7.439  1.00 12.91 ? 79  TRP B CA   1 
ATOM   614  C C    . TRP A 1 67  ? -9.987  2.007   -8.321  1.00 13.65 ? 79  TRP B C    1 
ATOM   615  O O    . TRP A 1 67  ? -11.002 2.704   -8.385  1.00 13.86 ? 79  TRP B O    1 
ATOM   616  C CB   . TRP A 1 67  ? -9.144  3.609   -6.550  1.00 12.50 ? 79  TRP B CB   1 
ATOM   617  C CG   . TRP A 1 67  ? -8.051  3.845   -5.581  1.00 12.39 ? 79  TRP B CG   1 
ATOM   618  C CD1  . TRP A 1 67  ? -7.026  4.748   -5.701  1.00 13.41 ? 79  TRP B CD1  1 
ATOM   619  C CD2  . TRP A 1 67  ? -7.781  3.082   -4.399  1.00 13.30 ? 79  TRP B CD2  1 
ATOM   620  N NE1  . TRP A 1 67  ? -6.131  4.582   -4.672  1.00 14.57 ? 79  TRP B NE1  1 
ATOM   621  C CE2  . TRP A 1 67  ? -6.565  3.568   -3.857  1.00 14.88 ? 79  TRP B CE2  1 
ATOM   622  C CE3  . TRP A 1 67  ? -8.447  2.029   -3.743  1.00 14.09 ? 79  TRP B CE3  1 
ATOM   623  C CZ2  . TRP A 1 67  ? -5.991  3.038   -2.682  1.00 15.01 ? 79  TRP B CZ2  1 
ATOM   624  C CZ3  . TRP A 1 67  ? -7.880  1.499   -2.572  1.00 14.33 ? 79  TRP B CZ3  1 
ATOM   625  C CH2  . TRP A 1 67  ? -6.658  2.009   -2.057  1.00 15.49 ? 79  TRP B CH2  1 
ATOM   626  H H    . TRP A 1 67  ? -7.211  3.428   -8.315  1.00 15.00 ? 79  TRP B H    1 
ATOM   627  H HE1  . TRP A 1 67  ? -5.283  5.067   -4.562  1.00 15.00 ? 79  TRP B HE1  1 
ATOM   628  N N    . LYS A 1 68  ? -9.853  0.851   -8.952  1.00 13.65 ? 80  LYS B N    1 
ATOM   629  C CA   . LYS A 1 68  ? -10.917 0.315   -9.773  1.00 15.35 ? 80  LYS B CA   1 
ATOM   630  C C    . LYS A 1 68  ? -11.032 -1.173  -9.472  1.00 14.34 ? 80  LYS B C    1 
ATOM   631  O O    . LYS A 1 68  ? -10.014 -1.857  -9.358  1.00 13.97 ? 80  LYS B O    1 
ATOM   632  C CB   . LYS A 1 68  ? -10.625 0.498   -11.274 1.00 15.87 ? 80  LYS B CB   1 
ATOM   633  C CG   . LYS A 1 68  ? -11.777 -0.013  -12.169 1.00 19.43 ? 80  LYS B CG   1 
ATOM   634  C CD   . LYS A 1 68  ? -11.301 -0.463  -13.514 1.00 22.97 ? 80  LYS B CD   1 
ATOM   635  C CE   . LYS A 1 68  ? -12.449 -1.013  -14.338 1.00 26.71 ? 80  LYS B CE   1 
ATOM   636  N NZ   . LYS A 1 68  ? -13.178 -2.178  -13.730 1.00 32.28 ? 80  LYS B NZ   1 
ATOM   637  H H    . LYS A 1 68  ? -9.045  0.306   -8.864  1.00 15.00 ? 80  LYS B H    1 
ATOM   638  H HZ1  . LYS A 1 68  ? -12.513 -2.963  -13.573 1.00 15.00 ? 80  LYS B HZ1  1 
ATOM   639  H HZ2  . LYS A 1 68  ? -13.592 -1.895  -12.817 1.00 15.00 ? 80  LYS B HZ2  1 
ATOM   640  H HZ3  . LYS A 1 68  ? -13.935 -2.490  -14.370 1.00 15.00 ? 80  LYS B HZ3  1 
ATOM   641  N N    . ASN A 1 69  ? -12.256 -1.632  -9.235  1.00 14.04 ? 81  ASN B N    1 
ATOM   642  C CA   . ASN A 1 69  ? -12.533 -3.047  -9.051  1.00 15.82 ? 81  ASN B CA   1 
ATOM   643  C C    . ASN A 1 69  ? -13.872 -3.294  -9.751  1.00 17.45 ? 81  ASN B C    1 
ATOM   644  O O    . ASN A 1 69  ? -14.365 -2.418  -10.450 1.00 15.95 ? 81  ASN B O    1 
ATOM   645  C CB   . ASN A 1 69  ? -12.479 -3.527  -7.584  1.00 15.84 ? 81  ASN B CB   1 
ATOM   646  C CG   . ASN A 1 69  ? -13.562 -2.932  -6.692  1.00 13.89 ? 81  ASN B CG   1 
ATOM   647  O OD1  . ASN A 1 69  ? -14.550 -2.386  -7.161  1.00 15.90 ? 81  ASN B OD1  1 
ATOM   648  N ND2  . ASN A 1 69  ? -13.376 -3.067  -5.384  1.00 13.90 ? 81  ASN B ND2  1 
ATOM   649  H H    . ASN A 1 69  ? -13.022 -1.008  -9.243  1.00 15.00 ? 81  ASN B H    1 
ATOM   650  H HD21 . ASN A 1 69  ? -14.037 -2.675  -4.768  1.00 0.00  ? 81  ASN B HD21 1 
ATOM   651  H HD22 . ASN A 1 69  ? -12.575 -3.550  -5.097  1.00 0.00  ? 81  ASN B HD22 1 
ATOM   652  N N    . ASN A 1 70  ? -14.463 -4.472  -9.586  1.00 20.80 ? 82  ASN B N    1 
ATOM   653  C CA   . ASN A 1 70  ? -15.727 -4.747  -10.270 1.00 24.57 ? 82  ASN B CA   1 
ATOM   654  C C    . ASN A 1 70  ? -16.960 -4.069  -9.691  1.00 23.45 ? 82  ASN B C    1 
ATOM   655  O O    . ASN A 1 70  ? -18.043 -4.121  -10.291 1.00 26.42 ? 82  ASN B O    1 
ATOM   656  C CB   . ASN A 1 70  ? -15.941 -6.254  -10.417 1.00 29.79 ? 82  ASN B CB   1 
ATOM   657  C CG   . ASN A 1 70  ? -14.812 -6.925  -11.197 1.00 36.44 ? 82  ASN B CG   1 
ATOM   658  O OD1  . ASN A 1 70  ? -14.217 -7.901  -10.734 1.00 41.42 ? 82  ASN B OD1  1 
ATOM   659  N ND2  . ASN A 1 70  ? -14.483 -6.374  -12.361 1.00 39.04 ? 82  ASN B ND2  1 
ATOM   660  H H    . ASN A 1 70  ? -14.045 -5.141  -9.012  1.00 15.00 ? 82  ASN B H    1 
ATOM   661  H HD21 . ASN A 1 70  ? -13.748 -6.791  -12.856 1.00 0.00  ? 82  ASN B HD21 1 
ATOM   662  H HD22 . ASN A 1 70  ? -14.950 -5.576  -12.680 1.00 0.00  ? 82  ASN B HD22 1 
ATOM   663  N N    . TYR A 1 71  ? -16.777 -3.362  -8.580  1.00 20.58 ? 83  TYR B N    1 
ATOM   664  C CA   . TYR A 1 71  ? -17.869 -2.671  -7.896  1.00 19.91 ? 83  TYR B CA   1 
ATOM   665  C C    . TYR A 1 71  ? -17.767 -1.148  -7.938  1.00 20.32 ? 83  TYR B C    1 
ATOM   666  O O    . TYR A 1 71  ? -18.774 -0.443  -7.748  1.00 18.94 ? 83  TYR B O    1 
ATOM   667  C CB   . TYR A 1 71  ? -17.883 -3.066  -6.420  1.00 19.84 ? 83  TYR B CB   1 
ATOM   668  C CG   . TYR A 1 71  ? -17.941 -4.549  -6.202  1.00 23.03 ? 83  TYR B CG   1 
ATOM   669  C CD1  . TYR A 1 71  ? -19.173 -5.214  -6.191  1.00 26.64 ? 83  TYR B CD1  1 
ATOM   670  C CD2  . TYR A 1 71  ? -16.771 -5.303  -6.073  1.00 23.53 ? 83  TYR B CD2  1 
ATOM   671  C CE1  . TYR A 1 71  ? -19.241 -6.581  -6.067  1.00 27.50 ? 83  TYR B CE1  1 
ATOM   672  C CE2  . TYR A 1 71  ? -16.824 -6.678  -5.948  1.00 25.74 ? 83  TYR B CE2  1 
ATOM   673  C CZ   . TYR A 1 71  ? -18.069 -7.315  -5.946  1.00 28.71 ? 83  TYR B CZ   1 
ATOM   674  O OH   . TYR A 1 71  ? -18.173 -8.689  -5.821  1.00 31.85 ? 83  TYR B OH   1 
ATOM   675  H H    . TYR A 1 71  ? -15.879 -3.291  -8.199  1.00 15.00 ? 83  TYR B H    1 
ATOM   676  H HH   . TYR A 1 71  ? -17.314 -9.119  -5.743  1.00 15.00 ? 83  TYR B HH   1 
ATOM   677  N N    . ARG A 1 72  ? -16.574 -0.644  -8.232  1.00 15.99 ? 84  ARG B N    1 
ATOM   678  C CA   . ARG A 1 72  ? -16.376 0.783   -8.187  1.00 18.44 ? 84  ARG B CA   1 
ATOM   679  C C    . ARG A 1 72  ? -15.166 1.274   -8.964  1.00 17.76 ? 84  ARG B C    1 
ATOM   680  O O    . ARG A 1 72  ? -14.204 0.529   -9.173  1.00 17.82 ? 84  ARG B O    1 
ATOM   681  C CB   . ARG A 1 72  ? -16.184 1.142   -6.712  1.00 22.39 ? 84  ARG B CB   1 
ATOM   682  C CG   . ARG A 1 72  ? -15.889 2.579   -6.429  1.00 28.25 ? 84  ARG B CG   1 
ATOM   683  C CD   . ARG A 1 72  ? -16.112 2.835   -4.978  1.00 35.22 ? 84  ARG B CD   1 
ATOM   684  N NE   . ARG A 1 72  ? -15.991 4.252   -4.643  1.00 42.35 ? 84  ARG B NE   1 
ATOM   685  C CZ   . ARG A 1 72  ? -16.098 4.725   -3.405  1.00 46.48 ? 84  ARG B CZ   1 
ATOM   686  N NH1  . ARG A 1 72  ? -16.333 3.883   -2.398  1.00 49.65 ? 84  ARG B NH1  1 
ATOM   687  N NH2  . ARG A 1 72  ? -15.945 6.026   -3.166  1.00 46.63 ? 84  ARG B NH2  1 
ATOM   688  H H    . ARG A 1 72  ? -15.814 -1.213  -8.484  1.00 15.00 ? 84  ARG B H    1 
ATOM   689  H HE   . ARG A 1 72  ? -15.824 4.887   -5.370  1.00 15.00 ? 84  ARG B HE   1 
ATOM   690  H HH11 . ARG A 1 72  ? -16.431 2.900   -2.562  1.00 0.00  ? 84  ARG B HH11 1 
ATOM   691  H HH12 . ARG A 1 72  ? -16.420 4.242   -1.470  1.00 0.00  ? 84  ARG B HH12 1 
ATOM   692  H HH21 . ARG A 1 72  ? -15.749 6.650   -3.922  1.00 0.00  ? 84  ARG B HH21 1 
ATOM   693  H HH22 . ARG A 1 72  ? -16.026 6.379   -2.236  1.00 0.00  ? 84  ARG B HH22 1 
ATOM   694  N N    . ASN A 1 73  ? -15.234 2.520   -9.416  1.00 16.47 ? 85  ASN B N    1 
ATOM   695  C CA   . ASN A 1 73  ? -14.104 3.138   -10.094 1.00 15.75 ? 85  ASN B CA   1 
ATOM   696  C C    . ASN A 1 73  ? -14.009 4.583   -9.596  1.00 15.25 ? 85  ASN B C    1 
ATOM   697  O O    . ASN A 1 73  ? -14.862 5.414   -9.894  1.00 15.93 ? 85  ASN B O    1 
ATOM   698  C CB   . ASN A 1 73  ? -14.231 3.090   -11.614 1.00 14.76 ? 85  ASN B CB   1 
ATOM   699  C CG   . ASN A 1 73  ? -12.925 3.431   -12.308 1.00 14.59 ? 85  ASN B CG   1 
ATOM   700  O OD1  . ASN A 1 73  ? -11.996 3.925   -11.685 1.00 15.10 ? 85  ASN B OD1  1 
ATOM   701  N ND2  . ASN A 1 73  ? -12.851 3.174   -13.595 1.00 14.15 ? 85  ASN B ND2  1 
ATOM   702  H H    . ASN A 1 73  ? -16.050 3.045   -9.275  1.00 15.00 ? 85  ASN B H    1 
ATOM   703  H HD21 . ASN A 1 73  ? -12.038 3.335   -14.094 1.00 0.00  ? 85  ASN B HD21 1 
ATOM   704  H HD22 . ASN A 1 73  ? -13.669 2.800   -14.007 1.00 0.00  ? 85  ASN B HD22 1 
ATOM   705  N N    . ALA A 1 74  ? -13.004 4.838   -8.761  1.00 14.20 ? 86  ALA B N    1 
ATOM   706  C CA   . ALA A 1 74  ? -12.739 6.157   -8.199  1.00 14.52 ? 86  ALA B CA   1 
ATOM   707  C C    . ALA A 1 74  ? -11.746 6.959   -9.095  1.00 15.82 ? 86  ALA B C    1 
ATOM   708  O O    . ALA A 1 74  ? -11.240 7.988   -8.674  1.00 16.26 ? 86  ALA B O    1 
ATOM   709  C CB   . ALA A 1 74  ? -12.170 6.013   -6.784  1.00 15.11 ? 86  ALA B CB   1 
ATOM   710  H H    . ALA A 1 74  ? -12.413 4.093   -8.518  1.00 15.00 ? 86  ALA B H    1 
ATOM   711  N N    . HIS A 1 75  ? -11.433 6.450   -10.292 1.00 12.92 ? 87  HIS B N    1 
ATOM   712  C CA   . HIS A 1 75  ? -10.544 7.123   -11.250 1.00 14.02 ? 87  HIS B CA   1 
ATOM   713  C C    . HIS A 1 75  ? -9.325  7.762   -10.587 1.00 13.19 ? 87  HIS B C    1 
ATOM   714  O O    . HIS A 1 75  ? -9.086  8.968   -10.715 1.00 13.52 ? 87  HIS B O    1 
ATOM   715  C CB   . HIS A 1 75  ? -11.330 8.180   -12.050 1.00 13.49 ? 87  HIS B CB   1 
ATOM   716  C CG   . HIS A 1 75  ? -12.501 7.617   -12.799 1.00 13.80 ? 87  HIS B CG   1 
ATOM   717  N ND1  . HIS A 1 75  ? -12.361 6.696   -13.816 1.00 14.37 ? 87  HIS B ND1  1 
ATOM   718  C CD2  . HIS A 1 75  ? -13.832 7.815   -12.654 1.00 14.53 ? 87  HIS B CD2  1 
ATOM   719  C CE1  . HIS A 1 75  ? -13.555 6.346   -14.260 1.00 17.44 ? 87  HIS B CE1  1 
ATOM   720  N NE2  . HIS A 1 75  ? -14.464 7.011   -13.570 1.00 15.64 ? 87  HIS B NE2  1 
ATOM   721  H H    . HIS A 1 75  ? -11.784 5.564   -10.519 1.00 15.00 ? 87  HIS B H    1 
ATOM   722  H HD1  . HIS A 1 75  ? -11.561 6.462   -14.282 1.00 15.00 ? 87  HIS B HD1  1 
ATOM   723  H HE2  . HIS A 1 75  ? -15.428 6.889   -13.648 1.00 15.00 ? 87  HIS B HE2  1 
ATOM   724  N N    . SER A 1 76  ? -8.538  6.928   -9.931  1.00 11.92 ? 88  SER B N    1 
ATOM   725  C CA   . SER A 1 76  ? -7.381  7.395   -9.197  1.00 11.86 ? 88  SER B CA   1 
ATOM   726  C C    . SER A 1 76  ? -6.455  6.235   -8.915  1.00 10.67 ? 88  SER B C    1 
ATOM   727  O O    . SER A 1 76  ? -6.822  5.074   -9.077  1.00 11.83 ? 88  SER B O    1 
ATOM   728  C CB   . SER A 1 76  ? -7.810  8.055   -7.867  1.00 11.65 ? 88  SER B CB   1 
ATOM   729  O OG   . SER A 1 76  ? -8.746  7.266   -7.150  1.00 14.36 ? 88  SER B OG   1 
ATOM   730  H H    . SER A 1 76  ? -8.691  5.955   -9.943  1.00 15.00 ? 88  SER B H    1 
ATOM   731  H HG   . SER A 1 76  ? -9.558  7.327   -7.679  1.00 15.00 ? 88  SER B HG   1 
ATOM   732  N N    . ALA A 1 77  ? -5.241  6.567   -8.519  1.00 10.40 ? 89  ALA B N    1 
ATOM   733  C CA   . ALA A 1 77  ? -4.245  5.583   -8.201  1.00 11.39 ? 89  ALA B CA   1 
ATOM   734  C C    . ALA A 1 77  ? -3.386  6.152   -7.064  1.00 13.14 ? 89  ALA B C    1 
ATOM   735  O O    . ALA A 1 77  ? -3.110  7.362   -7.018  1.00 13.05 ? 89  ALA B O    1 
ATOM   736  C CB   . ALA A 1 77  ? -3.373  5.303   -9.428  1.00 11.33 ? 89  ALA B CB   1 
ATOM   737  H H    . ALA A 1 77  ? -4.971  7.509   -8.434  1.00 15.00 ? 89  ALA B H    1 
ATOM   738  N N    . THR A 1 78  ? -2.977  5.276   -6.150  1.00 10.92 ? 90  THR B N    1 
ATOM   739  C CA   . THR A 1 78  ? -2.126  5.669   -5.046  1.00 10.72 ? 90  THR B CA   1 
ATOM   740  C C    . THR A 1 78  ? -0.844  4.867   -5.088  1.00 11.09 ? 90  THR B C    1 
ATOM   741  O O    . THR A 1 78  ? -0.879  3.665   -5.375  1.00 10.81 ? 90  THR B O    1 
ATOM   742  C CB   . THR A 1 78  ? -2.804  5.399   -3.681  1.00 10.29 ? 90  THR B CB   1 
ATOM   743  O OG1  . THR A 1 78  ? -4.024  6.152   -3.610  1.00 11.88 ? 90  THR B OG1  1 
ATOM   744  C CG2  . THR A 1 78  ? -1.880  5.790   -2.498  1.00 10.37 ? 90  THR B CG2  1 
ATOM   745  H H    . THR A 1 78  ? -3.241  4.337   -6.224  1.00 15.00 ? 90  THR B H    1 
ATOM   746  H HG1  . THR A 1 78  ? -3.747  7.027   -3.902  1.00 15.00 ? 90  THR B HG1  1 
ATOM   747  N N    . THR A 1 79  ? 0.282   5.532   -4.876  1.00 10.37 ? 91  THR B N    1 
ATOM   748  C CA   . THR A 1 79  ? 1.548   4.820   -4.769  1.00 11.06 ? 91  THR B CA   1 
ATOM   749  C C    . THR A 1 79  ? 2.086   5.024   -3.349  1.00 12.54 ? 91  THR B C    1 
ATOM   750  O O    . THR A 1 79  ? 2.006   6.136   -2.809  1.00 12.58 ? 91  THR B O    1 
ATOM   751  C CB   . THR A 1 79  ? 2.633   5.334   -5.758  1.00 12.83 ? 91  THR B CB   1 
ATOM   752  O OG1  . THR A 1 79  ? 2.899   6.723   -5.527  1.00 13.96 ? 91  THR B OG1  1 
ATOM   753  C CG2  . THR A 1 79  ? 2.194   5.095   -7.203  1.00 14.09 ? 91  THR B CG2  1 
ATOM   754  H H    . THR A 1 79  ? 0.307   6.510   -4.825  1.00 15.00 ? 91  THR B H    1 
ATOM   755  H HG1  . THR A 1 79  ? 3.114   6.879   -4.602  1.00 15.00 ? 91  THR B HG1  1 
ATOM   756  N N    . TRP A 1 80  ? 2.608   3.966   -2.743  1.00 10.25 ? 92  TRP B N    1 
ATOM   757  C CA   . TRP A 1 80  ? 3.203   4.063   -1.418  1.00 11.70 ? 92  TRP B CA   1 
ATOM   758  C C    . TRP A 1 80  ? 4.695   3.822   -1.615  1.00 10.95 ? 92  TRP B C    1 
ATOM   759  O O    . TRP A 1 80  ? 5.089   2.853   -2.269  1.00 11.81 ? 92  TRP B O    1 
ATOM   760  C CB   . TRP A 1 80  ? 2.666   2.982   -0.454  1.00 10.76 ? 92  TRP B CB   1 
ATOM   761  C CG   . TRP A 1 80  ? 1.296   3.226   0.101   1.00 10.96 ? 92  TRP B CG   1 
ATOM   762  C CD1  . TRP A 1 80  ? 0.988   3.699   1.358   1.00 10.58 ? 92  TRP B CD1  1 
ATOM   763  C CD2  . TRP A 1 80  ? 0.048   2.884   -0.518  1.00 11.08 ? 92  TRP B CD2  1 
ATOM   764  N NE1  . TRP A 1 80  ? -0.375  3.652   1.556   1.00 11.26 ? 92  TRP B NE1  1 
ATOM   765  C CE2  . TRP A 1 80  ? -0.978  3.146   0.431   1.00 12.51 ? 92  TRP B CE2  1 
ATOM   766  C CE3  . TRP A 1 80  ? -0.306  2.368   -1.773  1.00 11.67 ? 92  TRP B CE3  1 
ATOM   767  C CZ2  . TRP A 1 80  ? -2.341  2.898   0.162   1.00 12.53 ? 92  TRP B CZ2  1 
ATOM   768  C CZ3  . TRP A 1 80  ? -1.664  2.127   -2.043  1.00 12.47 ? 92  TRP B CZ3  1 
ATOM   769  C CH2  . TRP A 1 80  ? -2.659  2.390   -1.072  1.00 11.34 ? 92  TRP B CH2  1 
ATOM   770  H H    . TRP A 1 80  ? 2.617   3.094   -3.201  1.00 15.00 ? 92  TRP B H    1 
ATOM   771  H HE1  . TRP A 1 80  ? -0.838  3.972   2.359   1.00 15.00 ? 92  TRP B HE1  1 
ATOM   772  N N    . SER A 1 81  ? 5.519   4.672   -1.023  1.00 9.94  ? 93  SER B N    1 
ATOM   773  C CA   . SER A 1 81  ? 6.957   4.528   -1.130  1.00 11.01 ? 93  SER B CA   1 
ATOM   774  C C    . SER A 1 81  ? 7.481   4.501   0.303   1.00 11.94 ? 93  SER B C    1 
ATOM   775  O O    . SER A 1 81  ? 7.138   5.362   1.121   1.00 11.93 ? 93  SER B O    1 
ATOM   776  C CB   . SER A 1 81  ? 7.535   5.712   -1.924  1.00 11.61 ? 93  SER B CB   1 
ATOM   777  O OG   . SER A 1 81  ? 8.936   5.588   -2.084  1.00 15.42 ? 93  SER B OG   1 
ATOM   778  H H    . SER A 1 81  ? 5.173   5.422   -0.499  1.00 15.00 ? 93  SER B H    1 
ATOM   779  H HG   . SER A 1 81  ? 9.385   5.574   -1.237  1.00 15.00 ? 93  SER B HG   1 
ATOM   780  N N    . GLY A 1 82  ? 8.299   3.508   0.631   1.00 12.72 ? 94  GLY B N    1 
ATOM   781  C CA   . GLY A 1 82  ? 8.793   3.456   1.990   1.00 13.88 ? 94  GLY B CA   1 
ATOM   782  C C    . GLY A 1 82  ? 9.779   2.351   2.229   1.00 15.14 ? 94  GLY B C    1 
ATOM   783  O O    . GLY A 1 82  ? 10.477  1.900   1.307   1.00 14.24 ? 94  GLY B O    1 
ATOM   784  H H    . GLY A 1 82  ? 8.585   2.827   -0.027  1.00 15.00 ? 94  GLY B H    1 
ATOM   785  N N    . GLN A 1 83  ? 9.870   1.952   3.492   1.00 16.10 ? 95  GLN B N    1 
ATOM   786  C CA   . GLN A 1 83  ? 10.775  0.886   3.883   1.00 17.36 ? 95  GLN B CA   1 
ATOM   787  C C    . GLN A 1 83  ? 10.250  -0.009  4.995   1.00 16.41 ? 95  GLN B C    1 
ATOM   788  O O    . GLN A 1 83  ? 9.434   0.394   5.832   1.00 15.70 ? 95  GLN B O    1 
ATOM   789  C CB   . GLN A 1 83  ? 12.174  1.417   4.223   1.00 16.56 ? 95  GLN B CB   1 
ATOM   790  C CG   . GLN A 1 83  ? 12.279  2.309   5.419   1.00 16.90 ? 95  GLN B CG   1 
ATOM   791  C CD   . GLN A 1 83  ? 13.674  2.907   5.541   1.00 17.38 ? 95  GLN B CD   1 
ATOM   792  O OE1  . GLN A 1 83  ? 14.677  2.204   5.506   1.00 15.73 ? 95  GLN B OE1  1 
ATOM   793  N NE2  . GLN A 1 83  ? 13.734  4.210   5.700   1.00 20.82 ? 95  GLN B NE2  1 
ATOM   794  H H    . GLN A 1 83  ? 9.304   2.368   4.181   1.00 15.00 ? 95  GLN B H    1 
ATOM   795  H HE21 . GLN A 1 83  ? 14.621  4.626   5.766   1.00 15.00 ? 95  GLN B HE21 1 
ATOM   796  H HE22 . GLN A 1 83  ? 12.892  4.722   5.751   1.00 15.00 ? 95  GLN B HE22 1 
ATOM   797  N N    . TYR A 1 84  ? 10.648  -1.266  4.893   1.00 16.58 ? 96  TYR B N    1 
ATOM   798  C CA   . TYR A 1 84  ? 10.300  -2.287  5.853   1.00 16.76 ? 96  TYR B CA   1 
ATOM   799  C C    . TYR A 1 84  ? 11.406  -2.304  6.901   1.00 18.89 ? 96  TYR B C    1 
ATOM   800  O O    . TYR A 1 84  ? 12.598  -2.275  6.567   1.00 16.76 ? 96  TYR B O    1 
ATOM   801  C CB   . TYR A 1 84  ? 10.232  -3.636  5.150   1.00 16.30 ? 96  TYR B CB   1 
ATOM   802  C CG   . TYR A 1 84  ? 10.343  -4.815  6.080   1.00 17.08 ? 96  TYR B CG   1 
ATOM   803  C CD1  . TYR A 1 84  ? 9.218   -5.309  6.751   1.00 18.94 ? 96  TYR B CD1  1 
ATOM   804  C CD2  . TYR A 1 84  ? 11.563  -5.436  6.289   1.00 17.54 ? 96  TYR B CD2  1 
ATOM   805  C CE1  . TYR A 1 84  ? 9.308   -6.400  7.602   1.00 19.54 ? 96  TYR B CE1  1 
ATOM   806  C CE2  . TYR A 1 84  ? 11.663  -6.523  7.141   1.00 21.45 ? 96  TYR B CE2  1 
ATOM   807  C CZ   . TYR A 1 84  ? 10.529  -6.998  7.788   1.00 21.10 ? 96  TYR B CZ   1 
ATOM   808  O OH   . TYR A 1 84  ? 10.632  -8.094  8.602   1.00 24.62 ? 96  TYR B OH   1 
ATOM   809  H H    . TYR A 1 84  ? 11.198  -1.515  4.133   1.00 15.00 ? 96  TYR B H    1 
ATOM   810  H HH   . TYR A 1 84  ? 9.756   -8.327  8.969   1.00 15.00 ? 96  TYR B HH   1 
ATOM   811  N N    . VAL A 1 85  ? 10.994  -2.322  8.163   1.00 20.22 ? 97  VAL B N    1 
ATOM   812  C CA   . VAL A 1 85  ? 11.908  -2.377  9.296   1.00 24.85 ? 97  VAL B CA   1 
ATOM   813  C C    . VAL A 1 85  ? 11.464  -3.624  10.071  1.00 24.75 ? 97  VAL B C    1 
ATOM   814  O O    . VAL A 1 85  ? 10.354  -3.686  10.568  1.00 23.92 ? 97  VAL B O    1 
ATOM   815  C CB   . VAL A 1 85  ? 11.801  -1.092  10.172  1.00 27.03 ? 97  VAL B CB   1 
ATOM   816  C CG1  . VAL A 1 85  ? 12.697  -1.221  11.395  1.00 29.47 ? 97  VAL B CG1  1 
ATOM   817  C CG2  . VAL A 1 85  ? 12.200  0.162   9.346   1.00 27.30 ? 97  VAL B CG2  1 
ATOM   818  H H    . VAL A 1 85  ? 10.033  -2.317  8.354   1.00 15.00 ? 97  VAL B H    1 
ATOM   819  N N    . GLY A 1 86  ? 12.300  -4.648  10.087  1.00 28.55 ? 98  GLY B N    1 
ATOM   820  C CA   . GLY A 1 86  ? 11.946  -5.880  10.774  1.00 33.36 ? 98  GLY B CA   1 
ATOM   821  C C    . GLY A 1 86  ? 12.161  -5.853  12.280  1.00 37.20 ? 98  GLY B C    1 
ATOM   822  O O    . GLY A 1 86  ? 12.428  -4.799  12.874  1.00 37.79 ? 98  GLY B O    1 
ATOM   823  H H    . GLY A 1 86  ? 13.183  -4.541  9.675   1.00 15.00 ? 98  GLY B H    1 
ATOM   824  N N    . GLY A 1 87  ? 12.026  -7.016  12.910  1.00 39.84 ? 99  GLY B N    1 
ATOM   825  C CA   . GLY A 1 87  ? 12.229  -7.091  14.345  1.00 42.42 ? 99  GLY B CA   1 
ATOM   826  C C    . GLY A 1 87  ? 10.990  -7.426  15.137  1.00 43.54 ? 99  GLY B C    1 
ATOM   827  O O    . GLY A 1 87  ? 9.951   -7.795  14.562  1.00 44.07 ? 99  GLY B O    1 
ATOM   828  H H    . GLY A 1 87  ? 11.783  -7.824  12.413  1.00 15.00 ? 99  GLY B H    1 
ATOM   829  N N    . ALA A 1 88  ? 11.098  -7.273  16.460  1.00 45.08 ? 100 ALA B N    1 
ATOM   830  C CA   . ALA A 1 88  ? 9.996   -7.577  17.391  1.00 44.49 ? 100 ALA B CA   1 
ATOM   831  C C    . ALA A 1 88  ? 8.730   -6.809  17.028  1.00 42.70 ? 100 ALA B C    1 
ATOM   832  O O    . ALA A 1 88  ? 7.626   -7.373  17.057  1.00 43.65 ? 100 ALA B O    1 
ATOM   833  C CB   . ALA A 1 88  ? 10.412  -7.275  18.833  1.00 46.01 ? 100 ALA B CB   1 
ATOM   834  H H    . ALA A 1 88  ? 11.942  -6.936  16.816  1.00 15.00 ? 100 ALA B H    1 
ATOM   835  N N    . GLU A 1 89  ? 8.907   -5.515  16.729  1.00 38.70 ? 101 GLU B N    1 
ATOM   836  C CA   . GLU A 1 89  ? 7.817   -4.642  16.314  1.00 34.09 ? 101 GLU B CA   1 
ATOM   837  C C    . GLU A 1 89  ? 8.162   -4.261  14.874  1.00 31.99 ? 101 GLU B C    1 
ATOM   838  O O    . GLU A 1 89  ? 8.832   -3.262  14.634  1.00 32.46 ? 101 GLU B O    1 
ATOM   839  C CB   . GLU A 1 89  ? 7.714   -3.389  17.199  0.00 34.64 ? 101 GLU B CB   1 
ATOM   840  C CG   . GLU A 1 89  ? 8.816   -3.207  18.244  0.00 34.14 ? 101 GLU B CG   1 
ATOM   841  C CD   . GLU A 1 89  ? 10.172  -2.875  17.640  0.00 34.08 ? 101 GLU B CD   1 
ATOM   842  O OE1  . GLU A 1 89  ? 10.273  -1.872  16.903  0.00 34.03 ? 101 GLU B OE1  1 
ATOM   843  O OE2  . GLU A 1 89  ? 11.138  -3.618  17.914  0.00 33.82 ? 101 GLU B OE2  1 
ATOM   844  H H    . GLU A 1 89  ? 9.807   -5.131  16.744  1.00 15.00 ? 101 GLU B H    1 
ATOM   845  N N    . ALA A 1 90  ? 7.840   -5.148  13.938  1.00 28.68 ? 102 ALA B N    1 
ATOM   846  C CA   . ALA A 1 90  ? 8.113   -4.896  12.525  1.00 26.36 ? 102 ALA B CA   1 
ATOM   847  C C    . ALA A 1 90  ? 7.132   -3.835  12.031  1.00 24.22 ? 102 ALA B C    1 
ATOM   848  O O    . ALA A 1 90  ? 5.995   -3.759  12.509  1.00 23.03 ? 102 ALA B O    1 
ATOM   849  C CB   . ALA A 1 90  ? 7.958   -6.177  11.698  1.00 23.40 ? 102 ALA B CB   1 
ATOM   850  H H    . ALA A 1 90  ? 7.393   -5.976  14.199  1.00 15.00 ? 102 ALA B H    1 
ATOM   851  N N    . ARG A 1 91  ? 7.577   -2.999  11.098  1.00 22.55 ? 103 ARG B N    1 
ATOM   852  C CA   . ARG A 1 91  ? 6.705   -1.967  10.548  1.00 20.51 ? 103 ARG B CA   1 
ATOM   853  C C    . ARG A 1 91  ? 7.133   -1.578  9.157   0.50 14.68 ? 103 ARG B C    1 
ATOM   854  O O    . ARG A 1 91  ? 8.251   -1.836  8.742   0.50 7.82  ? 103 ARG B O    1 
ATOM   855  C CB   . ARG A 1 91  ? 6.701   -0.728  11.443  1.00 23.31 ? 103 ARG B CB   1 
ATOM   856  C CG   . ARG A 1 91  ? 8.075   -0.172  11.686  1.00 31.15 ? 103 ARG B CG   1 
ATOM   857  C CD   . ARG A 1 91  ? 8.146   0.505   13.037  1.00 40.43 ? 103 ARG B CD   1 
ATOM   858  N NE   . ARG A 1 91  ? 9.282   0.013   13.821  1.00 47.54 ? 103 ARG B NE   1 
ATOM   859  C CZ   . ARG A 1 91  ? 10.488  0.567   13.811  1.00 50.29 ? 103 ARG B CZ   1 
ATOM   860  N NH1  . ARG A 1 91  ? 10.719  1.638   13.057  1.00 53.52 ? 103 ARG B NH1  1 
ATOM   861  N NH2  . ARG A 1 91  ? 11.461  0.053   14.556  0.50 51.66 ? 103 ARG B NH2  1 
ATOM   862  H H    . ARG A 1 91  ? 8.501   -3.071  10.768  1.00 15.00 ? 103 ARG B H    1 
ATOM   863  H HE   . ARG A 1 91  ? 9.143   -0.776  14.387  1.00 15.00 ? 103 ARG B HE   1 
ATOM   864  H HH11 . ARG A 1 91  ? 9.993   2.031   12.491  1.00 0.00  ? 103 ARG B HH11 1 
ATOM   865  H HH12 . ARG A 1 91  ? 11.626  2.047   13.049  1.00 0.00  ? 103 ARG B HH12 1 
ATOM   866  H HH21 . ARG A 1 91  ? 11.280  -0.744  15.129  1.00 0.00  ? 103 ARG B HH21 1 
ATOM   867  H HH22 . ARG A 1 91  ? 12.364  0.480   14.552  1.00 0.00  ? 103 ARG B HH22 1 
ATOM   868  N N    . ILE A 1 92  ? 6.178   -1.056  8.410   1.00 15.30 ? 104 ILE B N    1 
ATOM   869  C CA   . ILE A 1 92  ? 6.452   -0.555  7.067   1.00 16.67 ? 104 ILE B CA   1 
ATOM   870  C C    . ILE A 1 92  ? 6.088   0.927   7.173   1.00 16.58 ? 104 ILE B C    1 
ATOM   871  O O    . ILE A 1 92  ? 4.909   1.261   7.405   1.00 14.98 ? 104 ILE B O    1 
ATOM   872  C CB   A ILE A 1 92  ? 5.606   -1.237  5.963   0.70 16.57 ? 104 ILE B CB   1 
ATOM   873  C CB   B ILE A 1 92  ? 5.497   -1.173  6.012   0.30 17.04 ? 104 ILE B CB   1 
ATOM   874  C CG1  A ILE A 1 92  ? 5.989   -2.717  5.822   0.70 16.58 ? 104 ILE B CG1  1 
ATOM   875  C CG1  B ILE A 1 92  ? 5.630   -2.693  5.983   0.30 17.73 ? 104 ILE B CG1  1 
ATOM   876  C CG2  A ILE A 1 92  ? 5.850   -0.535  4.628   0.70 17.82 ? 104 ILE B CG2  1 
ATOM   877  C CG2  B ILE A 1 92  ? 5.786   -0.586  4.634   0.30 17.99 ? 104 ILE B CG2  1 
ATOM   878  C CD1  A ILE A 1 92  ? 5.152   -3.480  4.788   0.70 13.47 ? 104 ILE B CD1  1 
ATOM   879  C CD1  B ILE A 1 92  ? 6.965   -3.163  5.507   0.30 16.98 ? 104 ILE B CD1  1 
ATOM   880  H H    . ILE A 1 92  ? 5.270   -0.986  8.771   1.00 15.00 ? 104 ILE B H    1 
ATOM   881  N N    . ASN A 1 93  ? 7.098   1.793   7.091   1.00 14.58 ? 105 ASN B N    1 
ATOM   882  C CA   . ASN A 1 93  ? 6.872   3.238   7.157   1.00 14.88 ? 105 ASN B CA   1 
ATOM   883  C C    . ASN A 1 93  ? 6.803   3.750   5.732   1.00 13.98 ? 105 ASN B C    1 
ATOM   884  O O    . ASN A 1 93  ? 7.720   3.510   4.946   1.00 14.20 ? 105 ASN B O    1 
ATOM   885  C CB   . ASN A 1 93  ? 8.004   3.931   7.901   1.00 17.92 ? 105 ASN B CB   1 
ATOM   886  C CG   . ASN A 1 93  ? 8.087   3.501   9.348   1.00 21.87 ? 105 ASN B CG   1 
ATOM   887  O OD1  . ASN A 1 93  ? 7.061   3.361   10.022  1.00 24.98 ? 105 ASN B OD1  1 
ATOM   888  N ND2  . ASN A 1 93  ? 9.302   3.250   9.826   1.00 21.98 ? 105 ASN B ND2  1 
ATOM   889  H H    . ASN A 1 93  ? 8.000   1.438   6.934   1.00 15.00 ? 105 ASN B H    1 
ATOM   890  H HD21 . ASN A 1 93  ? 9.409   2.984   10.755  1.00 0.00  ? 105 ASN B HD21 1 
ATOM   891  H HD22 . ASN A 1 93  ? 10.059  3.343   9.208   1.00 0.00  ? 105 ASN B HD22 1 
ATOM   892  N N    . THR A 1 94  ? 5.708   4.413   5.379   1.00 11.96 ? 106 THR B N    1 
ATOM   893  C CA   . THR A 1 94  ? 5.558   4.912   4.022   1.00 13.08 ? 106 THR B CA   1 
ATOM   894  C C    . THR A 1 94  ? 5.056   6.347   3.893   1.00 13.06 ? 106 THR B C    1 
ATOM   895  O O    . THR A 1 94  ? 4.493   6.939   4.828   1.00 12.56 ? 106 THR B O    1 
ATOM   896  C CB   . THR A 1 94  ? 4.532   4.053   3.215   1.00 12.35 ? 106 THR B CB   1 
ATOM   897  O OG1  . THR A 1 94  ? 3.212   4.253   3.743   1.00 13.28 ? 106 THR B OG1  1 
ATOM   898  C CG2  . THR A 1 94  ? 4.881   2.597   3.275   1.00 13.43 ? 106 THR B CG2  1 
ATOM   899  H H    . THR A 1 94  ? 4.983   4.581   6.014   1.00 15.00 ? 106 THR B H    1 
ATOM   900  H HG1  . THR A 1 94  ? 3.216   3.981   4.673   1.00 15.00 ? 106 THR B HG1  1 
ATOM   901  N N    . GLN A 1 95  ? 5.212   6.859   2.683   1.00 12.34 ? 107 GLN B N    1 
ATOM   902  C CA   . GLN A 1 95  ? 4.672   8.143   2.305   1.00 13.24 ? 107 GLN B CA   1 
ATOM   903  C C    . GLN A 1 95  ? 3.941   7.817   1.009   1.00 12.19 ? 107 GLN B C    1 
ATOM   904  O O    . GLN A 1 95  ? 4.409   6.993   0.235   1.00 14.09 ? 107 GLN B O    1 
ATOM   905  C CB   . GLN A 1 95  ? 5.777   9.170   2.138   1.00 17.26 ? 107 GLN B CB   1 
ATOM   906  C CG   . GLN A 1 95  ? 6.189   9.627   3.502   1.00 24.41 ? 107 GLN B CG   1 
ATOM   907  C CD   . GLN A 1 95  ? 7.116   10.786  3.492   1.00 28.69 ? 107 GLN B CD   1 
ATOM   908  O OE1  . GLN A 1 95  ? 8.333   10.606  3.496   1.00 32.98 ? 107 GLN B OE1  1 
ATOM   909  N NE2  . GLN A 1 95  ? 6.569   11.989  3.457   1.00 28.67 ? 107 GLN B NE2  1 
ATOM   910  H H    . GLN A 1 95  ? 5.696   6.358   1.993   1.00 0.00  ? 107 GLN B H    1 
ATOM   911  H HE21 . GLN A 1 95  ? 7.256   12.673  3.558   1.00 15.00 ? 107 GLN B HE21 1 
ATOM   912  H HE22 . GLN A 1 95  ? 5.653   12.256  3.349   1.00 15.00 ? 107 GLN B HE22 1 
ATOM   913  N N    . TRP A 1 96  ? 2.758   8.377   0.815   1.00 10.98 ? 108 TRP B N    1 
ATOM   914  C CA   . TRP A 1 96  ? 1.973   8.092   -0.380  1.00 11.76 ? 108 TRP B CA   1 
ATOM   915  C C    . TRP A 1 96  ? 1.558   9.311   -1.192  1.00 11.66 ? 108 TRP B C    1 
ATOM   916  O O    . TRP A 1 96  ? 1.458   10.424  -0.666  1.00 12.02 ? 108 TRP B O    1 
ATOM   917  C CB   . TRP A 1 96  ? 0.709   7.253   -0.029  1.00 12.07 ? 108 TRP B CB   1 
ATOM   918  C CG   . TRP A 1 96  ? -0.192  7.791   1.078   1.00 11.59 ? 108 TRP B CG   1 
ATOM   919  C CD1  . TRP A 1 96  ? -0.219  7.371   2.373   1.00 12.70 ? 108 TRP B CD1  1 
ATOM   920  C CD2  . TRP A 1 96  ? -1.217  8.795   0.964   1.00 13.13 ? 108 TRP B CD2  1 
ATOM   921  N NE1  . TRP A 1 96  ? -1.191  8.036   3.075   1.00 13.06 ? 108 TRP B NE1  1 
ATOM   922  C CE2  . TRP A 1 96  ? -1.820  8.921   2.241   1.00 14.66 ? 108 TRP B CE2  1 
ATOM   923  C CE3  . TRP A 1 96  ? -1.681  9.609   -0.089  1.00 11.84 ? 108 TRP B CE3  1 
ATOM   924  C CZ2  . TRP A 1 96  ? -2.867  9.831   2.502   1.00 12.56 ? 108 TRP B CZ2  1 
ATOM   925  C CZ3  . TRP A 1 96  ? -2.731  10.518  0.169   1.00 14.53 ? 108 TRP B CZ3  1 
ATOM   926  C CH2  . TRP A 1 96  ? -3.307  10.618  1.457   1.00 13.81 ? 108 TRP B CH2  1 
ATOM   927  H H    . TRP A 1 96  ? 2.393   9.016   1.459   1.00 15.00 ? 108 TRP B H    1 
ATOM   928  H HE1  . TRP A 1 96  ? -1.452  7.857   4.006   1.00 15.00 ? 108 TRP B HE1  1 
ATOM   929  N N    . LEU A 1 97  ? 1.247   9.055   -2.459  1.00 10.68 ? 109 LEU B N    1 
ATOM   930  C CA   . LEU A 1 97  ? 0.788   10.064  -3.389  1.00 9.96  ? 109 LEU B CA   1 
ATOM   931  C C    . LEU A 1 97  ? -0.470  9.476   -4.020  1.00 11.45 ? 109 LEU B C    1 
ATOM   932  O O    . LEU A 1 97  ? -0.414  8.404   -4.629  1.00 13.21 ? 109 LEU B O    1 
ATOM   933  C CB   . LEU A 1 97  ? 1.839   10.305  -4.481  1.00 12.46 ? 109 LEU B CB   1 
ATOM   934  C CG   . LEU A 1 97  ? 3.171   10.956  -4.127  1.00 14.38 ? 109 LEU B CG   1 
ATOM   935  C CD1  . LEU A 1 97  ? 4.086   10.916  -5.318  1.00 15.22 ? 109 LEU B CD1  1 
ATOM   936  C CD2  . LEU A 1 97  ? 2.939   12.385  -3.702  1.00 14.77 ? 109 LEU B CD2  1 
ATOM   937  H H    . LEU A 1 97  ? 1.331   8.134   -2.790  1.00 15.00 ? 109 LEU B H    1 
ATOM   938  N N    . LEU A 1 98  ? -1.596  10.159  -3.869  1.00 11.23 ? 110 LEU B N    1 
ATOM   939  C CA   . LEU A 1 98  ? -2.873  9.719   -4.431  1.00 11.45 ? 110 LEU B CA   1 
ATOM   940  C C    . LEU A 1 98  ? -3.182  10.690  -5.597  1.00 12.99 ? 110 LEU B C    1 
ATOM   941  O O    . LEU A 1 98  ? -3.441  11.870  -5.360  1.00 12.85 ? 110 LEU B O    1 
ATOM   942  C CB   A LEU A 1 98  ? -3.967  9.803   -3.353  0.50 12.01 ? 110 LEU B CB   1 
ATOM   943  C CB   B LEU A 1 98  ? -3.984  9.805   -3.372  0.50 12.04 ? 110 LEU B CB   1 
ATOM   944  C CG   A LEU A 1 98  ? -5.401  9.301   -3.607  0.50 14.44 ? 110 LEU B CG   1 
ATOM   945  C CG   B LEU A 1 98  ? -5.308  9.029   -3.524  0.50 15.06 ? 110 LEU B CG   1 
ATOM   946  C CD1  A LEU A 1 98  ? -6.221  9.408   -2.327  0.50 14.36 ? 110 LEU B CD1  1 
ATOM   947  C CD1  B LEU A 1 98  ? -6.415  9.743   -2.754  0.50 14.60 ? 110 LEU B CD1  1 
ATOM   948  C CD2  A LEU A 1 98  ? -6.088  10.057  -4.728  0.50 14.67 ? 110 LEU B CD2  1 
ATOM   949  C CD2  B LEU A 1 98  ? -5.721  8.838   -4.987  0.50 13.40 ? 110 LEU B CD2  1 
ATOM   950  H H    . LEU A 1 98  ? -1.561  11.011  -3.386  1.00 15.00 ? 110 LEU B H    1 
ATOM   951  N N    . THR A 1 99  ? -3.149  10.210  -6.835  1.00 12.67 ? 111 THR B N    1 
ATOM   952  C CA   . THR A 1 99  ? -3.439  11.081  -7.978  1.00 12.32 ? 111 THR B CA   1 
ATOM   953  C C    . THR A 1 99  ? -4.778  10.717  -8.589  1.00 13.74 ? 111 THR B C    1 
ATOM   954  O O    . THR A 1 99  ? -5.031  9.543   -8.836  1.00 13.55 ? 111 THR B O    1 
ATOM   955  C CB   . THR A 1 99  ? -2.363  10.955  -9.095  1.00 14.71 ? 111 THR B CB   1 
ATOM   956  O OG1  . THR A 1 99  ? -1.065  11.238  -8.553  1.00 14.83 ? 111 THR B OG1  1 
ATOM   957  C CG2  . THR A 1 99  ? -2.645  11.942  -10.248 1.00 12.27 ? 111 THR B CG2  1 
ATOM   958  H H    . THR A 1 99  ? -2.912  9.274   -7.005  1.00 15.00 ? 111 THR B H    1 
ATOM   959  H HG1  . THR A 1 99  ? -1.068  12.132  -8.186  1.00 15.00 ? 111 THR B HG1  1 
ATOM   960  N N    . SER A 1 100 ? -5.642  11.705  -8.798  1.00 13.59 ? 112 SER B N    1 
ATOM   961  C CA   . SER A 1 100 ? -6.930  11.481  -9.427  1.00 14.38 ? 112 SER B CA   1 
ATOM   962  C C    . SER A 1 100 ? -6.821  11.987  -10.869 1.00 17.25 ? 112 SER B C    1 
ATOM   963  O O    . SER A 1 100 ? -6.118  12.968  -11.135 1.00 18.14 ? 112 SER B O    1 
ATOM   964  C CB   . SER A 1 100 ? -8.015  12.292  -8.719  1.00 15.81 ? 112 SER B CB   1 
ATOM   965  O OG   . SER A 1 100 ? -8.140  11.928  -7.362  1.00 20.82 ? 112 SER B OG   1 
ATOM   966  H H    . SER A 1 100 ? -5.403  12.613  -8.524  1.00 15.00 ? 112 SER B H    1 
ATOM   967  H HG   . SER A 1 100 ? -8.426  11.015  -7.296  1.00 15.00 ? 112 SER B HG   1 
ATOM   968  N N    . GLY A 1 101 ? -7.507  11.332  -11.805 1.00 17.62 ? 113 GLY B N    1 
ATOM   969  C CA   . GLY A 1 101 ? -7.483  11.807  -13.183 1.00 17.20 ? 113 GLY B CA   1 
ATOM   970  C C    . GLY A 1 101 ? -8.300  13.091  -13.223 1.00 17.32 ? 113 GLY B C    1 
ATOM   971  O O    . GLY A 1 101 ? -9.461  13.099  -12.774 1.00 20.72 ? 113 GLY B O    1 
ATOM   972  H H    . GLY A 1 101 ? -8.032  10.539  -11.567 1.00 15.00 ? 113 GLY B H    1 
ATOM   973  N N    . THR A 1 102 ? -7.724  14.177  -13.729 1.00 16.76 ? 114 THR B N    1 
ATOM   974  C CA   . THR A 1 102 ? -8.430  15.476  -13.776 1.00 16.92 ? 114 THR B CA   1 
ATOM   975  C C    . THR A 1 102 ? -8.388  16.056  -15.171 1.00 19.48 ? 114 THR B C    1 
ATOM   976  O O    . THR A 1 102 ? -7.637  15.567  -16.024 1.00 19.09 ? 114 THR B O    1 
ATOM   977  C CB   . THR A 1 102 ? -7.727  16.544  -12.879 1.00 17.56 ? 114 THR B CB   1 
ATOM   978  O OG1  . THR A 1 102 ? -6.384  16.755  -13.349 1.00 18.67 ? 114 THR B OG1  1 
ATOM   979  C CG2  . THR A 1 102 ? -7.675  16.116  -11.400 1.00 18.05 ? 114 THR B CG2  1 
ATOM   980  H H    . THR A 1 102 ? -6.814  14.163  -14.072 1.00 15.00 ? 114 THR B H    1 
ATOM   981  H HG1  . THR A 1 102 ? -6.374  17.167  -14.218 1.00 15.00 ? 114 THR B HG1  1 
ATOM   982  N N    . THR A 1 103 ? -9.166  17.107  -15.406 1.00 20.95 ? 115 THR B N    1 
ATOM   983  C CA   . THR A 1 103 ? -9.105  17.780  -16.688 1.00 23.53 ? 115 THR B CA   1 
ATOM   984  C C    . THR A 1 103 ? -7.829  18.615  -16.563 1.00 27.56 ? 115 THR B C    1 
ATOM   985  O O    . THR A 1 103 ? -7.311  18.778  -15.447 1.00 28.60 ? 115 THR B O    1 
ATOM   986  C CB   A THR A 1 103 ? -10.357 18.660  -16.913 0.50 21.94 ? 115 THR B CB   1 
ATOM   987  C CB   B THR A 1 103 ? -10.300 18.728  -16.909 0.50 21.91 ? 115 THR B CB   1 
ATOM   988  O OG1  A THR A 1 103 ? -10.666 19.386  -15.713 0.50 21.79 ? 115 THR B OG1  1 
ATOM   989  O OG1  B THR A 1 103 ? -10.220 19.817  -15.980 0.50 21.47 ? 115 THR B OG1  1 
ATOM   990  C CG2  A THR A 1 103 ? -11.547 17.775  -17.292 0.50 20.08 ? 115 THR B CG2  1 
ATOM   991  C CG2  B THR A 1 103 ? -11.616 17.986  -16.725 0.50 21.03 ? 115 THR B CG2  1 
ATOM   992  H H    . THR A 1 103 ? -9.774  17.468  -14.724 1.00 15.00 ? 115 THR B H    1 
ATOM   993  H HG1  A THR A 1 103 ? -10.091 20.142  -15.608 0.50 15.00 ? 115 THR B HG1  1 
ATOM   994  H HG1  B THR A 1 103 ? -10.643 19.602  -15.141 0.50 15.00 ? 115 THR B HG1  1 
ATOM   995  N N    . GLU A 1 104 ? -7.299  19.114  -17.677 1.00 33.18 ? 116 GLU B N    1 
ATOM   996  C CA   . GLU A 1 104 ? -6.070  19.921  -17.674 1.00 38.41 ? 116 GLU B CA   1 
ATOM   997  C C    . GLU A 1 104 ? -6.136  21.148  -16.760 1.00 38.28 ? 116 GLU B C    1 
ATOM   998  O O    . GLU A 1 104 ? -5.152  21.523  -16.116 1.00 38.26 ? 116 GLU B O    1 
ATOM   999  C CB   . GLU A 1 104 ? -5.716  20.351  -19.106 1.00 45.30 ? 116 GLU B CB   1 
ATOM   1000 C CG   . GLU A 1 104 ? -4.814  19.365  -19.829 1.00 54.29 ? 116 GLU B CG   1 
ATOM   1001 C CD   . GLU A 1 104 ? -3.443  19.255  -19.165 1.00 60.69 ? 116 GLU B CD   1 
ATOM   1002 O OE1  . GLU A 1 104 ? -3.288  18.443  -18.219 1.00 63.60 ? 116 GLU B OE1  1 
ATOM   1003 O OE2  . GLU A 1 104 ? -2.520  19.999  -19.583 1.00 64.66 ? 116 GLU B OE2  1 
ATOM   1004 H H    . GLU A 1 104 ? -7.726  18.897  -18.537 1.00 15.00 ? 116 GLU B H    1 
ATOM   1005 N N    . ALA A 1 105 ? -7.313  21.751  -16.711 1.00 37.51 ? 117 ALA B N    1 
ATOM   1006 C CA   . ALA A 1 105 ? -7.569  22.922  -15.891 1.00 36.97 ? 117 ALA B CA   1 
ATOM   1007 C C    . ALA A 1 105 ? -7.492  22.588  -14.398 1.00 36.33 ? 117 ALA B C    1 
ATOM   1008 O O    . ALA A 1 105 ? -6.997  23.380  -13.590 1.00 37.24 ? 117 ALA B O    1 
ATOM   1009 C CB   . ALA A 1 105 ? -8.962  23.477  -16.219 1.00 36.83 ? 117 ALA B CB   1 
ATOM   1010 H H    . ALA A 1 105 ? -8.007  21.379  -17.292 1.00 15.00 ? 117 ALA B H    1 
ATOM   1011 N N    . ASN A 1 106 ? -7.969  21.403  -14.041 1.00 32.43 ? 118 ASN B N    1 
ATOM   1012 C CA   . ASN A 1 106 ? -8.005  20.988  -12.661 1.00 29.15 ? 118 ASN B CA   1 
ATOM   1013 C C    . ASN A 1 106 ? -6.819  20.205  -12.183 1.00 26.54 ? 118 ASN B C    1 
ATOM   1014 O O    . ASN A 1 106 ? -6.867  19.664  -11.081 1.00 23.85 ? 118 ASN B O    1 
ATOM   1015 C CB   . ASN A 1 106 ? -9.230  20.147  -12.420 1.00 32.30 ? 118 ASN B CB   1 
ATOM   1016 C CG   . ASN A 1 106 ? -10.495 20.933  -12.530 1.00 36.79 ? 118 ASN B CG   1 
ATOM   1017 O OD1  . ASN A 1 106 ? -11.449 20.472  -13.155 1.00 39.19 ? 118 ASN B OD1  1 
ATOM   1018 N ND2  . ASN A 1 106 ? -10.537 22.113  -11.910 1.00 35.83 ? 118 ASN B ND2  1 
ATOM   1019 H H    . ASN A 1 106 ? -8.269  20.775  -14.726 1.00 15.00 ? 118 ASN B H    1 
ATOM   1020 H HD21 . ASN A 1 106 ? -11.385 22.585  -11.992 1.00 0.00  ? 118 ASN B HD21 1 
ATOM   1021 H HD22 . ASN A 1 106 ? -9.766  22.452  -11.408 1.00 0.00  ? 118 ASN B HD22 1 
ATOM   1022 N N    . ALA A 1 107 ? -5.766  20.139  -12.986 1.00 23.27 ? 119 ALA B N    1 
ATOM   1023 C CA   . ALA A 1 107 ? -4.593  19.376  -12.607 1.00 24.40 ? 119 ALA B CA   1 
ATOM   1024 C C    . ALA A 1 107 ? -3.936  19.831  -11.299 1.00 23.24 ? 119 ALA B C    1 
ATOM   1025 O O    . ALA A 1 107 ? -3.187  19.067  -10.690 1.00 23.07 ? 119 ALA B O    1 
ATOM   1026 C CB   . ALA A 1 107 ? -3.578  19.351  -13.735 1.00 25.30 ? 119 ALA B CB   1 
ATOM   1027 H H    . ALA A 1 107 ? -5.775  20.604  -13.851 1.00 15.00 ? 119 ALA B H    1 
ATOM   1028 N N    . TRP A 1 108 ? -4.228  21.050  -10.848 1.00 23.40 ? 120 TRP B N    1 
ATOM   1029 C CA   . TRP A 1 108 ? -3.651  21.552  -9.601  1.00 23.24 ? 120 TRP B CA   1 
ATOM   1030 C C    . TRP A 1 108 ? -4.124  20.780  -8.360  1.00 21.39 ? 120 TRP B C    1 
ATOM   1031 O O    . TRP A 1 108 ? -3.428  20.734  -7.356  1.00 22.33 ? 120 TRP B O    1 
ATOM   1032 C CB   . TRP A 1 108 ? -3.939  23.060  -9.425  1.00 23.77 ? 120 TRP B CB   1 
ATOM   1033 C CG   . TRP A 1 108 ? -5.397  23.425  -9.388  1.00 22.73 ? 120 TRP B CG   1 
ATOM   1034 C CD1  . TRP A 1 108 ? -6.178  23.735  -10.454 1.00 23.75 ? 120 TRP B CD1  1 
ATOM   1035 C CD2  . TRP A 1 108 ? -6.247  23.489  -8.230  1.00 23.96 ? 120 TRP B CD2  1 
ATOM   1036 N NE1  . TRP A 1 108 ? -7.461  23.975  -10.043 1.00 25.25 ? 120 TRP B NE1  1 
ATOM   1037 C CE2  . TRP A 1 108 ? -7.535  23.833  -8.682  1.00 25.05 ? 120 TRP B CE2  1 
ATOM   1038 C CE3  . TRP A 1 108 ? -6.044  23.291  -6.853  1.00 24.29 ? 120 TRP B CE3  1 
ATOM   1039 C CZ2  . TRP A 1 108 ? -8.626  23.986  -7.808  1.00 26.10 ? 120 TRP B CZ2  1 
ATOM   1040 C CZ3  . TRP A 1 108 ? -7.123  23.445  -5.986  1.00 24.63 ? 120 TRP B CZ3  1 
ATOM   1041 C CH2  . TRP A 1 108 ? -8.400  23.787  -6.469  1.00 26.38 ? 120 TRP B CH2  1 
ATOM   1042 H H    . TRP A 1 108 ? -4.829  21.619  -11.370 1.00 15.00 ? 120 TRP B H    1 
ATOM   1043 H HE1  . TRP A 1 108 ? -8.205  24.240  -10.630 1.00 15.00 ? 120 TRP B HE1  1 
ATOM   1044 N N    . LYS A 1 109 ? -5.328  20.224  -8.407  1.00 20.15 ? 121 LYS B N    1 
ATOM   1045 C CA   . LYS A 1 109 ? -5.838  19.468  -7.266  1.00 21.16 ? 121 LYS B CA   1 
ATOM   1046 C C    . LYS A 1 109 ? -5.809  17.983  -7.576  1.00 19.97 ? 121 LYS B C    1 
ATOM   1047 O O    . LYS A 1 109 ? -6.598  17.222  -7.025  1.00 20.07 ? 121 LYS B O    1 
ATOM   1048 C CB   . LYS A 1 109 ? -7.267  19.894  -6.921  1.00 23.84 ? 121 LYS B CB   1 
ATOM   1049 C CG   . LYS A 1 109 ? -8.207  19.886  -8.096  1.00 30.04 ? 121 LYS B CG   1 
ATOM   1050 C CD   . LYS A 1 109 ? -9.604  20.326  -7.677  1.00 35.94 ? 121 LYS B CD   1 
ATOM   1051 C CE   . LYS A 1 109 ? -10.487 20.544  -8.897  1.00 38.07 ? 121 LYS B CE   1 
ATOM   1052 N NZ   . LYS A 1 109 ? -11.770 21.218  -8.543  1.00 39.65 ? 121 LYS B NZ   1 
ATOM   1053 H H    . LYS A 1 109 ? -5.865  20.304  -9.226  1.00 15.00 ? 121 LYS B H    1 
ATOM   1054 H HZ1  . LYS A 1 109 ? -11.571 22.146  -8.119  1.00 15.00 ? 121 LYS B HZ1  1 
ATOM   1055 H HZ2  . LYS A 1 109 ? -12.339 21.337  -9.404  1.00 15.00 ? 121 LYS B HZ2  1 
ATOM   1056 H HZ3  . LYS A 1 109 ? -12.288 20.626  -7.864  1.00 15.00 ? 121 LYS B HZ3  1 
ATOM   1057 N N    . SER A 1 110 ? -4.895  17.563  -8.445  1.00 17.59 ? 122 SER B N    1 
ATOM   1058 C CA   . SER A 1 110 ? -4.839  16.161  -8.813  1.00 16.24 ? 122 SER B CA   1 
ATOM   1059 C C    . SER A 1 110 ? -4.112  15.246  -7.839  1.00 14.66 ? 122 SER B C    1 
ATOM   1060 O O    . SER A 1 110 ? -4.419  14.063  -7.785  1.00 15.92 ? 122 SER B O    1 
ATOM   1061 C CB   . SER A 1 110 ? -4.187  15.995  -10.185 1.00 16.87 ? 122 SER B CB   1 
ATOM   1062 O OG   . SER A 1 110 ? -2.793  16.268  -10.118 1.00 17.77 ? 122 SER B OG   1 
ATOM   1063 H H    . SER A 1 110 ? -4.236  18.182  -8.819  1.00 15.00 ? 122 SER B H    1 
ATOM   1064 H HG   . SER A 1 110 ? -2.638  17.222  -9.984  1.00 15.00 ? 122 SER B HG   1 
ATOM   1065 N N    . THR A 1 111 ? -3.175  15.776  -7.063  1.00 11.69 ? 123 THR B N    1 
ATOM   1066 C CA   . THR A 1 111 ? -2.366  14.926  -6.204  1.00 12.48 ? 123 THR B CA   1 
ATOM   1067 C C    . THR A 1 111 ? -2.313  15.239  -4.701  1.00 13.76 ? 123 THR B C    1 
ATOM   1068 O O    . THR A 1 111 ? -1.811  16.295  -4.298  1.00 14.25 ? 123 THR B O    1 
ATOM   1069 C CB   . THR A 1 111 ? -0.906  14.890  -6.760  1.00 13.21 ? 123 THR B CB   1 
ATOM   1070 O OG1  . THR A 1 111 ? -0.950  14.563  -8.158  1.00 16.98 ? 123 THR B OG1  1 
ATOM   1071 C CG2  . THR A 1 111 ? -0.032  13.858  -6.029  1.00 11.12 ? 123 THR B CG2  1 
ATOM   1072 H H    . THR A 1 111 ? -2.977  16.742  -7.056  1.00 15.00 ? 123 THR B H    1 
ATOM   1073 H HG1  . THR A 1 111 ? -1.833  14.260  -8.377  1.00 15.00 ? 123 THR B HG1  1 
ATOM   1074 N N    . LEU A 1 112 ? -2.805  14.301  -3.890  1.00 12.63 ? 124 LEU B N    1 
ATOM   1075 C CA   . LEU A 1 112 ? -2.762  14.419  -2.428  1.00 12.38 ? 124 LEU B CA   1 
ATOM   1076 C C    . LEU A 1 112 ? -1.528  13.672  -1.905  1.00 11.73 ? 124 LEU B C    1 
ATOM   1077 O O    . LEU A 1 112 ? -1.092  12.689  -2.506  1.00 11.71 ? 124 LEU B O    1 
ATOM   1078 C CB   . LEU A 1 112 ? -4.015  13.813  -1.795  1.00 12.46 ? 124 LEU B CB   1 
ATOM   1079 C CG   . LEU A 1 112 ? -5.305  14.584  -2.056  1.00 13.87 ? 124 LEU B CG   1 
ATOM   1080 C CD1  . LEU A 1 112 ? -6.492  13.702  -1.750  1.00 15.70 ? 124 LEU B CD1  1 
ATOM   1081 C CD2  . LEU A 1 112 ? -5.343  15.866  -1.233  1.00 12.95 ? 124 LEU B CD2  1 
ATOM   1082 H H    . LEU A 1 112 ? -3.215  13.499  -4.283  1.00 15.00 ? 124 LEU B H    1 
ATOM   1083 N N    . VAL A 1 113 ? -0.950  14.169  -0.818  1.00 12.82 ? 125 VAL B N    1 
ATOM   1084 C CA   . VAL A 1 113 ? 0.222   13.543  -0.201  1.00 13.79 ? 125 VAL B CA   1 
ATOM   1085 C C    . VAL A 1 113 ? -0.099  13.226  1.266   1.00 13.91 ? 125 VAL B C    1 
ATOM   1086 O O    . VAL A 1 113 ? -0.856  13.951  1.908   1.00 13.40 ? 125 VAL B O    1 
ATOM   1087 C CB   . VAL A 1 113 ? 1.505   14.444  -0.300  1.00 14.65 ? 125 VAL B CB   1 
ATOM   1088 C CG1  . VAL A 1 113 ? 1.312   15.753  0.448   1.00 15.02 ? 125 VAL B CG1  1 
ATOM   1089 C CG2  . VAL A 1 113 ? 2.718   13.715  0.274   1.00 14.45 ? 125 VAL B CG2  1 
ATOM   1090 H H    . VAL A 1 113 ? -1.330  14.967  -0.387  1.00 15.00 ? 125 VAL B H    1 
ATOM   1091 N N    . GLY A 1 114 ? 0.409   12.099  1.753   1.00 12.21 ? 126 GLY B N    1 
ATOM   1092 C CA   . GLY A 1 114 ? 0.182   11.694  3.126   1.00 11.34 ? 126 GLY B CA   1 
ATOM   1093 C C    . GLY A 1 114 ? 1.186   10.621  3.521   1.00 13.05 ? 126 GLY B C    1 
ATOM   1094 O O    . GLY A 1 114 ? 2.168   10.375  2.812   1.00 10.93 ? 126 GLY B O    1 
ATOM   1095 H H    . GLY A 1 114 ? 0.961   11.528  1.173   1.00 15.00 ? 126 GLY B H    1 
ATOM   1096 N N    . HIS A 1 115 ? 0.952   9.973   4.657   1.00 14.36 ? 127 HIS B N    1 
ATOM   1097 C CA   . HIS A 1 115 ? 1.868   8.940   5.126   1.00 13.65 ? 127 HIS B CA   1 
ATOM   1098 C C    . HIS A 1 115 ? 1.066   7.904   5.862   1.00 15.33 ? 127 HIS B C    1 
ATOM   1099 O O    . HIS A 1 115 ? -0.020  8.197   6.354   1.00 15.60 ? 127 HIS B O    1 
ATOM   1100 C CB   . HIS A 1 115 ? 2.945   9.542   6.024   1.00 15.74 ? 127 HIS B CB   1 
ATOM   1101 C CG   . HIS A 1 115 ? 2.405   10.453  7.082   1.00 21.42 ? 127 HIS B CG   1 
ATOM   1102 N ND1  . HIS A 1 115 ? 2.050   10.008  8.338   1.00 24.11 ? 127 HIS B ND1  1 
ATOM   1103 C CD2  . HIS A 1 115 ? 2.121   11.776  7.056   1.00 23.73 ? 127 HIS B CD2  1 
ATOM   1104 C CE1  . HIS A 1 115 ? 1.569   11.018  9.038   1.00 26.20 ? 127 HIS B CE1  1 
ATOM   1105 N NE2  . HIS A 1 115 ? 1.601   12.102  8.284   1.00 26.19 ? 127 HIS B NE2  1 
ATOM   1106 H H    . HIS A 1 115 ? 0.132   10.175  5.154   1.00 15.00 ? 127 HIS B H    1 
ATOM   1107 H HD1  . HIS A 1 115 ? 2.053   9.089   8.635   1.00 15.00 ? 127 HIS B HD1  1 
ATOM   1108 H HE2  . HIS A 1 115 ? 1.257   13.004  8.544   1.00 15.00 ? 127 HIS B HE2  1 
ATOM   1109 N N    . ASP A 1 116 ? 1.587   6.687   5.908   1.00 15.56 ? 128 ASP B N    1 
ATOM   1110 C CA   . ASP A 1 116 ? 0.916   5.570   6.573   1.00 15.65 ? 128 ASP B CA   1 
ATOM   1111 C C    . ASP A 1 116 ? 1.978   4.726   7.252   1.00 16.33 ? 128 ASP B C    1 
ATOM   1112 O O    . ASP A 1 116 ? 3.104   4.634   6.747   1.00 15.94 ? 128 ASP B O    1 
ATOM   1113 C CB   . ASP A 1 116 ? 0.296   4.644   5.534   1.00 17.54 ? 128 ASP B CB   1 
ATOM   1114 C CG   . ASP A 1 116 ? -1.198  4.752   5.441   1.00 23.66 ? 128 ASP B CG   1 
ATOM   1115 O OD1  . ASP A 1 116 ? -1.843  5.126   6.433   1.00 25.69 ? 128 ASP B OD1  1 
ATOM   1116 O OD2  . ASP A 1 116 ? -1.736  4.392   4.363   1.00 25.84 ? 128 ASP B OD2  1 
ATOM   1117 H H    . ASP A 1 116 ? 2.463   6.512   5.491   1.00 15.00 ? 128 ASP B H    1 
ATOM   1118 N N    . THR A 1 117 ? 1.619   4.106   8.377   1.00 15.55 ? 129 THR B N    1 
ATOM   1119 C CA   . THR A 1 117 ? 2.516   3.192   9.072   1.00 15.23 ? 129 THR B CA   1 
ATOM   1120 C C    . THR A 1 117 ? 1.742   1.894   9.180   1.00 14.12 ? 129 THR B C    1 
ATOM   1121 O O    . THR A 1 117 ? 0.566   1.900   9.534   1.00 16.79 ? 129 THR B O    1 
ATOM   1122 C CB   . THR A 1 117 ? 2.883   3.662   10.463  1.00 17.55 ? 129 THR B CB   1 
ATOM   1123 O OG1  . THR A 1 117 ? 3.553   4.919   10.368  1.00 23.85 ? 129 THR B OG1  1 
ATOM   1124 C CG2  . THR A 1 117 ? 3.822   2.647   11.112  1.00 20.10 ? 129 THR B CG2  1 
ATOM   1125 H H    . THR A 1 117 ? 0.716   4.209   8.756   1.00 15.00 ? 129 THR B H    1 
ATOM   1126 H HG1  . THR A 1 117 ? 3.989   5.048   11.223  1.00 15.00 ? 129 THR B HG1  1 
ATOM   1127 N N    . PHE A 1 118 ? 2.354   0.801   8.750   1.00 15.34 ? 130 PHE B N    1 
ATOM   1128 C CA   . PHE A 1 118 ? 1.708   -0.509  8.803   1.00 15.16 ? 130 PHE B CA   1 
ATOM   1129 C C    . PHE A 1 118 ? 2.423   -1.386  9.820   1.00 16.97 ? 130 PHE B C    1 
ATOM   1130 O O    . PHE A 1 118 ? 3.662   -1.344  9.938   1.00 16.88 ? 130 PHE B O    1 
ATOM   1131 C CB   . PHE A 1 118 ? 1.752   -1.214  7.439   1.00 13.61 ? 130 PHE B CB   1 
ATOM   1132 C CG   . PHE A 1 118 ? 0.975   -0.503  6.364   1.00 15.90 ? 130 PHE B CG   1 
ATOM   1133 C CD1  . PHE A 1 118 ? 1.591   0.486   5.573   1.00 16.29 ? 130 PHE B CD1  1 
ATOM   1134 C CD2  . PHE A 1 118 ? -0.371  -0.819  6.138   1.00 14.24 ? 130 PHE B CD2  1 
ATOM   1135 C CE1  . PHE A 1 118 ? 0.862   1.153   4.563   1.00 16.75 ? 130 PHE B CE1  1 
ATOM   1136 C CE2  . PHE A 1 118 ? -1.106  -0.174  5.145   1.00 17.07 ? 130 PHE B CE2  1 
ATOM   1137 C CZ   . PHE A 1 118 ? -0.494  0.821   4.347   1.00 18.00 ? 130 PHE B CZ   1 
ATOM   1138 H H    . PHE A 1 118 ? 3.267   0.872   8.402   1.00 15.00 ? 130 PHE B H    1 
ATOM   1139 N N    . THR A 1 119 ? 1.635   -2.198  10.519  1.00 16.93 ? 131 THR B N    1 
ATOM   1140 C CA   . THR A 1 119 ? 2.151   -3.125  11.520  1.00 18.57 ? 131 THR B CA   1 
ATOM   1141 C C    . THR A 1 119 ? 1.487   -4.488  11.295  1.00 17.79 ? 131 THR B C    1 
ATOM   1142 O O    . THR A 1 119 ? 0.485   -4.582  10.567  1.00 14.97 ? 131 THR B O    1 
ATOM   1143 C CB   . THR A 1 119 ? 1.864   -2.613  12.978  1.00 17.60 ? 131 THR B CB   1 
ATOM   1144 O OG1  . THR A 1 119 ? 0.461   -2.347  13.138  1.00 21.59 ? 131 THR B OG1  1 
ATOM   1145 C CG2  . THR A 1 119 ? 2.636   -1.325  13.242  1.00 19.12 ? 131 THR B CG2  1 
ATOM   1146 H H    . THR A 1 119 ? 0.662   -2.174  10.396  1.00 15.00 ? 131 THR B H    1 
ATOM   1147 H HG1  . THR A 1 119 ? -0.131  -3.105  13.048  1.00 15.00 ? 131 THR B HG1  1 
ATOM   1148 N N    . LYS A 1 120 ? 2.037   -5.524  11.940  1.00 18.50 ? 132 LYS B N    1 
ATOM   1149 C CA   . LYS A 1 120 ? 1.521   -6.897  11.843  1.00 21.97 ? 132 LYS B CA   1 
ATOM   1150 C C    . LYS A 1 120 ? 0.336   -7.152  12.777  1.00 24.27 ? 132 LYS B C    1 
ATOM   1151 O O    . LYS A 1 120 ? -0.420  -8.096  12.585  1.00 22.41 ? 132 LYS B O    1 
ATOM   1152 C CB   A LYS A 1 120 ? 2.627   -7.913  12.187  0.60 21.17 ? 132 LYS B CB   1 
ATOM   1153 C CB   B LYS A 1 120 ? 2.623   -7.909  12.123  0.40 20.93 ? 132 LYS B CB   1 
ATOM   1154 C CG   A LYS A 1 120 ? 3.909   -7.812  11.372  0.60 22.74 ? 132 LYS B CG   1 
ATOM   1155 C CG   B LYS A 1 120 ? 3.628   -8.012  11.019  0.40 21.19 ? 132 LYS B CG   1 
ATOM   1156 C CD   A LYS A 1 120 ? 3.986   -8.834  10.255  0.60 21.99 ? 132 LYS B CD   1 
ATOM   1157 C CD   B LYS A 1 120 ? 4.731   -8.931  11.434  0.40 20.84 ? 132 LYS B CD   1 
ATOM   1158 C CE   A LYS A 1 120 ? 2.799   -8.720  9.331   0.60 23.58 ? 132 LYS B CE   1 
ATOM   1159 C CE   B LYS A 1 120 ? 5.770   -9.034  10.365  0.40 22.93 ? 132 LYS B CE   1 
ATOM   1160 N NZ   A LYS A 1 120 ? 2.912   -9.541  8.097   0.60 22.38 ? 132 LYS B NZ   1 
ATOM   1161 N NZ   B LYS A 1 120 ? 6.746   -10.078 10.731  0.40 26.50 ? 132 LYS B NZ   1 
ATOM   1162 H H    . LYS A 1 120 ? 2.827   -5.355  12.500  1.00 15.00 ? 132 LYS B H    1 
ATOM   1163 H HZ1  A LYS A 1 120 ? 3.093   -10.536 8.325   0.60 15.00 ? 132 LYS B HZ1  1 
ATOM   1164 H HZ1  B LYS A 1 120 ? 6.239   -10.982 10.841  0.40 15.00 ? 132 LYS B HZ1  1 
ATOM   1165 H HZ2  A LYS A 1 120 ? 2.033   -9.462  7.544   0.60 15.00 ? 132 LYS B HZ2  1 
ATOM   1166 H HZ2  B LYS A 1 120 ? 7.442   -10.169 9.965   0.40 15.00 ? 132 LYS B HZ2  1 
ATOM   1167 H HZ3  A LYS A 1 120 ? 3.701   -9.171  7.530   0.60 15.00 ? 132 LYS B HZ3  1 
ATOM   1168 H HZ3  B LYS A 1 120 ? 7.215   -9.834  11.626  0.40 15.00 ? 132 LYS B HZ3  1 
ATOM   1169 N N    . VAL A 1 121 ? 0.191   -6.300  13.782  1.00 30.30 ? 133 VAL B N    1 
ATOM   1170 C CA   . VAL A 1 121 ? -0.879  -6.423  14.762  1.00 36.03 ? 133 VAL B CA   1 
ATOM   1171 C C    . VAL A 1 121 ? -2.013  -5.477  14.431  1.00 38.94 ? 133 VAL B C    1 
ATOM   1172 O O    . VAL A 1 121 ? -1.781  -4.310  14.105  1.00 36.63 ? 133 VAL B O    1 
ATOM   1173 C CB   . VAL A 1 121 ? -0.357  -6.091  16.182  1.00 38.18 ? 133 VAL B CB   1 
ATOM   1174 C CG1  . VAL A 1 121 ? -1.456  -6.305  17.225  1.00 40.77 ? 133 VAL B CG1  1 
ATOM   1175 C CG2  . VAL A 1 121 ? 0.872   -6.946  16.500  1.00 39.53 ? 133 VAL B CG2  1 
ATOM   1176 H H    . VAL A 1 121 ? 0.810   -5.550  13.855  1.00 15.00 ? 133 VAL B H    1 
ATOM   1177 N N    . LYS A 1 122 ? -3.235  -6.001  14.493  1.00 45.46 ? 134 LYS B N    1 
ATOM   1178 C CA   . LYS A 1 122 ? -4.444  -5.221  14.232  1.00 52.43 ? 134 LYS B CA   1 
ATOM   1179 C C    . LYS A 1 122 ? -4.476  -4.033  15.168  1.00 58.14 ? 134 LYS B C    1 
ATOM   1180 O O    . LYS A 1 122 ? -4.068  -4.145  16.326  1.00 60.52 ? 134 LYS B O    1 
ATOM   1181 C CB   . LYS A 1 122 ? -5.680  -6.068  14.497  1.00 52.46 ? 134 LYS B CB   1 
ATOM   1182 C CG   . LYS A 1 122 ? -6.367  -6.565  13.271  1.00 51.61 ? 134 LYS B CG   1 
ATOM   1183 C CD   . LYS A 1 122 ? -7.802  -6.133  13.283  1.00 51.38 ? 134 LYS B CD   1 
ATOM   1184 C CE   . LYS A 1 122 ? -8.610  -6.986  12.345  1.00 52.72 ? 134 LYS B CE   1 
ATOM   1185 N NZ   . LYS A 1 122 ? -10.044 -6.619  12.402  1.00 54.44 ? 134 LYS B NZ   1 
ATOM   1186 H H    . LYS A 1 122 ? -3.318  -6.952  14.710  1.00 15.00 ? 134 LYS B H    1 
ATOM   1187 H HZ1  . LYS A 1 122 ? -10.147 -5.613  12.165  1.00 15.00 ? 134 LYS B HZ1  1 
ATOM   1188 H HZ2  . LYS A 1 122 ? -10.583 -7.192  11.723  1.00 15.00 ? 134 LYS B HZ2  1 
ATOM   1189 H HZ3  . LYS A 1 122 ? -10.400 -6.789  13.363  1.00 15.00 ? 134 LYS B HZ3  1 
ATOM   1190 N N    . PRO A 1 123 ? -4.943  -2.875  14.681  1.00 63.27 ? 135 PRO B N    1 
ATOM   1191 C CA   . PRO A 1 123 ? -4.999  -1.693  15.543  1.00 67.18 ? 135 PRO B CA   1 
ATOM   1192 C C    . PRO A 1 123 ? -6.068  -1.912  16.615  1.00 69.57 ? 135 PRO B C    1 
ATOM   1193 O O    . PRO A 1 123 ? -7.192  -2.339  16.242  1.00 70.46 ? 135 PRO B O    1 
ATOM   1194 C CB   . PRO A 1 123 ? -5.408  -0.575  14.572  1.00 67.53 ? 135 PRO B CB   1 
ATOM   1195 C CG   . PRO A 1 123 ? -5.000  -1.099  13.230  1.00 67.06 ? 135 PRO B CG   1 
ATOM   1196 C CD   . PRO A 1 123 ? -5.410  -2.545  13.329  1.00 65.09 ? 135 PRO B CD   1 
ATOM   1197 N N    . TRP B 2 3   ? -17.154 14.379  -0.987  1.00 59.37 ? 2   TRP P N    1 
ATOM   1198 C CA   . TRP B 2 3   ? -16.631 13.178  -1.714  1.00 59.53 ? 2   TRP P CA   1 
ATOM   1199 C C    . TRP B 2 3   ? -15.662 12.409  -0.807  1.00 56.80 ? 2   TRP P C    1 
ATOM   1200 O O    . TRP B 2 3   ? -14.911 13.020  -0.034  1.00 57.05 ? 2   TRP P O    1 
ATOM   1201 C CB   . TRP B 2 3   ? -15.913 13.592  -3.017  1.00 62.78 ? 2   TRP P CB   1 
ATOM   1202 C CG   . TRP B 2 3   ? -14.521 14.184  -2.822  1.00 67.04 ? 2   TRP P CG   1 
ATOM   1203 C CD1  . TRP B 2 3   ? -14.215 15.459  -2.409  1.00 69.45 ? 2   TRP P CD1  1 
ATOM   1204 C CD2  . TRP B 2 3   ? -13.262 13.521  -3.034  1.00 68.94 ? 2   TRP P CD2  1 
ATOM   1205 N NE1  . TRP B 2 3   ? -12.846 15.628  -2.353  1.00 70.47 ? 2   TRP P NE1  1 
ATOM   1206 C CE2  . TRP B 2 3   ? -12.235 14.458  -2.732  1.00 69.84 ? 2   TRP P CE2  1 
ATOM   1207 C CE3  . TRP B 2 3   ? -12.897 12.232  -3.453  1.00 69.34 ? 2   TRP P CE3  1 
ATOM   1208 C CZ2  . TRP B 2 3   ? -10.870 14.146  -2.837  1.00 69.70 ? 2   TRP P CZ2  1 
ATOM   1209 C CZ3  . TRP B 2 3   ? -11.532 11.922  -3.560  1.00 70.27 ? 2   TRP P CZ3  1 
ATOM   1210 C CH2  . TRP B 2 3   ? -10.538 12.880  -3.252  1.00 69.82 ? 2   TRP P CH2  1 
ATOM   1211 H HE1  . TRP B 2 3   ? -12.366 16.440  -2.067  1.00 15.00 ? 2   TRP P HE1  1 
ATOM   1212 N N    . SER B 2 4   ? -15.721 11.081  -0.857  1.00 51.98 ? 3   SER P N    1 
ATOM   1213 C CA   . SER B 2 4   ? -14.824 10.251  -0.057  1.00 46.39 ? 3   SER P CA   1 
ATOM   1214 C C    . SER B 2 4   ? -14.024 9.420   -1.032  1.00 40.45 ? 3   SER P C    1 
ATOM   1215 O O    . SER B 2 4   ? -14.186 9.555   -2.255  1.00 41.03 ? 3   SER P O    1 
ATOM   1216 C CB   . SER B 2 4   ? -15.592 9.356   0.924   1.00 47.52 ? 3   SER P CB   1 
ATOM   1217 O OG   . SER B 2 4   ? -16.522 8.528   0.256   1.00 50.25 ? 3   SER P OG   1 
ATOM   1218 H H    . SER B 2 4   ? -16.320 10.601  -1.463  1.00 15.00 ? 3   SER P H    1 
ATOM   1219 H HG   . SER B 2 4   ? -16.070 7.873   -0.278  1.00 15.00 ? 3   SER P HG   1 
ATOM   1220 N N    . HIS B 2 5   ? -13.200 8.533   -0.508  1.00 32.75 ? 4   HIS P N    1 
ATOM   1221 C CA   . HIS B 2 5   ? -12.367 7.724   -1.370  1.00 27.13 ? 4   HIS P CA   1 
ATOM   1222 C C    . HIS B 2 5   ? -12.148 6.339   -0.752  1.00 25.61 ? 4   HIS P C    1 
ATOM   1223 O O    . HIS B 2 5   ? -11.899 6.228   0.463   1.00 24.29 ? 4   HIS P O    1 
ATOM   1224 C CB   . HIS B 2 5   ? -11.038 8.456   -1.583  1.00 23.51 ? 4   HIS P CB   1 
ATOM   1225 C CG   . HIS B 2 5   ? -10.140 7.802   -2.582  1.00 19.16 ? 4   HIS P CG   1 
ATOM   1226 N ND1  . HIS B 2 5   ? -9.276  6.782   -2.249  1.00 17.08 ? 4   HIS P ND1  1 
ATOM   1227 C CD2  . HIS B 2 5   ? -9.942  8.048   -3.900  1.00 17.78 ? 4   HIS P CD2  1 
ATOM   1228 C CE1  . HIS B 2 5   ? -8.581  6.431   -3.315  1.00 16.30 ? 4   HIS P CE1  1 
ATOM   1229 N NE2  . HIS B 2 5   ? -8.965  7.184   -4.327  1.00 16.75 ? 4   HIS P NE2  1 
ATOM   1230 H H    . HIS B 2 5   ? -13.134 8.432   0.473   1.00 15.00 ? 4   HIS P H    1 
ATOM   1231 H HD1  . HIS B 2 5   ? -9.092  6.472   -1.344  1.00 15.00 ? 4   HIS P HD1  1 
ATOM   1232 H HE2  . HIS B 2 5   ? -8.626  7.135   -5.257  1.00 15.00 ? 4   HIS P HE2  1 
ATOM   1233 N N    . PRO B 2 6   ? -12.175 5.272   -1.589  1.00 22.22 ? 5   PRO P N    1 
ATOM   1234 C CA   . PRO B 2 6   ? -11.982 3.911   -1.090  1.00 20.66 ? 5   PRO P CA   1 
ATOM   1235 C C    . PRO B 2 6   ? -10.758 3.692   -0.244  1.00 19.90 ? 5   PRO P C    1 
ATOM   1236 O O    . PRO B 2 6   ? -10.782 2.841   0.608   1.00 20.56 ? 5   PRO P O    1 
ATOM   1237 C CB   . PRO B 2 6   ? -11.967 3.059   -2.363  1.00 21.33 ? 5   PRO P CB   1 
ATOM   1238 C CG   . PRO B 2 6   ? -11.641 4.029   -3.450  1.00 22.87 ? 5   PRO P CG   1 
ATOM   1239 C CD   . PRO B 2 6   ? -12.406 5.249   -3.041  1.00 21.23 ? 5   PRO P CD   1 
ATOM   1240 N N    . GLN B 2 7   ? -9.698  4.475   -0.438  1.00 18.03 ? 6   GLN P N    1 
ATOM   1241 C CA   . GLN B 2 7   ? -8.485  4.301   0.376   1.00 18.00 ? 6   GLN P CA   1 
ATOM   1242 C C    . GLN B 2 7   ? -8.714  4.579   1.867   1.00 19.96 ? 6   GLN P C    1 
ATOM   1243 O O    . GLN B 2 7   ? -8.055  3.998   2.728   1.00 18.54 ? 6   GLN P O    1 
ATOM   1244 C CB   . GLN B 2 7   ? -7.359  5.225   -0.108  1.00 14.08 ? 6   GLN P CB   1 
ATOM   1245 C CG   . GLN B 2 7   ? -6.041  5.046   0.662   1.00 16.51 ? 6   GLN P CG   1 
ATOM   1246 C CD   . GLN B 2 7   ? -4.884  5.902   0.111   1.00 17.46 ? 6   GLN P CD   1 
ATOM   1247 O OE1  . GLN B 2 7   ? -3.909  6.212   0.818   1.00 21.16 ? 6   GLN P OE1  1 
ATOM   1248 N NE2  . GLN B 2 7   ? -5.003  6.303   -1.134  1.00 14.28 ? 6   GLN P NE2  1 
ATOM   1249 H H    . GLN B 2 7   ? -9.787  5.093   -1.165  1.00 15.00 ? 6   GLN P H    1 
ATOM   1250 H HE21 . GLN B 2 7   ? -4.259  6.855   -1.446  1.00 15.00 ? 6   GLN P HE21 1 
ATOM   1251 H HE22 . GLN B 2 7   ? -5.741  6.069   -1.714  1.00 15.00 ? 6   GLN P HE22 1 
ATOM   1252 N N    . PHE B 2 8   ? -9.685  5.438   2.154   1.00 23.88 ? 7   PHE P N    1 
ATOM   1253 C CA   . PHE B 2 8   ? -9.933  5.866   3.525   1.00 29.71 ? 7   PHE P CA   1 
ATOM   1254 C C    . PHE B 2 8   ? -11.265 5.475   4.114   1.00 35.42 ? 7   PHE P C    1 
ATOM   1255 O O    . PHE B 2 8   ? -11.627 5.922   5.203   1.00 37.88 ? 7   PHE P O    1 
ATOM   1256 C CB   . PHE B 2 8   ? -9.715  7.373   3.618   1.00 26.24 ? 7   PHE P CB   1 
ATOM   1257 C CG   . PHE B 2 8   ? -8.425  7.812   3.008   1.00 23.55 ? 7   PHE P CG   1 
ATOM   1258 C CD1  . PHE B 2 8   ? -7.227  7.636   3.692   1.00 23.07 ? 7   PHE P CD1  1 
ATOM   1259 C CD2  . PHE B 2 8   ? -8.400  8.336   1.718   1.00 24.01 ? 7   PHE P CD2  1 
ATOM   1260 C CE1  . PHE B 2 8   ? -6.017  7.976   3.101   1.00 22.87 ? 7   PHE P CE1  1 
ATOM   1261 C CE2  . PHE B 2 8   ? -7.196  8.675   1.121   1.00 23.18 ? 7   PHE P CE2  1 
ATOM   1262 C CZ   . PHE B 2 8   ? -6.004  8.492   1.818   1.00 22.59 ? 7   PHE P CZ   1 
ATOM   1263 H H    . PHE B 2 8   ? -10.275 5.795   1.466   1.00 15.00 ? 7   PHE P H    1 
ATOM   1264 N N    . GLU B 2 9   ? -12.018 4.694   3.359   1.00 40.40 ? 8   GLU P N    1 
ATOM   1265 C CA   . GLU B 2 9   ? -13.282 4.185   3.841   1.00 47.51 ? 8   GLU P CA   1 
ATOM   1266 C C    . GLU B 2 9   ? -12.891 2.853   4.496   1.00 52.07 ? 8   GLU P C    1 
ATOM   1267 O O    . GLU B 2 9   ? -13.738 2.122   5.008   1.00 54.01 ? 8   GLU P O    1 
ATOM   1268 C CB   . GLU B 2 9   ? -14.223 3.926   2.664   1.00 47.44 ? 8   GLU P CB   1 
ATOM   1269 C CG   . GLU B 2 9   ? -14.513 5.158   1.815   1.00 48.77 ? 8   GLU P CG   1 
ATOM   1270 C CD   . GLU B 2 9   ? -15.469 4.876   0.652   1.00 51.23 ? 8   GLU P CD   1 
ATOM   1271 O OE1  . GLU B 2 9   ? -15.955 3.724   0.524   1.00 51.11 ? 8   GLU P OE1  1 
ATOM   1272 O OE2  . GLU B 2 9   ? -15.737 5.815   -0.135  1.00 50.68 ? 8   GLU P OE2  1 
ATOM   1273 H H    . GLU B 2 9   ? -11.699 4.431   2.470   1.00 15.00 ? 8   GLU P H    1 
ATOM   1274 N N    . LYS B 2 10  ? -11.589 2.565   4.471   1.00 57.35 ? 9   LYS P N    1 
ATOM   1275 C CA   . LYS B 2 10  ? -11.020 1.328   4.986   1.00 61.81 ? 9   LYS P CA   1 
ATOM   1276 C C    . LYS B 2 10  ? -10.763 1.271   6.506   1.00 63.05 ? 9   LYS P C    1 
ATOM   1277 O O    . LYS B 2 10  ? -11.439 2.006   7.261   1.00 65.57 ? 9   LYS P O    1 
ATOM   1278 C CB   . LYS B 2 10  ? -9.740  1.001   4.208   1.00 62.96 ? 9   LYS P CB   1 
ATOM   1279 C CG   . LYS B 2 10  ? -9.784  1.156   2.689   1.00 65.99 ? 9   LYS P CG   1 
ATOM   1280 C CD   . LYS B 2 10  ? -10.933 0.383   2.047   1.00 68.49 ? 9   LYS P CD   1 
ATOM   1281 C CE   . LYS B 2 10  ? -10.736 0.132   0.562   1.00 69.49 ? 9   LYS P CE   1 
ATOM   1282 N NZ   . LYS B 2 10  ? -9.434  -0.515  0.291   1.00 71.17 ? 9   LYS P NZ   1 
ATOM   1283 O OXT  . LYS B 2 10  ? -9.923  0.453   6.945   1.00 61.32 ? 9   LYS P OXT  1 
ATOM   1284 H H    . LYS B 2 10  ? -10.924 3.170   4.108   1.00 15.00 ? 9   LYS P H    1 
ATOM   1285 H HZ1  . LYS B 2 10  ? -9.375  -1.410  0.811   1.00 15.00 ? 9   LYS P HZ1  1 
ATOM   1286 H HZ2  . LYS B 2 10  ? -9.356  -0.704  -0.731  1.00 15.00 ? 9   LYS P HZ2  1 
ATOM   1287 H HZ3  . LYS B 2 10  ? -8.687  0.137   0.596   1.00 15.00 ? 9   LYS P HZ3  1 
HETATM 1288 O O    . HOH C 3 .   ? -8.292  17.535  -3.001  0.5  41.90 ? 201 HOH B O    1 
HETATM 1289 O O    . HOH C 3 .   ? 3.797   -0.524  -8.397  0.5  11.81 ? 202 HOH B O    1 
HETATM 1290 O O    . HOH C 3 .   ? 2.026   -11.699 9.278   0.5  36.57 ? 203 HOH B O    1 
HETATM 1291 O O    . HOH C 3 .   ? -6.418  13.174  -5.613  1.00 22.25 ? 204 HOH B O    1 
HETATM 1292 H H1   . HOH C 3 .   ? -6.248  13.328  -6.544  1.00 0.00  ? 204 HOH B H1   1 
HETATM 1293 H H2   . HOH C 3 .   ? -7.381  13.228  -5.583  1.00 0.00  ? 204 HOH B H2   1 
HETATM 1294 O O    . HOH C 3 .   ? 4.182   -5.222  13.840  1.00 23.00 ? 205 HOH B O    1 
HETATM 1295 H H1   . HOH C 3 .   ? 4.925   -4.604  13.759  1.00 0.00  ? 205 HOH B H1   1 
HETATM 1296 H H2   . HOH C 3 .   ? 4.586   -5.997  14.275  1.00 0.00  ? 205 HOH B H2   1 
HETATM 1297 O O    . HOH C 3 .   ? -8.532  -4.002  -8.158  1.00 18.47 ? 206 HOH B O    1 
HETATM 1298 H H1   . HOH C 3 .   ? -8.617  -4.938  -8.411  1.00 0.00  ? 206 HOH B H1   1 
HETATM 1299 H H2   . HOH C 3 .   ? -9.384  -3.924  -7.711  1.00 0.00  ? 206 HOH B H2   1 
HETATM 1300 O O    . HOH C 3 .   ? -15.689 -0.720  -12.114 1.00 31.25 ? 207 HOH B O    1 
HETATM 1301 H H1   . HOH C 3 .   ? -15.979 -1.631  -12.154 1.00 0.00  ? 207 HOH B H1   1 
HETATM 1302 H H2   . HOH C 3 .   ? -16.436 -0.288  -11.668 1.00 0.00  ? 207 HOH B H2   1 
HETATM 1303 O O    . HOH C 3 .   ? 16.164  -4.540  6.058   1.00 25.63 ? 208 HOH B O    1 
HETATM 1304 H H1   . HOH C 3 .   ? 16.803  -3.862  6.355   1.00 0.00  ? 208 HOH B H1   1 
HETATM 1305 H H2   . HOH C 3 .   ? 16.758  -5.100  5.534   1.00 0.00  ? 208 HOH B H2   1 
HETATM 1306 O O    . HOH C 3 .   ? -11.254 17.656  -13.357 1.00 26.52 ? 209 HOH B O    1 
HETATM 1307 H H1   . HOH C 3 .   ? -11.693 16.811  -13.599 1.00 0.00  ? 209 HOH B H1   1 
HETATM 1308 H H2   . HOH C 3 .   ? -11.752 18.318  -13.863 1.00 0.00  ? 209 HOH B H2   1 
HETATM 1309 O O    . HOH C 3 .   ? -14.513 0.575   -2.335  1.00 30.81 ? 210 HOH B O    1 
HETATM 1310 H H1   . HOH C 3 .   ? -14.170 0.734   -1.450  1.00 0.00  ? 210 HOH B H1   1 
HETATM 1311 H H2   . HOH C 3 .   ? -14.482 -0.371  -2.505  1.00 0.00  ? 210 HOH B H2   1 
HETATM 1312 O O    . HOH C 3 .   ? -3.625  -9.719  -6.334  1.00 31.53 ? 211 HOH B O    1 
HETATM 1313 H H1   . HOH C 3 .   ? -4.543  -9.987  -6.536  1.00 0.00  ? 211 HOH B H1   1 
HETATM 1314 H H2   . HOH C 3 .   ? -3.142  -10.033 -7.097  1.00 0.00  ? 211 HOH B H2   1 
HETATM 1315 O O    . HOH C 3 .   ? 19.789  -4.510  7.569   1.00 34.50 ? 212 HOH B O    1 
HETATM 1316 H H1   . HOH C 3 .   ? 19.586  -4.873  6.687   1.00 0.00  ? 212 HOH B H1   1 
HETATM 1317 H H2   . HOH C 3 .   ? 19.020  -4.766  8.075   1.00 0.00  ? 212 HOH B H2   1 
HETATM 1318 O O    . HOH C 3 .   ? -1.488  11.016  6.028   1.00 29.07 ? 213 HOH B O    1 
HETATM 1319 H H1   . HOH C 3 .   ? -1.204  10.288  6.609   1.00 0.00  ? 213 HOH B H1   1 
HETATM 1320 H H2   . HOH C 3 .   ? -2.124  11.457  6.606   1.00 0.00  ? 213 HOH B H2   1 
HETATM 1321 O O    . HOH C 3 .   ? 4.922   -11.787 -5.216  1.00 29.41 ? 214 HOH B O    1 
HETATM 1322 H H1   . HOH C 3 .   ? 4.200   -12.412 -5.242  1.00 0.00  ? 214 HOH B H1   1 
HETATM 1323 H H2   . HOH C 3 .   ? 5.128   -11.627 -6.136  1.00 0.00  ? 214 HOH B H2   1 
HETATM 1324 O O    . HOH C 3 .   ? -13.742 -6.710  -8.089  1.00 33.61 ? 215 HOH B O    1 
HETATM 1325 H H1   . HOH C 3 .   ? -13.449 -7.609  -8.242  1.00 0.00  ? 215 HOH B H1   1 
HETATM 1326 H H2   . HOH C 3 .   ? -13.417 -6.594  -7.162  1.00 0.00  ? 215 HOH B H2   1 
HETATM 1327 O O    . HOH C 3 .   ? -7.909  15.426  -5.116  1.00 45.75 ? 216 HOH B O    1 
HETATM 1328 H H1   . HOH C 3 .   ? -7.330  15.742  -5.822  1.00 0.00  ? 216 HOH B H1   1 
HETATM 1329 H H2   . HOH C 3 .   ? -7.354  15.485  -4.339  1.00 0.00  ? 216 HOH B H2   1 
HETATM 1330 O O    . HOH C 3 .   ? -13.114 -6.814  -5.494  1.00 41.37 ? 217 HOH B O    1 
HETATM 1331 H H1   . HOH C 3 .   ? -12.740 -6.119  -4.932  1.00 0.00  ? 217 HOH B H1   1 
HETATM 1332 H H2   . HOH C 3 .   ? -13.576 -7.336  -4.835  1.00 0.00  ? 217 HOH B H2   1 
HETATM 1333 O O    . HOH C 3 .   ? 5.205   -10.583 7.740   1.00 41.06 ? 218 HOH B O    1 
HETATM 1334 H H1   . HOH C 3 .   ? 4.435   -11.129 7.869   1.00 0.00  ? 218 HOH B H1   1 
HETATM 1335 H H2   . HOH C 3 .   ? 5.404   -10.737 6.814   1.00 0.00  ? 218 HOH B H2   1 
HETATM 1336 O O    . HOH C 3 .   ? -3.173  8.673   5.642   1.00 52.17 ? 219 HOH B O    1 
HETATM 1337 H H1   . HOH C 3 .   ? -2.538  8.412   6.312   1.00 0.00  ? 219 HOH B H1   1 
HETATM 1338 H H2   . HOH C 3 .   ? -2.862  9.542   5.351   1.00 0.00  ? 219 HOH B H2   1 
HETATM 1339 O O    . HOH C 3 .   ? -7.507  -9.830  9.568   1.00 46.91 ? 220 HOH B O    1 
HETATM 1340 H H1   . HOH C 3 .   ? -7.295  -10.479 10.251  1.00 0.00  ? 220 HOH B H1   1 
HETATM 1341 H H2   . HOH C 3 .   ? -8.290  -10.217 9.160   1.00 0.00  ? 220 HOH B H2   1 
HETATM 1342 O O    . HOH C 3 .   ? 14.842  -4.572  8.688   1.00 40.70 ? 221 HOH B O    1 
HETATM 1343 H H1   . HOH C 3 .   ? 15.063  -4.438  7.750   1.00 0.00  ? 221 HOH B H1   1 
HETATM 1344 H H2   . HOH C 3 .   ? 14.976  -5.513  8.800   1.00 0.00  ? 221 HOH B H2   1 
HETATM 1345 O O    . HOH C 3 .   ? 5.217   7.043   7.899   1.00 33.26 ? 222 HOH B O    1 
HETATM 1346 H H1   . HOH C 3 .   ? 5.112   6.938   6.939   1.00 0.00  ? 222 HOH B H1   1 
HETATM 1347 H H2   . HOH C 3 .   ? 4.984   6.165   8.232   1.00 0.00  ? 222 HOH B H2   1 
HETATM 1348 O O    . HOH C 3 .   ? -0.270  -9.785  10.638  1.00 16.68 ? 223 HOH B O    1 
HETATM 1349 H H1   . HOH C 3 .   ? -0.055  -9.008  10.107  1.00 0.00  ? 223 HOH B H1   1 
HETATM 1350 H H2   . HOH C 3 .   ? -0.774  -9.414  11.358  1.00 0.00  ? 223 HOH B H2   1 
HETATM 1351 O O    . HOH C 3 .   ? -7.082  -12.088 -3.796  1.00 50.89 ? 224 HOH B O    1 
HETATM 1352 H H1   . HOH C 3 .   ? -6.173  -12.410 -3.826  1.00 0.00  ? 224 HOH B H1   1 
HETATM 1353 H H2   . HOH C 3 .   ? -7.123  -11.755 -2.893  1.00 0.00  ? 224 HOH B H2   1 
HETATM 1354 O O    . HOH C 3 .   ? -11.389 -6.904  -9.787  1.00 38.81 ? 225 HOH B O    1 
HETATM 1355 H H1   . HOH C 3 .   ? -12.303 -6.702  -10.034 1.00 0.00  ? 225 HOH B H1   1 
HETATM 1356 H H2   . HOH C 3 .   ? -11.313 -7.826  -10.050 1.00 0.00  ? 225 HOH B H2   1 
HETATM 1357 O O    . HOH C 3 .   ? 8.859   7.175   2.488   1.00 21.76 ? 226 HOH B O    1 
HETATM 1358 H H1   . HOH C 3 .   ? 8.980   8.093   2.194   1.00 0.00  ? 226 HOH B H1   1 
HETATM 1359 H H2   . HOH C 3 .   ? 8.457   6.717   1.740   1.00 0.00  ? 226 HOH B H2   1 
HETATM 1360 O O    . HOH C 3 .   ? -9.889  -6.301  -7.638  1.00 60.56 ? 227 HOH B O    1 
HETATM 1361 H H1   . HOH C 3 .   ? -9.780  -7.207  -7.320  1.00 0.00  ? 227 HOH B H1   1 
HETATM 1362 H H2   . HOH C 3 .   ? -10.501 -6.425  -8.396  1.00 0.00  ? 227 HOH B H2   1 
HETATM 1363 O O    . HOH C 3 .   ? -11.934 -4.868  -11.825 1.00 46.43 ? 228 HOH B O    1 
HETATM 1364 H H1   . HOH C 3 .   ? -11.456 -4.097  -12.152 1.00 0.00  ? 228 HOH B H1   1 
HETATM 1365 H H2   . HOH C 3 .   ? -11.184 -5.463  -11.645 1.00 0.00  ? 228 HOH B H2   1 
HETATM 1366 O O    . HOH C 3 .   ? 23.225  -6.735  -0.053  1.00 35.51 ? 229 HOH B O    1 
HETATM 1367 H H1   . HOH C 3 .   ? 22.526  -6.886  -0.697  1.00 0.00  ? 229 HOH B H1   1 
HETATM 1368 H H2   . HOH C 3 .   ? 23.728  -7.549  -0.094  1.00 0.00  ? 229 HOH B H2   1 
HETATM 1369 O O    . HOH C 3 .   ? -4.135  -11.787 -1.947  1.00 72.08 ? 230 HOH B O    1 
HETATM 1370 H H1   . HOH C 3 .   ? -3.591  -11.037 -2.198  1.00 0.00  ? 230 HOH B H1   1 
HETATM 1371 H H2   . HOH C 3 .   ? -3.722  -12.086 -1.133  1.00 0.00  ? 230 HOH B H2   1 
HETATM 1372 O O    . HOH C 3 .   ? -4.014  4.767   3.501   1.00 28.59 ? 231 HOH B O    1 
HETATM 1373 H H1   . HOH C 3 .   ? -4.599  3.977   3.423   1.00 0.00  ? 231 HOH B H1   1 
HETATM 1374 H H2   . HOH C 3 .   ? -3.963  5.080   2.587   1.00 0.00  ? 231 HOH B H2   1 
HETATM 1375 O O    . HOH C 3 .   ? -15.305 -10.133 -5.854  1.00 48.99 ? 232 HOH B O    1 
HETATM 1376 H H1   . HOH C 3 .   ? -15.078 -9.276  -5.497  1.00 0.00  ? 232 HOH B H1   1 
HETATM 1377 H H2   . HOH C 3 .   ? -15.671 -9.934  -6.734  1.00 0.00  ? 232 HOH B H2   1 
HETATM 1378 O O    . HOH C 3 .   ? -8.380  7.845   -14.261 1.00 15.02 ? 233 HOH B O    1 
HETATM 1379 H H1   . HOH C 3 .   ? -8.978  8.598   -14.135 1.00 0.00  ? 233 HOH B H1   1 
HETATM 1380 H H2   . HOH C 3 .   ? -8.422  7.340   -13.450 1.00 0.00  ? 233 HOH B H2   1 
HETATM 1381 O O    . HOH C 3 .   ? -7.892  -0.656  -13.567 1.00 19.43 ? 234 HOH B O    1 
HETATM 1382 H H1   . HOH C 3 .   ? -6.945  -0.452  -13.525 1.00 0.00  ? 234 HOH B H1   1 
HETATM 1383 H H2   . HOH C 3 .   ? -7.959  -1.235  -12.774 1.00 0.00  ? 234 HOH B H2   1 
HETATM 1384 O O    . HOH C 3 .   ? -2.769  14.006  4.909   1.00 42.34 ? 235 HOH B O    1 
HETATM 1385 H H1   . HOH C 3 .   ? -2.348  13.243  5.299   1.00 0.00  ? 235 HOH B H1   1 
HETATM 1386 H H2   . HOH C 3 .   ? -2.022  14.508  4.549   1.00 0.00  ? 235 HOH B H2   1 
HETATM 1387 O O    . HOH C 3 .   ? -5.374  -1.922  -8.830  1.00 13.11 ? 236 HOH B O    1 
HETATM 1388 H H1   . HOH C 3 .   ? -6.029  -1.713  -8.145  1.00 0.00  ? 236 HOH B H1   1 
HETATM 1389 H H2   . HOH C 3 .   ? -4.709  -2.343  -8.253  1.00 0.00  ? 236 HOH B H2   1 
HETATM 1390 O O    . HOH C 3 .   ? -19.564 -6.638  -9.541  1.00 26.07 ? 237 HOH B O    1 
HETATM 1391 H H1   . HOH C 3 .   ? -19.585 -6.792  -10.502 1.00 0.00  ? 237 HOH B H1   1 
HETATM 1392 H H2   . HOH C 3 .   ? -19.011 -7.368  -9.240  1.00 0.00  ? 237 HOH B H2   1 
HETATM 1393 O O    . HOH C 3 .   ? -1.882  16.345  -15.738 1.00 38.83 ? 238 HOH B O    1 
HETATM 1394 H H1   . HOH C 3 .   ? -2.126  17.099  -16.292 1.00 0.00  ? 238 HOH B H1   1 
HETATM 1395 H H2   . HOH C 3 .   ? -1.343  16.738  -15.043 1.00 0.00  ? 238 HOH B H2   1 
HETATM 1396 O O    . HOH C 3 .   ? -7.697  -2.014  -11.020 1.00 27.11 ? 239 HOH B O    1 
HETATM 1397 H H1   . HOH C 3 .   ? -6.830  -2.045  -10.583 1.00 0.00  ? 239 HOH B H1   1 
HETATM 1398 H H2   . HOH C 3 .   ? -8.274  -2.141  -10.245 1.00 0.00  ? 239 HOH B H2   1 
HETATM 1399 O O    . HOH C 3 .   ? -11.671 11.298  -13.989 1.00 25.32 ? 240 HOH B O    1 
HETATM 1400 H H1   . HOH C 3 .   ? -11.283 12.092  -13.598 1.00 0.00  ? 240 HOH B H1   1 
HETATM 1401 H H2   . HOH C 3 .   ? -12.628 11.458  -13.845 1.00 0.00  ? 240 HOH B H2   1 
HETATM 1402 O O    . HOH C 3 .   ? 11.239  5.954   5.563   1.00 40.18 ? 241 HOH B O    1 
HETATM 1403 H H1   . HOH C 3 .   ? 11.748  6.728   5.263   1.00 0.00  ? 241 HOH B H1   1 
HETATM 1404 H H2   . HOH C 3 .   ? 10.833  5.646   4.746   1.00 0.00  ? 241 HOH B H2   1 
HETATM 1405 O O    . HOH C 3 .   ? 15.146  -7.920  -10.527 1.00 54.87 ? 242 HOH B O    1 
HETATM 1406 H H1   . HOH C 3 .   ? 15.342  -7.034  -10.842 1.00 0.00  ? 242 HOH B H1   1 
HETATM 1407 H H2   . HOH C 3 .   ? 14.688  -7.724  -9.695  1.00 0.00  ? 242 HOH B H2   1 
HETATM 1408 O O    . HOH C 3 .   ? -9.220  4.167   -10.988 1.00 14.85 ? 243 HOH B O    1 
HETATM 1409 H H1   . HOH C 3 .   ? -10.088 3.773   -10.818 1.00 0.00  ? 243 HOH B H1   1 
HETATM 1410 H H2   . HOH C 3 .   ? -8.710  3.426   -11.330 1.00 0.00  ? 243 HOH B H2   1 
HETATM 1411 O O    . HOH C 3 .   ? -3.606  14.856  2.358   1.00 17.77 ? 244 HOH B O    1 
HETATM 1412 H H1   . HOH C 3 .   ? -2.733  14.567  2.053   1.00 0.00  ? 244 HOH B H1   1 
HETATM 1413 H H2   . HOH C 3 .   ? -3.693  14.324  3.167   1.00 0.00  ? 244 HOH B H2   1 
HETATM 1414 O O    . HOH C 3 .   ? -10.487 9.400   -15.505 1.00 20.36 ? 245 HOH B O    1 
HETATM 1415 H H1   . HOH C 3 .   ? -10.802 10.213  -15.053 1.00 0.00  ? 245 HOH B H1   1 
HETATM 1416 H H2   . HOH C 3 .   ? -9.744  9.741   -16.040 1.00 0.00  ? 245 HOH B H2   1 
HETATM 1417 O O    . HOH C 3 .   ? -6.438  -7.073  1.410   1.00 28.55 ? 246 HOH B O    1 
HETATM 1418 H H1   . HOH C 3 .   ? -5.875  -6.347  1.130   1.00 0.00  ? 246 HOH B H1   1 
HETATM 1419 H H2   . HOH C 3 .   ? -6.983  -7.272  0.637   1.00 0.00  ? 246 HOH B H2   1 
HETATM 1420 O O    . HOH C 3 .   ? -1.102  -6.118  -11.839 1.00 28.01 ? 247 HOH B O    1 
HETATM 1421 H H1   . HOH C 3 .   ? -0.210  -5.910  -12.165 1.00 0.00  ? 247 HOH B H1   1 
HETATM 1422 H H2   . HOH C 3 .   ? -1.098  -7.068  -11.748 1.00 0.00  ? 247 HOH B H2   1 
HETATM 1423 O O    . HOH C 3 .   ? 7.807   -14.902 0.854   1.00 41.25 ? 248 HOH B O    1 
HETATM 1424 H H1   . HOH C 3 .   ? 7.669   -15.718 1.347   1.00 0.00  ? 248 HOH B H1   1 
HETATM 1425 H H2   . HOH C 3 .   ? 6.914   -14.518 0.841   1.00 0.00  ? 248 HOH B H2   1 
HETATM 1426 O O    . HOH C 3 .   ? -4.698  16.420  -16.761 1.00 46.29 ? 249 HOH B O    1 
HETATM 1427 H H1   . HOH C 3 .   ? -4.047  16.012  -16.178 1.00 0.00  ? 249 HOH B H1   1 
HETATM 1428 H H2   . HOH C 3 .   ? -5.480  15.868  -16.638 1.00 0.00  ? 249 HOH B H2   1 
HETATM 1429 O O    . HOH C 3 .   ? -6.215  3.524   4.696   1.00 38.35 ? 250 HOH B O    1 
HETATM 1430 H H1   . HOH C 3 .   ? -6.864  2.998   5.168   1.00 0.00  ? 250 HOH B H1   1 
HETATM 1431 H H2   . HOH C 3 .   ? -6.073  4.311   5.230   1.00 0.00  ? 250 HOH B H2   1 
HETATM 1432 O O    . HOH C 3 .   ? -8.924  21.619  -19.332 1.00 46.11 ? 251 HOH B O    1 
HETATM 1433 H H1   . HOH C 3 .   ? -8.791  22.265  -20.039 1.00 0.00  ? 251 HOH B H1   1 
HETATM 1434 H H2   . HOH C 3 .   ? -9.665  21.997  -18.844 1.00 0.00  ? 251 HOH B H2   1 
HETATM 1435 O O    . HOH C 3 .   ? 1.678   -5.676  -13.103 1.00 38.08 ? 252 HOH B O    1 
HETATM 1436 H H1   . HOH C 3 .   ? 1.865   -5.965  -13.998 1.00 0.00  ? 252 HOH B H1   1 
HETATM 1437 H H2   . HOH C 3 .   ? 2.558   -5.676  -12.701 1.00 0.00  ? 252 HOH B H2   1 
HETATM 1438 O O    . HOH C 3 .   ? -2.652  -9.231  13.343  1.00 46.02 ? 253 HOH B O    1 
HETATM 1439 H H1   . HOH C 3 .   ? -3.049  -9.930  12.806  1.00 0.00  ? 253 HOH B H1   1 
HETATM 1440 H H2   . HOH C 3 .   ? -1.980  -8.921  12.751  1.00 0.00  ? 253 HOH B H2   1 
HETATM 1441 O O    . HOH C 3 .   ? 13.078  -9.436  8.821   1.00 40.25 ? 254 HOH B O    1 
HETATM 1442 H H1   . HOH C 3 .   ? 12.552  -9.407  8.019   1.00 0.00  ? 254 HOH B H1   1 
HETATM 1443 H H2   . HOH C 3 .   ? 12.401  -9.223  9.469   1.00 0.00  ? 254 HOH B H2   1 
HETATM 1444 O O    . HOH C 3 .   ? -16.257 6.364   -7.253  1.00 42.59 ? 255 HOH B O    1 
HETATM 1445 H H1   . HOH C 3 .   ? -17.030 6.396   -6.692  1.00 0.00  ? 255 HOH B H1   1 
HETATM 1446 H H2   . HOH C 3 .   ? -15.688 7.058   -6.908  1.00 0.00  ? 255 HOH B H2   1 
HETATM 1447 O O    . HOH C 3 .   ? -9.396  -6.979  8.568   1.00 49.71 ? 256 HOH B O    1 
HETATM 1448 H H1   . HOH C 3 .   ? -8.843  -6.337  8.103   1.00 0.00  ? 256 HOH B H1   1 
HETATM 1449 H H2   . HOH C 3 .   ? -8.848  -7.286  9.289   1.00 0.00  ? 256 HOH B H2   1 
HETATM 1450 O O    . HOH C 3 .   ? -0.557  -12.327 -2.039  1.00 50.40 ? 257 HOH B O    1 
HETATM 1451 H H1   . HOH C 3 .   ? 0.131   -12.737 -2.585  1.00 0.00  ? 257 HOH B H1   1 
HETATM 1452 H H2   . HOH C 3 .   ? -1.199  -13.045 -2.005  1.00 0.00  ? 257 HOH B H2   1 
HETATM 1453 O O    . HOH C 3 .   ? 2.390   7.664   9.502   1.00 36.69 ? 258 HOH B O    1 
HETATM 1454 H H1   . HOH C 3 .   ? 3.150   7.642   10.100  1.00 0.00  ? 258 HOH B H1   1 
HETATM 1455 H H2   . HOH C 3 .   ? 2.323   6.702   9.370   1.00 0.00  ? 258 HOH B H2   1 
HETATM 1456 O O    . HOH C 3 .   ? -8.863  18.874  -20.124 1.00 58.08 ? 259 HOH B O    1 
HETATM 1457 H H1   . HOH C 3 .   ? -8.290  18.626  -20.853 1.00 0.00  ? 259 HOH B H1   1 
HETATM 1458 H H2   . HOH C 3 .   ? -8.937  19.838  -20.161 1.00 0.00  ? 259 HOH B H2   1 
HETATM 1459 O O    . HOH C 3 .   ? -18.655 -1.062  -11.276 1.00 47.43 ? 260 HOH B O    1 
HETATM 1460 H H1   . HOH C 3 .   ? -18.702 -1.685  -10.544 1.00 0.00  ? 260 HOH B H1   1 
HETATM 1461 H H2   . HOH C 3 .   ? -18.897 -1.625  -12.018 1.00 0.00  ? 260 HOH B H2   1 
HETATM 1462 O O    . HOH C 3 .   ? -6.201  -10.626 -6.857  1.00 51.09 ? 261 HOH B O    1 
HETATM 1463 H H1   . HOH C 3 .   ? -6.714  -11.253 -7.374  1.00 0.00  ? 261 HOH B H1   1 
HETATM 1464 H H2   . HOH C 3 .   ? -6.640  -10.668 -5.996  1.00 0.00  ? 261 HOH B H2   1 
HETATM 1465 O O    . HOH C 3 .   ? -15.446 -9.363  -8.453  1.00 56.00 ? 262 HOH B O    1 
HETATM 1466 H H1   . HOH C 3 .   ? -15.295 -8.963  -9.326  1.00 0.00  ? 262 HOH B H1   1 
HETATM 1467 H H2   . HOH C 3 .   ? -14.632 -9.863  -8.329  1.00 0.00  ? 262 HOH B H2   1 
HETATM 1468 O O    . HOH C 3 .   ? 14.407  -8.052  1.238   1.00 35.74 ? 263 HOH B O    1 
HETATM 1469 H H1   . HOH C 3 .   ? 14.308  -7.126  1.002   1.00 0.00  ? 263 HOH B H1   1 
HETATM 1470 H H2   . HOH C 3 .   ? 14.347  -8.049  2.208   1.00 0.00  ? 263 HOH B H2   1 
HETATM 1471 O O    . HOH C 3 .   ? -12.355 15.284  -13.481 1.00 53.31 ? 264 HOH B O    1 
HETATM 1472 H H1   . HOH C 3 .   ? -12.210 14.930  -12.595 1.00 0.00  ? 264 HOH B H1   1 
HETATM 1473 H H2   . HOH C 3 .   ? -13.312 15.416  -13.498 1.00 0.00  ? 264 HOH B H2   1 
HETATM 1474 O O    . HOH C 3 .   ? 8.561   6.957   5.104   1.00 48.22 ? 265 HOH B O    1 
HETATM 1475 H H1   . HOH C 3 .   ? 9.457   7.217   5.356   1.00 0.00  ? 265 HOH B H1   1 
HETATM 1476 H H2   . HOH C 3 .   ? 8.647   6.995   4.122   1.00 0.00  ? 265 HOH B H2   1 
HETATM 1477 O O    . HOH C 3 .   ? -11.646 10.016  -6.233  1.00 57.36 ? 266 HOH B O    1 
HETATM 1478 H H1   . HOH C 3 .   ? -11.895 9.733   -7.125  1.00 0.00  ? 266 HOH B H1   1 
HETATM 1479 H H2   . HOH C 3 .   ? -11.631 10.977  -6.303  1.00 0.00  ? 266 HOH B H2   1 
HETATM 1480 O O    . HOH C 3 .   ? -9.716  24.713  -11.688 1.00 57.40 ? 267 HOH B O    1 
HETATM 1481 H H1   . HOH C 3 .   ? -10.632 24.939  -11.494 1.00 0.00  ? 267 HOH B H1   1 
HETATM 1482 H H2   . HOH C 3 .   ? -9.587  25.037  -12.586 1.00 0.00  ? 267 HOH B H2   1 
HETATM 1483 O O    . HOH C 3 .   ? -16.537 -1.497  1.325   1.00 60.10 ? 270 HOH B O    1 
HETATM 1484 H H1   . HOH C 3 .   ? -16.569 -0.594  1.014   1.00 0.00  ? 270 HOH B H1   1 
HETATM 1485 H H2   . HOH C 3 .   ? -15.878 -1.453  2.042   1.00 0.00  ? 270 HOH B H2   1 
HETATM 1486 O O    . HOH C 3 .   ? -1.394  4.796   9.021   1.00 29.96 ? 272 HOH B O    1 
HETATM 1487 H H1   . HOH C 3 .   ? -0.930  5.112   9.805   1.00 0.00  ? 272 HOH B H1   1 
HETATM 1488 H H2   . HOH C 3 .   ? -1.757  5.598   8.642   1.00 0.00  ? 272 HOH B H2   1 
HETATM 1489 O O    . HOH C 3 .   ? -11.441 11.201  -10.942 1.00 61.52 ? 273 HOH B O    1 
HETATM 1490 H H1   . HOH C 3 .   ? -10.735 10.651  -10.586 1.00 0.00  ? 273 HOH B H1   1 
HETATM 1491 H H2   . HOH C 3 .   ? -10.952 11.818  -11.500 1.00 0.00  ? 273 HOH B H2   1 
HETATM 1492 O O    . HOH C 3 .   ? 5.381   0.918   14.853  1.00 57.61 ? 274 HOH B O    1 
HETATM 1493 H H1   . HOH C 3 .   ? 4.852   0.467   14.193  1.00 0.00  ? 274 HOH B H1   1 
HETATM 1494 H H2   . HOH C 3 .   ? 5.162   1.847   14.744  1.00 0.00  ? 274 HOH B H2   1 
HETATM 1495 O O    . HOH C 3 .   ? 6.877   3.948   12.894  1.00 45.43 ? 276 HOH B O    1 
HETATM 1496 H H1   . HOH C 3 .   ? 7.018   3.759   11.955  1.00 0.00  ? 276 HOH B H1   1 
HETATM 1497 H H2   . HOH C 3 .   ? 7.549   3.430   13.334  1.00 0.00  ? 276 HOH B H2   1 
HETATM 1498 O O    . HOH C 3 .   ? 23.411  0.820   2.535   1.00 63.10 ? 277 HOH B O    1 
HETATM 1499 H H1   . HOH C 3 .   ? 24.359  0.631   2.490   1.00 0.00  ? 277 HOH B H1   1 
HETATM 1500 H H2   . HOH C 3 .   ? 23.256  1.364   1.754   1.00 0.00  ? 277 HOH B H2   1 
HETATM 1501 O O    . HOH C 3 .   ? 5.890   -10.015 13.862  1.00 52.82 ? 278 HOH B O    1 
HETATM 1502 H H1   . HOH C 3 .   ? 5.433   -10.841 13.618  1.00 0.00  ? 278 HOH B H1   1 
HETATM 1503 H H2   . HOH C 3 .   ? 6.678   -10.095 13.330  1.00 0.00  ? 278 HOH B H2   1 
HETATM 1504 O O    . HOH C 3 .   ? -5.462  -1.878  10.105  1.00 49.64 ? 279 HOH B O    1 
HETATM 1505 H H1   . HOH C 3 .   ? -6.129  -2.474  10.455  1.00 0.00  ? 279 HOH B H1   1 
HETATM 1506 H H2   . HOH C 3 .   ? -5.460  -2.065  9.159   1.00 0.00  ? 279 HOH B H2   1 
HETATM 1507 O O    . HOH C 3 .   ? -20.950 -2.685  -12.909 1.00 36.65 ? 281 HOH B O    1 
HETATM 1508 H H1   . HOH C 3 .   ? -20.981 -2.604  -13.867 1.00 0.00  ? 281 HOH B H1   1 
HETATM 1509 H H2   . HOH C 3 .   ? -20.972 -1.741  -12.664 1.00 0.00  ? 281 HOH B H2   1 
HETATM 1510 O O    . HOH C 3 .   ? -18.778 -9.861  -9.429  1.00 57.76 ? 282 HOH B O    1 
HETATM 1511 H H1   . HOH C 3 .   ? -18.183 -10.032 -10.162 1.00 0.00  ? 282 HOH B H1   1 
HETATM 1512 H H2   . HOH C 3 .   ? -18.170 -9.780  -8.683  1.00 0.00  ? 282 HOH B H2   1 
HETATM 1513 O O    . HOH C 3 .   ? -9.084  -4.384  10.248  1.00 49.13 ? 283 HOH B O    1 
HETATM 1514 H H1   . HOH C 3 .   ? -9.819  -4.975  10.032  1.00 0.00  ? 283 HOH B H1   1 
HETATM 1515 H H2   . HOH C 3 .   ? -9.048  -3.823  9.459   1.00 0.00  ? 283 HOH B H2   1 
HETATM 1516 O O    . HOH C 3 .   ? -1.318  -12.258 -4.768  1.00 71.86 ? 284 HOH B O    1 
HETATM 1517 H H1   . HOH C 3 .   ? -1.215  -11.701 -3.986  1.00 0.00  ? 284 HOH B H1   1 
HETATM 1518 H H2   . HOH C 3 .   ? -1.751  -11.665 -5.393  1.00 0.00  ? 284 HOH B H2   1 
HETATM 1519 O O    . HOH C 3 .   ? 13.833  -7.570  4.146   1.00 30.44 ? 285 HOH B O    1 
HETATM 1520 H H1   . HOH C 3 .   ? 13.504  -7.567  5.046   1.00 0.00  ? 285 HOH B H1   1 
HETATM 1521 H H2   . HOH C 3 .   ? 14.127  -6.661  4.016   1.00 0.00  ? 285 HOH B H2   1 
HETATM 1522 O O    . HOH C 3 .   ? -10.725 17.583  -10.772 1.00 57.85 ? 286 HOH B O    1 
HETATM 1523 H H1   . HOH C 3 .   ? -9.831  17.918  -10.788 1.00 0.00  ? 286 HOH B H1   1 
HETATM 1524 H H2   . HOH C 3 .   ? -11.013 17.685  -11.701 1.00 0.00  ? 286 HOH B H2   1 
HETATM 1525 O O    . HOH C 3 .   ? -4.415  -9.684  -10.606 1.00 50.88 ? 287 HOH B O    1 
HETATM 1526 H H1   . HOH C 3 .   ? -4.901  -9.991  -11.375 1.00 0.00  ? 287 HOH B H1   1 
HETATM 1527 H H2   . HOH C 3 .   ? -5.104  -9.371  -10.017 1.00 0.00  ? 287 HOH B H2   1 
HETATM 1528 O O    . HOH C 3 .   ? -0.463  0.765   12.448  1.00 41.43 ? 288 HOH B O    1 
HETATM 1529 H H1   . HOH C 3 .   ? -0.888  0.810   11.589  1.00 0.00  ? 288 HOH B H1   1 
HETATM 1530 H H2   . HOH C 3 .   ? -0.830  -0.046  12.823  1.00 0.00  ? 288 HOH B H2   1 
HETATM 1531 O O    . HOH C 3 .   ? 4.114   11.781  3.863   1.00 37.50 ? 289 HOH B O    1 
HETATM 1532 H H1   . HOH C 3 .   ? 4.817   11.434  4.415   1.00 0.00  ? 289 HOH B H1   1 
HETATM 1533 H H2   . HOH C 3 .   ? 3.857   11.065  3.270   1.00 0.00  ? 289 HOH B H2   1 
HETATM 1534 O O    . HOH C 3 .   ? 9.118   -9.401  10.521  1.00 42.55 ? 290 HOH B O    1 
HETATM 1535 H H1   . HOH C 3 .   ? 9.190   -9.199  11.454  1.00 0.00  ? 290 HOH B H1   1 
HETATM 1536 H H2   . HOH C 3 .   ? 8.676   -10.253 10.488  1.00 0.00  ? 290 HOH B H2   1 
HETATM 1537 O O    . HOH C 3 .   ? 20.068  -9.259  2.196   1.00 51.27 ? 291 HOH B O    1 
HETATM 1538 H H1   . HOH C 3 .   ? 20.529  -8.412  2.138   1.00 0.00  ? 291 HOH B H1   1 
HETATM 1539 H H2   . HOH C 3 .   ? 20.257  -9.552  3.083   1.00 0.00  ? 291 HOH B H2   1 
HETATM 1540 O O    . HOH C 3 .   ? -15.380 -0.547  3.840   1.00 46.59 ? 292 HOH B O    1 
HETATM 1541 H H1   . HOH C 3 .   ? -16.177 -1.068  3.980   1.00 0.00  ? 292 HOH B H1   1 
HETATM 1542 H H2   . HOH C 3 .   ? -15.590 0.300   4.259   1.00 0.00  ? 292 HOH B H2   1 
HETATM 1543 O O    . HOH C 3 .   ? -13.767 -0.614  6.200   1.00 45.55 ? 293 HOH B O    1 
HETATM 1544 H H1   . HOH C 3 .   ? -13.432 0.284   6.414   1.00 0.00  ? 293 HOH B H1   1 
HETATM 1545 H H2   . HOH C 3 .   ? -14.260 -0.440  5.383   1.00 0.00  ? 293 HOH B H2   1 
HETATM 1546 O O    . HOH C 3 .   ? 5.009   -7.330  15.403  1.00 45.99 ? 294 HOH B O    1 
HETATM 1547 H H1   . HOH C 3 .   ? 5.050   -8.276  15.181  1.00 0.00  ? 294 HOH B H1   1 
HETATM 1548 H H2   . HOH C 3 .   ? 5.582   -7.289  16.178  1.00 0.00  ? 294 HOH B H2   1 
HETATM 1549 O O    . HOH C 3 .   ? 0.421   14.826  8.322   1.00 44.79 ? 295 HOH B O    1 
HETATM 1550 H H1   . HOH C 3 .   ? 0.132   15.708  7.980   1.00 0.00  ? 295 HOH B H1   1 
HETATM 1551 H H2   . HOH C 3 .   ? 0.326   14.966  9.277   1.00 0.00  ? 295 HOH B H2   1 
HETATM 1552 O O    . HOH C 3 .   ? -0.915  -8.646  -9.081  1.00 64.93 ? 296 HOH B O    1 
HETATM 1553 H H1   . HOH C 3 .   ? -1.541  -9.304  -9.385  1.00 0.00  ? 296 HOH B H1   1 
HETATM 1554 H H2   . HOH C 3 .   ? -1.409  -7.826  -9.154  1.00 0.00  ? 296 HOH B H2   1 
HETATM 1555 O O    . HOH C 3 .   ? 13.543  -13.250 3.949   1.00 56.66 ? 297 HOH B O    1 
HETATM 1556 H H1   . HOH C 3 .   ? 14.283  -12.812 4.380   1.00 0.00  ? 297 HOH B H1   1 
HETATM 1557 H H2   . HOH C 3 .   ? 13.949  -14.020 3.537   1.00 0.00  ? 297 HOH B H2   1 
HETATM 1558 O O    . HOH C 3 .   ? -0.792  19.097  -16.638 1.00 68.69 ? 298 HOH B O    1 
HETATM 1559 H H1   . HOH C 3 .   ? -0.658  19.832  -17.242 1.00 0.00  ? 298 HOH B H1   1 
HETATM 1560 H H2   . HOH C 3 .   ? -1.549  19.384  -16.119 1.00 0.00  ? 298 HOH B H2   1 
HETATM 1561 O O    . HOH C 3 .   ? -1.012  9.438   8.755   1.00 70.15 ? 299 HOH B O    1 
HETATM 1562 H H1   . HOH C 3 .   ? -0.726  8.544   8.540   1.00 0.00  ? 299 HOH B H1   1 
HETATM 1563 H H2   . HOH C 3 .   ? -1.542  9.307   9.550   1.00 0.00  ? 299 HOH B H2   1 
HETATM 1564 O O    . HOH C 3 .   ? -13.873 -2.059  -17.224 1.00 79.71 ? 300 HOH B O    1 
HETATM 1565 H H1   . HOH C 3 .   ? -13.575 -1.652  -18.038 1.00 0.00  ? 300 HOH B H1   1 
HETATM 1566 H H2   . HOH C 3 .   ? -13.077 -2.454  -16.862 1.00 0.00  ? 300 HOH B H2   1 
HETATM 1567 O O    . HOH C 3 .   ? -8.848  -8.866  -5.661  1.00 63.23 ? 301 HOH B O    1 
HETATM 1568 H H1   . HOH C 3 .   ? -8.561  -9.672  -5.223  1.00 0.00  ? 301 HOH B H1   1 
HETATM 1569 H H2   . HOH C 3 .   ? -8.734  -8.202  -4.980  1.00 0.00  ? 301 HOH B H2   1 
HETATM 1570 O O    . HOH C 3 .   ? -4.499  6.221   6.016   1.00 81.92 ? 302 HOH B O    1 
HETATM 1571 H H1   . HOH C 3 .   ? -4.359  7.145   5.746   1.00 0.00  ? 302 HOH B H1   1 
HETATM 1572 H H2   . HOH C 3 .   ? -4.279  5.754   5.181   1.00 0.00  ? 302 HOH B H2   1 
HETATM 1573 O O    . HOH C 3 .   ? 18.399  -6.582  6.082   1.00 77.68 ? 303 HOH B O    1 
HETATM 1574 H H1   . HOH C 3 .   ? 18.535  -7.519  5.918   1.00 0.00  ? 303 HOH B H1   1 
HETATM 1575 H H2   . HOH C 3 .   ? 17.812  -6.579  6.841   1.00 0.00  ? 303 HOH B H2   1 
HETATM 1576 O O    . HOH C 3 .   ? -14.847 18.247  -13.565 1.00 59.87 ? 304 HOH B O    1 
HETATM 1577 H H1   . HOH C 3 .   ? -14.288 18.422  -14.328 1.00 0.00  ? 304 HOH B H1   1 
HETATM 1578 H H2   . HOH C 3 .   ? -14.522 18.880  -12.917 1.00 0.00  ? 304 HOH B H2   1 
HETATM 1579 O O    . HOH D 3 .   ? -13.353 8.331   2.425   1.00 35.73 ? 268 HOH P O    1 
HETATM 1580 H H1   . HOH D 3 .   ? -13.516 7.431   2.715   1.00 0.00  ? 268 HOH P H1   1 
HETATM 1581 H H2   . HOH D 3 .   ? -13.088 8.766   3.250   1.00 0.00  ? 268 HOH P H2   1 
HETATM 1582 O O    . HOH D 3 .   ? -13.162 4.022   8.750   1.00 51.44 ? 269 HOH P O    1 
HETATM 1583 H H1   . HOH D 3 .   ? -12.947 3.406   8.026   1.00 0.00  ? 269 HOH P H1   1 
HETATM 1584 H H2   . HOH D 3 .   ? -12.314 3.989   9.200   1.00 0.00  ? 269 HOH P H2   1 
HETATM 1585 O O    . HOH D 3 .   ? -14.043 1.538   0.434   1.00 46.71 ? 271 HOH P O    1 
HETATM 1586 H H1   . HOH D 3 .   ? -14.941 1.536   0.757   1.00 0.00  ? 271 HOH P H1   1 
HETATM 1587 H H2   . HOH D 3 .   ? -13.600 0.823   0.894   1.00 0.00  ? 271 HOH P H2   1 
HETATM 1588 O O    . HOH D 3 .   ? -16.339 5.962   5.508   1.00 60.47 ? 275 HOH P O    1 
HETATM 1589 H H1   . HOH D 3 .   ? -15.490 6.018   5.956   1.00 0.00  ? 275 HOH P H1   1 
HETATM 1590 H H2   . HOH D 3 .   ? -16.648 5.090   5.769   1.00 0.00  ? 275 HOH P H2   1 
HETATM 1591 O O    . HOH D 3 .   ? -14.031 8.853   -5.297  1.00 61.67 ? 280 HOH P O    1 
HETATM 1592 H H1   . HOH D 3 .   ? -13.152 9.207   -5.517  1.00 0.00  ? 280 HOH P H1   1 
HETATM 1593 H H2   . HOH D 3 .   ? -14.200 9.221   -4.423  1.00 0.00  ? 280 HOH P H2   1 
HETATM 1594 O O    . HOH D 3 .   ? -16.306 2.595   7.429   1.00 59.93 ? 305 HOH P O    1 
HETATM 1595 H H1   . HOH D 3 .   ? -17.251 2.629   7.559   1.00 0.00  ? 305 HOH P H1   1 
HETATM 1596 H H2   . HOH D 3 .   ? -15.930 2.710   8.309   1.00 0.00  ? 305 HOH P H2   1 
# 
